data_5TR1
#
_entry.id   5TR1
#
_cell.length_a   1.0
_cell.length_b   1.0
_cell.length_c   1.0
_cell.angle_alpha   90.0
_cell.angle_beta   90.0
_cell.angle_gamma   90.0
#
_symmetry.space_group_name_H-M   'P 1'
#
loop_
_entity.id
_entity.type
_entity.pdbx_description
1 polymer 'Chloride channel protein'
2 polymer 'Monoclonal antibody, Fab fragment, heavy chain'
3 polymer 'Monoclonal antibody, Fab fragment, light chain'
4 non-polymer 'CHOLESTEROL HEMISUCCINATE'
#
loop_
_entity_poly.entity_id
_entity_poly.type
_entity_poly.pdbx_seq_one_letter_code
_entity_poly.pdbx_strand_id
1 'polypeptide(L)'
;MRVRRGIRGGLDWLKRKLFCVGEDWYFLTVLGVLMALISFTMSFTVGRVVRAHKWLYREIGDSHLLRYLSWTVYPVALVS
FSSGFSQSITPFSGGSGIPELKTILSGVVLEDYLDIKNFGAKAVGLTCTLASGSTIFLGKVGPFVHLSVMIAAYLGRVRA
KATGESENKSKRNEMLVAGAAVGVATVFAAPFSGVLFCIEVVSSHFSVWDYWRGFFAATCGAFMFRLLAVFNSEQETITS
LYKTSFRVEVPFDLPEIFFFVALGAICGVASCAYLFCQRKFLGFVKTNPVLSKLMATSKPLYSALAALVLASVTYPPGAG
RFMASRLSMREYLDSLLDHNSWALLTRQASPPWPVEPDPQNLWFEWYHPQFTIFGTLAFFLVMKFWMLILATTIPMPAGY
FMPIFIFGAAIGRLLGEALSVAFPEGIVAGGVTNPIMPGGYALAGAAAFSGAVTHSISTALLAFELTGQIVHALPVLMAV
LAANAIAQSCQPSFYDGTIIVKKLPYLPWIRGRKISSHRVTVEHFMNRAITTLAKDTPQEEVVKVVTSTDMAEYPLVAST
ESQTLVGTMRRAQLVQALQAEPPSWAPGQQRCLQDILAEGCPVEPVTLKLSPETSLHQAHNLFELLNLQSLFVTSQGRAV
GFVSWVELEKAISKLTNPPAPKSNSLEVLFQ
;
A,B
2 'polypeptide(L)'
;DVQLQESGPGLVKPSQSLSLTCTVTGDSVTSDYAWSWIRQFPGKKLEWMGYITYSGNTIYNPSLKSRISITRDTSKNQFF
LQLKSVIIEDTATYYCSRGVDYWGQGTSVTVSS
;
H,I
3 'polypeptide(L)'
;DIVMTQSPKFMSTSVGDRVSVTCKASQNVGTNVAWYQQKPGQSPKTLIYWASYRYSGVPDRFTGSGSGTDFTLAISNVQS
EDLAEYFCQQYNSYPLTFGSGTKLELK
;
L,M
#
# COMPACT_ATOMS: atom_id res chain seq x y z
N LEU A 11 39.18 -0.29 10.77
CA LEU A 11 38.87 0.67 9.65
C LEU A 11 38.71 -0.07 8.33
N ASP A 12 39.78 -0.77 7.96
CA ASP A 12 39.84 -1.54 6.72
C ASP A 12 38.71 -2.58 6.69
N TRP A 13 38.57 -3.26 7.81
CA TRP A 13 37.55 -4.30 7.99
C TRP A 13 36.16 -3.70 7.76
N LEU A 14 35.95 -2.55 8.38
CA LEU A 14 34.68 -1.82 8.29
C LEU A 14 34.36 -1.50 6.83
N LYS A 15 35.39 -0.99 6.15
CA LYS A 15 35.30 -0.61 4.74
C LYS A 15 34.87 -1.82 3.90
N ARG A 16 35.53 -2.93 4.17
CA ARG A 16 35.27 -4.20 3.48
C ARG A 16 33.81 -4.60 3.65
N LYS A 17 33.37 -4.51 4.90
CA LYS A 17 31.99 -4.85 5.27
C LYS A 17 31.00 -4.00 4.48
N LEU A 18 31.30 -2.71 4.43
CA LEU A 18 30.48 -1.72 3.74
C LEU A 18 30.36 -2.10 2.26
N PHE A 19 31.51 -2.45 1.67
CA PHE A 19 31.60 -2.70 0.25
C PHE A 19 30.60 -3.60 -0.43
N CYS A 20 30.37 -4.86 0.02
CA CYS A 20 29.73 -5.79 -0.87
C CYS A 20 28.27 -5.35 -0.93
N VAL A 21 27.65 -5.39 0.24
CA VAL A 21 26.22 -5.13 0.38
C VAL A 21 25.88 -3.72 -0.15
N GLY A 22 26.69 -2.79 0.31
CA GLY A 22 26.56 -1.37 -0.05
C GLY A 22 26.66 -1.20 -1.55
N GLU A 23 27.66 -1.87 -2.12
CA GLU A 23 27.92 -1.84 -3.56
C GLU A 23 26.69 -2.32 -4.32
N ASP A 24 26.16 -3.44 -3.84
CA ASP A 24 24.98 -4.07 -4.44
C ASP A 24 23.80 -3.09 -4.45
N TRP A 25 23.62 -2.45 -3.30
CA TRP A 25 22.53 -1.49 -3.12
C TRP A 25 22.68 -0.33 -4.14
N TYR A 26 23.92 0.14 -4.23
CA TYR A 26 24.25 1.38 -4.91
C TYR A 26 23.93 1.26 -6.38
N PHE A 27 24.35 0.13 -6.96
CA PHE A 27 24.13 -0.12 -8.40
C PHE A 27 22.65 -0.11 -8.70
N LEU A 28 21.89 -0.79 -7.85
CA LEU A 28 20.43 -0.89 -7.97
C LEU A 28 19.81 0.50 -7.98
N THR A 29 20.27 1.30 -7.02
CA THR A 29 19.79 2.68 -6.84
C THR A 29 20.03 3.48 -8.12
N VAL A 30 21.24 3.33 -8.63
CA VAL A 30 21.67 4.02 -9.85
C VAL A 30 20.77 3.66 -11.01
N LEU A 31 20.52 2.37 -11.12
CA LEU A 31 19.66 1.81 -12.18
C LEU A 31 18.28 2.44 -12.11
N GLY A 32 17.76 2.48 -10.89
CA GLY A 32 16.43 3.05 -10.63
C GLY A 32 16.36 4.49 -11.08
N VAL A 33 17.41 5.23 -10.71
CA VAL A 33 17.54 6.65 -11.04
C VAL A 33 17.50 6.84 -12.55
N LEU A 34 18.28 5.99 -13.22
CA LEU A 34 18.39 6.02 -14.68
C LEU A 34 17.04 5.81 -15.33
N MET A 35 16.34 4.81 -14.80
CA MET A 35 15.00 4.45 -15.28
C MET A 35 14.06 5.63 -15.16
N ALA A 36 14.12 6.27 -14.00
CA ALA A 36 13.29 7.43 -13.68
C ALA A 36 13.53 8.54 -14.69
N LEU A 37 14.82 8.77 -14.93
CA LEU A 37 15.28 9.81 -15.86
C LEU A 37 14.70 9.56 -17.25
N ILE A 38 14.80 8.29 -17.66
CA ILE A 38 14.34 7.84 -18.97
C ILE A 38 12.85 8.13 -19.11
N SER A 39 12.12 7.77 -18.05
CA SER A 39 10.67 7.91 -18.03
C SER A 39 10.30 9.37 -18.14
N PHE A 40 11.05 10.25 -17.43
CA PHE A 40 10.70 11.65 -17.39
C PHE A 40 10.92 12.23 -18.80
N THR A 41 12.14 12.01 -19.26
CA THR A 41 12.61 12.57 -20.54
C THR A 41 11.73 12.06 -21.67
N MET A 42 11.44 10.77 -21.64
CA MET A 42 10.61 10.13 -22.67
C MET A 42 9.23 10.79 -22.69
N SER A 43 8.68 10.99 -21.50
CA SER A 43 7.37 11.60 -21.33
C SER A 43 7.35 12.99 -21.95
N PHE A 44 8.40 13.73 -21.64
CA PHE A 44 8.57 15.11 -22.13
C PHE A 44 8.56 15.12 -23.64
N THR A 45 9.35 14.19 -24.20
CA THR A 45 9.48 14.05 -25.65
C THR A 45 8.13 13.80 -26.29
N VAL A 46 7.38 12.89 -25.67
CA VAL A 46 6.05 12.51 -26.15
C VAL A 46 5.14 13.76 -26.18
N GLY A 47 5.19 14.44 -25.07
CA GLY A 47 4.15 15.37 -24.69
C GLY A 47 4.11 16.53 -25.65
N ARG A 48 5.29 17.08 -25.88
CA ARG A 48 5.48 18.25 -26.78
C ARG A 48 4.97 17.89 -28.16
N VAL A 49 5.35 16.72 -28.63
CA VAL A 49 4.96 16.22 -29.95
C VAL A 49 3.45 16.17 -30.07
N VAL A 50 2.83 15.61 -29.02
CA VAL A 50 1.38 15.46 -28.94
C VAL A 50 0.71 16.82 -29.05
N ARG A 51 1.26 17.77 -28.29
CA ARG A 51 0.75 19.15 -28.25
C ARG A 51 0.79 19.75 -29.64
N ALA A 52 1.92 19.56 -30.29
CA ALA A 52 2.17 20.07 -31.65
C ALA A 52 1.12 19.53 -32.60
N HIS A 53 0.89 18.23 -32.50
CA HIS A 53 -0.08 17.52 -33.33
C HIS A 53 -1.47 18.13 -33.15
N LYS A 54 -1.81 18.34 -31.88
CA LYS A 54 -3.10 18.91 -31.50
C LYS A 54 -3.27 20.29 -32.15
N TRP A 55 -2.22 21.08 -32.04
CA TRP A 55 -2.18 22.43 -32.58
C TRP A 55 -2.45 22.40 -34.08
N LEU A 56 -1.75 21.48 -34.74
CA LEU A 56 -1.85 21.30 -36.19
C LEU A 56 -3.30 20.99 -36.57
N TYR A 57 -3.88 20.07 -35.80
CA TYR A 57 -5.26 19.63 -36.01
C TYR A 57 -6.22 20.83 -35.92
N ARG A 58 -5.98 21.63 -34.88
CA ARG A 58 -6.80 22.80 -34.60
C ARG A 58 -6.73 23.77 -35.79
N GLU A 59 -5.50 23.97 -36.27
CA GLU A 59 -5.14 25.10 -37.08
C GLU A 59 -5.23 24.86 -38.57
N ILE A 60 -4.81 23.70 -39.05
CA ILE A 60 -4.68 23.45 -40.50
C ILE A 60 -5.85 24.00 -41.34
N GLY A 61 -7.08 23.90 -40.82
CA GLY A 61 -8.24 24.57 -41.42
C GLY A 61 -9.55 23.82 -41.26
N ASP A 62 -10.57 24.33 -41.95
CA ASP A 62 -11.91 23.73 -41.99
C ASP A 62 -12.06 22.67 -43.09
N SER A 63 -11.24 22.76 -44.14
CA SER A 63 -11.27 21.79 -45.26
C SER A 63 -10.96 20.39 -44.75
N HIS A 64 -11.65 19.40 -45.33
CA HIS A 64 -11.77 18.08 -44.70
C HIS A 64 -10.50 17.28 -44.98
N LEU A 65 -10.08 17.31 -46.25
CA LEU A 65 -9.02 16.48 -46.75
C LEU A 65 -7.73 16.69 -45.96
N LEU A 66 -7.43 17.97 -45.80
CA LEU A 66 -6.23 18.42 -45.07
C LEU A 66 -6.26 17.88 -43.65
N ARG A 67 -7.42 18.03 -43.03
CA ARG A 67 -7.66 17.58 -41.65
C ARG A 67 -7.38 16.09 -41.54
N TYR A 68 -7.94 15.36 -42.49
CA TYR A 68 -7.80 13.90 -42.56
C TYR A 68 -6.33 13.52 -42.63
N LEU A 69 -5.62 14.22 -43.50
CA LEU A 69 -4.18 13.99 -43.72
C LEU A 69 -3.43 14.19 -42.41
N SER A 70 -3.76 15.29 -41.73
CA SER A 70 -3.14 15.65 -40.47
C SER A 70 -3.34 14.54 -39.45
N TRP A 71 -4.58 14.06 -39.39
CA TRP A 71 -4.97 13.02 -38.45
C TRP A 71 -4.14 11.74 -38.73
N THR A 72 -4.01 11.42 -40.01
CA THR A 72 -3.71 10.10 -40.48
C THR A 72 -2.25 9.89 -40.76
N VAL A 73 -1.57 10.92 -41.26
CA VAL A 73 -0.22 10.73 -41.77
C VAL A 73 0.75 10.61 -40.59
N TYR A 74 0.58 11.52 -39.61
CA TYR A 74 1.55 11.74 -38.58
C TYR A 74 1.77 10.43 -37.78
N PRO A 75 0.65 9.79 -37.43
CA PRO A 75 0.81 8.56 -36.64
C PRO A 75 1.48 7.47 -37.47
N VAL A 76 1.08 7.39 -38.73
CA VAL A 76 1.54 6.40 -39.68
C VAL A 76 3.06 6.46 -39.81
N ALA A 77 3.53 7.68 -40.00
CA ALA A 77 4.97 7.95 -40.16
C ALA A 77 5.73 7.48 -38.94
N LEU A 78 5.18 7.82 -37.78
CA LEU A 78 5.78 7.45 -36.50
C LEU A 78 5.90 5.94 -36.38
N VAL A 79 4.82 5.28 -36.75
CA VAL A 79 4.73 3.81 -36.71
C VAL A 79 5.83 3.20 -37.58
N SER A 80 5.94 3.76 -38.78
CA SER A 80 6.94 3.33 -39.77
C SER A 80 8.34 3.44 -39.19
N PHE A 81 8.59 4.59 -38.58
CA PHE A 81 9.87 4.90 -37.96
C PHE A 81 10.21 3.86 -36.90
N SER A 82 9.21 3.58 -36.08
CA SER A 82 9.32 2.61 -34.98
C SER A 82 9.72 1.24 -35.53
N SER A 83 9.01 0.86 -36.58
CA SER A 83 9.22 -0.42 -37.25
C SER A 83 10.68 -0.53 -37.74
N GLY A 84 11.12 0.56 -38.37
CA GLY A 84 12.37 0.49 -39.16
C GLY A 84 13.54 0.19 -38.26
N PHE A 85 13.57 0.93 -37.15
CA PHE A 85 14.65 0.81 -36.15
C PHE A 85 14.67 -0.62 -35.60
N SER A 86 13.48 -1.12 -35.30
CA SER A 86 13.32 -2.46 -34.75
C SER A 86 13.91 -3.50 -35.73
N GLN A 87 13.56 -3.32 -37.00
CA GLN A 87 13.81 -4.40 -37.97
C GLN A 87 15.31 -4.61 -38.14
N SER A 88 16.08 -3.52 -38.22
CA SER A 88 17.49 -3.60 -38.64
C SER A 88 18.43 -4.43 -37.76
N ILE A 89 18.16 -4.52 -36.45
CA ILE A 89 19.09 -5.14 -35.51
C ILE A 89 18.96 -6.68 -35.48
N THR A 90 17.79 -7.18 -35.09
CA THR A 90 17.60 -8.63 -34.85
C THR A 90 16.10 -8.98 -34.79
N PRO A 91 15.72 -10.24 -35.12
CA PRO A 91 14.30 -10.64 -35.05
C PRO A 91 13.60 -10.52 -33.68
N PHE A 92 14.30 -10.83 -32.59
CA PHE A 92 13.72 -10.82 -31.24
C PHE A 92 13.85 -9.48 -30.48
N SER A 93 14.29 -8.42 -31.16
CA SER A 93 14.41 -7.09 -30.54
C SER A 93 13.04 -6.46 -30.29
N GLY A 94 12.40 -5.99 -31.37
CA GLY A 94 11.15 -5.26 -31.26
C GLY A 94 9.94 -6.14 -31.04
N GLY A 95 8.96 -5.61 -30.30
CA GLY A 95 7.70 -6.31 -30.05
C GLY A 95 7.76 -7.42 -29.03
N SER A 96 8.76 -7.38 -28.15
CA SER A 96 8.98 -8.44 -27.16
C SER A 96 9.60 -7.89 -25.89
N GLY A 97 8.95 -8.17 -24.75
CA GLY A 97 9.46 -7.76 -23.44
C GLY A 97 9.20 -8.80 -22.34
N ILE A 98 7.99 -8.71 -21.79
CA ILE A 98 7.61 -9.54 -20.65
C ILE A 98 7.79 -11.02 -20.89
N PRO A 99 7.30 -11.52 -22.04
CA PRO A 99 7.35 -12.95 -22.31
C PRO A 99 8.79 -13.45 -22.31
N GLU A 100 9.63 -12.68 -22.98
CA GLU A 100 11.07 -12.99 -23.09
C GLU A 100 11.69 -13.07 -21.70
N LEU A 101 11.35 -12.08 -20.88
CA LEU A 101 11.85 -11.99 -19.50
C LEU A 101 11.46 -13.22 -18.72
N LYS A 102 10.19 -13.60 -18.87
CA LYS A 102 9.62 -14.77 -18.20
C LYS A 102 10.39 -16.03 -18.58
N THR A 103 10.64 -16.14 -19.87
CA THR A 103 11.37 -17.28 -20.45
C THR A 103 12.76 -17.37 -19.82
N ILE A 104 13.41 -16.22 -19.76
CA ILE A 104 14.76 -16.09 -19.20
C ILE A 104 14.77 -16.59 -17.75
N LEU A 105 13.76 -16.12 -17.01
CA LEU A 105 13.60 -16.46 -15.59
C LEU A 105 13.46 -17.97 -15.43
N SER A 106 12.63 -18.54 -16.29
CA SER A 106 12.37 -19.99 -16.32
C SER A 106 13.67 -20.77 -16.50
N GLY A 107 14.60 -20.27 -17.32
CA GLY A 107 15.95 -20.85 -17.32
C GLY A 107 16.73 -20.66 -18.60
N VAL A 108 16.03 -20.75 -19.72
CA VAL A 108 16.64 -20.71 -21.02
C VAL A 108 17.05 -19.27 -21.35
N VAL A 109 18.34 -19.09 -21.65
CA VAL A 109 18.90 -17.76 -21.88
C VAL A 109 19.01 -17.47 -23.39
N LEU A 110 18.52 -16.30 -23.79
CA LEU A 110 18.59 -15.81 -25.16
C LEU A 110 19.48 -14.57 -25.10
N GLU A 111 20.77 -14.75 -25.39
CA GLU A 111 21.78 -13.69 -25.25
C GLU A 111 21.47 -12.43 -26.07
N ASP A 112 20.79 -12.62 -27.20
CA ASP A 112 20.28 -11.52 -28.03
C ASP A 112 19.44 -10.49 -27.25
N TYR A 113 18.66 -10.97 -26.29
CA TYR A 113 17.76 -10.14 -25.49
C TYR A 113 18.45 -9.14 -24.57
N LEU A 114 19.56 -9.55 -23.96
CA LEU A 114 20.25 -8.73 -22.94
C LEU A 114 21.37 -7.84 -23.49
N ASP A 115 21.58 -7.80 -24.80
CA ASP A 115 22.67 -7.02 -25.41
C ASP A 115 22.30 -5.53 -25.51
N ILE A 116 23.28 -4.66 -25.26
CA ILE A 116 23.05 -3.22 -25.11
C ILE A 116 23.12 -2.45 -26.44
N LYS A 117 23.75 -3.03 -27.45
CA LYS A 117 23.66 -2.50 -28.83
C LYS A 117 22.21 -2.28 -29.30
N ASN A 118 21.30 -3.11 -28.79
CA ASN A 118 19.87 -3.01 -29.08
C ASN A 118 19.15 -1.78 -28.46
N PHE A 119 19.68 -1.25 -27.36
CA PHE A 119 19.02 -0.17 -26.57
C PHE A 119 18.53 1.03 -27.38
N GLY A 120 19.48 1.74 -28.00
CA GLY A 120 19.20 3.01 -28.70
C GLY A 120 18.12 2.96 -29.75
N ALA A 121 18.03 1.83 -30.46
CA ALA A 121 17.03 1.63 -31.51
C ALA A 121 15.61 1.39 -30.99
N LYS A 122 15.48 0.92 -29.75
CA LYS A 122 14.22 0.42 -29.22
C LYS A 122 13.51 1.50 -28.44
N ALA A 123 14.28 2.25 -27.65
CA ALA A 123 13.75 3.36 -26.85
C ALA A 123 13.09 4.38 -27.75
N VAL A 124 13.79 4.71 -28.84
CA VAL A 124 13.31 5.69 -29.82
C VAL A 124 11.97 5.23 -30.40
N GLY A 125 11.92 3.95 -30.75
CA GLY A 125 10.72 3.33 -31.32
C GLY A 125 9.55 3.46 -30.36
N LEU A 126 9.84 3.16 -29.10
CA LEU A 126 8.85 3.22 -28.01
C LEU A 126 8.29 4.63 -27.91
N THR A 127 9.20 5.59 -27.95
CA THR A 127 8.86 7.02 -27.86
C THR A 127 7.91 7.40 -28.99
N CYS A 128 8.28 6.95 -30.18
CA CYS A 128 7.50 7.21 -31.39
C CYS A 128 6.08 6.67 -31.24
N THR A 129 6.02 5.44 -30.74
CA THR A 129 4.74 4.75 -30.52
C THR A 129 3.87 5.56 -29.58
N LEU A 130 4.50 6.01 -28.50
CA LEU A 130 3.82 6.81 -27.47
C LEU A 130 3.24 8.08 -28.09
N ALA A 131 4.06 8.73 -28.89
CA ALA A 131 3.70 9.96 -29.59
C ALA A 131 2.46 9.73 -30.46
N SER A 132 2.52 8.63 -31.20
CA SER A 132 1.42 8.22 -32.09
C SER A 132 0.12 8.07 -31.30
N GLY A 133 0.20 7.50 -30.10
CA GLY A 133 -0.80 7.73 -29.05
C GLY A 133 -2.10 6.97 -29.17
N SER A 134 -3.22 7.68 -28.98
CA SER A 134 -4.54 7.04 -28.83
C SER A 134 -5.21 6.59 -30.13
N THR A 135 -4.64 6.93 -31.29
CA THR A 135 -5.08 6.37 -32.56
C THR A 135 -4.61 4.92 -32.65
N ILE A 136 -3.31 4.72 -32.49
CA ILE A 136 -2.71 3.38 -32.47
C ILE A 136 -3.08 2.60 -31.19
N PHE A 137 -3.17 3.31 -30.06
CA PHE A 137 -3.78 2.80 -28.81
C PHE A 137 -2.91 1.76 -28.08
N LEU A 138 -1.68 2.15 -27.77
CA LEU A 138 -0.69 1.25 -27.17
C LEU A 138 0.04 1.87 -25.98
N GLY A 139 0.32 1.06 -24.96
CA GLY A 139 1.05 1.50 -23.76
C GLY A 139 2.54 1.33 -23.95
N LYS A 140 3.31 1.57 -22.88
CA LYS A 140 4.78 1.50 -22.96
C LYS A 140 5.43 0.40 -22.13
N VAL A 141 4.64 -0.36 -21.38
CA VAL A 141 5.17 -1.16 -20.29
C VAL A 141 6.28 -2.15 -20.67
N GLY A 142 5.95 -3.07 -21.55
CA GLY A 142 6.78 -4.25 -21.79
C GLY A 142 8.16 -3.83 -22.27
N PRO A 143 8.16 -2.89 -23.22
CA PRO A 143 9.41 -2.38 -23.80
C PRO A 143 10.28 -1.76 -22.71
N PHE A 144 9.62 -0.97 -21.86
CA PHE A 144 10.29 -0.29 -20.74
C PHE A 144 10.95 -1.32 -19.83
N VAL A 145 10.18 -2.35 -19.52
CA VAL A 145 10.63 -3.44 -18.65
C VAL A 145 11.88 -4.09 -19.23
N HIS A 146 11.81 -4.35 -20.53
CA HIS A 146 12.90 -4.98 -21.28
C HIS A 146 14.16 -4.14 -21.16
N LEU A 147 13.97 -2.84 -21.37
CA LEU A 147 15.06 -1.86 -21.30
C LEU A 147 15.73 -1.91 -19.93
N SER A 148 14.88 -1.92 -18.91
CA SER A 148 15.32 -1.95 -17.51
C SER A 148 16.17 -3.19 -17.26
N VAL A 149 15.65 -4.31 -17.76
CA VAL A 149 16.33 -5.61 -17.61
C VAL A 149 17.71 -5.56 -18.24
N MET A 150 17.75 -4.99 -19.44
CA MET A 150 19.00 -4.84 -20.21
C MET A 150 20.02 -4.05 -19.40
N ILE A 151 19.52 -2.95 -18.84
CA ILE A 151 20.35 -2.03 -18.03
C ILE A 151 20.95 -2.79 -16.85
N ALA A 152 20.09 -3.56 -16.20
CA ALA A 152 20.46 -4.36 -15.03
C ALA A 152 21.59 -5.34 -15.41
N ALA A 153 21.38 -5.99 -16.54
CA ALA A 153 22.34 -6.97 -17.08
C ALA A 153 23.70 -6.31 -17.29
N TYR A 154 23.65 -5.13 -17.90
CA TYR A 154 24.85 -4.34 -18.19
C TYR A 154 25.60 -4.03 -16.90
N LEU A 155 24.83 -3.60 -15.91
CA LEU A 155 25.37 -3.26 -14.59
C LEU A 155 26.09 -4.46 -13.98
N GLY A 156 25.41 -5.60 -14.07
CA GLY A 156 25.94 -6.87 -13.55
C GLY A 156 27.27 -7.19 -14.19
N ARG A 157 27.28 -7.05 -15.52
CA ARG A 157 28.48 -7.31 -16.33
C ARG A 157 29.64 -6.44 -15.87
N VAL A 158 29.32 -5.16 -15.68
CA VAL A 158 30.29 -4.16 -15.23
C VAL A 158 30.90 -4.58 -13.89
N ARG A 159 30.01 -4.99 -12.99
CA ARG A 159 30.38 -5.43 -11.64
C ARG A 159 31.35 -6.59 -11.73
N ALA A 160 31.00 -7.54 -12.59
CA ALA A 160 31.80 -8.75 -12.82
C ALA A 160 33.21 -8.37 -13.28
N ASN A 168 27.60 -15.77 -10.28
CA ASN A 168 26.59 -16.83 -10.21
C ASN A 168 25.33 -16.46 -11.01
N LYS A 169 24.54 -17.47 -11.34
CA LYS A 169 23.38 -17.34 -12.21
C LYS A 169 22.22 -16.75 -11.42
N SER A 170 22.01 -17.30 -10.22
CA SER A 170 20.88 -16.96 -9.38
C SER A 170 20.85 -15.46 -9.09
N LYS A 171 22.02 -14.95 -8.72
CA LYS A 171 22.22 -13.54 -8.39
C LYS A 171 21.83 -12.67 -9.58
N ARG A 172 22.32 -13.08 -10.74
CA ARG A 172 22.07 -12.39 -12.01
C ARG A 172 20.56 -12.31 -12.27
N ASN A 173 19.92 -13.45 -12.08
CA ASN A 173 18.47 -13.59 -12.28
C ASN A 173 17.72 -12.61 -11.39
N GLU A 174 18.15 -12.59 -10.13
CA GLU A 174 17.56 -11.71 -9.10
C GLU A 174 17.66 -10.25 -9.54
N MET A 175 18.85 -9.91 -10.00
CA MET A 175 19.17 -8.55 -10.46
C MET A 175 18.23 -8.16 -11.60
N LEU A 176 18.09 -9.09 -12.53
CA LEU A 176 17.23 -8.91 -13.71
C LEU A 176 15.79 -8.63 -13.27
N VAL A 177 15.34 -9.45 -12.33
CA VAL A 177 13.99 -9.35 -11.78
C VAL A 177 13.76 -7.97 -11.19
N ALA A 178 14.75 -7.54 -10.41
CA ALA A 178 14.72 -6.24 -9.74
C ALA A 178 14.57 -5.12 -10.77
N GLY A 179 15.38 -5.24 -11.82
CA GLY A 179 15.40 -4.27 -12.92
C GLY A 179 14.02 -4.17 -13.56
N ALA A 180 13.45 -5.34 -13.81
CA ALA A 180 12.13 -5.47 -14.42
C ALA A 180 11.09 -4.75 -13.57
N ALA A 181 11.17 -5.02 -12.27
CA ALA A 181 10.25 -4.44 -11.28
C ALA A 181 10.33 -2.92 -11.34
N VAL A 182 11.56 -2.43 -11.36
CA VAL A 182 11.84 -0.99 -11.39
C VAL A 182 11.21 -0.37 -12.63
N GLY A 183 11.41 -1.05 -13.75
CA GLY A 183 10.87 -0.61 -15.05
C GLY A 183 9.36 -0.49 -14.97
N VAL A 184 8.75 -1.53 -14.40
CA VAL A 184 7.29 -1.59 -14.26
C VAL A 184 6.79 -0.41 -13.43
N ALA A 185 7.51 -0.16 -12.34
CA ALA A 185 7.17 0.93 -11.42
C ALA A 185 7.20 2.27 -12.18
N THR A 186 8.27 2.44 -12.94
CA THR A 186 8.54 3.73 -13.57
C THR A 186 7.43 4.11 -14.53
N VAL A 187 7.01 3.11 -15.32
CA VAL A 187 5.94 3.32 -16.31
C VAL A 187 4.65 3.74 -15.60
N PHE A 188 4.36 3.05 -14.50
CA PHE A 188 3.17 3.33 -13.70
C PHE A 188 3.37 4.56 -12.84
N ALA A 189 4.61 4.92 -12.50
CA ALA A 189 4.91 6.01 -11.55
C ALA A 189 4.27 5.66 -10.21
N ALA A 190 4.54 4.43 -9.79
CA ALA A 190 3.69 3.72 -8.85
C ALA A 190 4.50 2.58 -8.17
N PRO A 191 5.22 2.90 -7.07
CA PRO A 191 6.21 1.97 -6.52
C PRO A 191 5.72 0.67 -5.90
N PHE A 192 4.68 0.75 -5.07
CA PHE A 192 4.34 -0.30 -4.09
C PHE A 192 3.85 -1.59 -4.76
N SER A 193 2.93 -1.42 -5.69
CA SER A 193 2.23 -2.50 -6.31
C SER A 193 2.89 -2.94 -7.59
N GLY A 194 3.56 -2.03 -8.31
CA GLY A 194 4.12 -2.31 -9.61
C GLY A 194 5.08 -3.49 -9.54
N VAL A 195 5.95 -3.41 -8.54
CA VAL A 195 6.97 -4.44 -8.29
C VAL A 195 6.31 -5.79 -8.08
N LEU A 196 5.28 -5.76 -7.24
CA LEU A 196 4.50 -6.97 -6.91
C LEU A 196 3.92 -7.59 -8.16
N PHE A 197 3.34 -6.72 -8.98
CA PHE A 197 2.72 -7.12 -10.26
C PHE A 197 3.74 -7.83 -11.14
N CYS A 198 4.91 -7.20 -11.22
CA CYS A 198 6.03 -7.70 -12.03
C CYS A 198 6.41 -9.10 -11.57
N ILE A 199 6.52 -9.23 -10.25
CA ILE A 199 6.90 -10.50 -9.61
C ILE A 199 5.90 -11.58 -9.97
N GLU A 200 4.62 -11.21 -9.88
CA GLU A 200 3.50 -12.12 -10.17
C GLU A 200 3.61 -12.61 -11.61
N VAL A 201 3.87 -11.66 -12.50
CA VAL A 201 3.77 -11.95 -13.96
C VAL A 201 5.02 -12.71 -14.45
N VAL A 202 6.17 -12.08 -14.21
CA VAL A 202 7.43 -12.51 -14.79
C VAL A 202 7.87 -13.84 -14.21
N SER A 203 8.07 -13.86 -12.90
CA SER A 203 8.78 -14.95 -12.25
C SER A 203 7.90 -16.03 -11.65
N SER A 204 8.58 -17.08 -11.19
CA SER A 204 8.09 -17.98 -10.17
C SER A 204 9.28 -18.40 -9.33
N HIS A 205 9.02 -18.96 -8.14
CA HIS A 205 10.04 -19.27 -7.13
C HIS A 205 10.79 -17.99 -6.68
N PHE A 206 10.05 -16.89 -6.59
CA PHE A 206 10.57 -15.61 -6.11
C PHE A 206 10.85 -15.58 -4.61
N SER A 207 11.79 -14.72 -4.22
CA SER A 207 12.11 -14.45 -2.82
C SER A 207 11.67 -13.05 -2.43
N VAL A 208 11.53 -12.83 -1.12
CA VAL A 208 11.12 -11.56 -0.56
C VAL A 208 12.24 -10.53 -0.82
N TRP A 209 13.51 -10.94 -0.80
CA TRP A 209 14.56 -9.96 -0.93
C TRP A 209 14.55 -9.31 -2.30
N ASP A 210 14.24 -10.08 -3.34
CA ASP A 210 14.08 -9.56 -4.69
C ASP A 210 13.02 -8.46 -4.73
N TYR A 211 11.91 -8.79 -4.09
CA TYR A 211 10.74 -7.88 -4.00
C TYR A 211 11.16 -6.59 -3.33
N TRP A 212 11.89 -6.73 -2.22
CA TRP A 212 12.38 -5.60 -1.44
C TRP A 212 13.24 -4.69 -2.29
N ARG A 213 14.14 -5.33 -3.04
CA ARG A 213 15.07 -4.65 -3.94
C ARG A 213 14.28 -3.81 -4.95
N GLY A 214 13.28 -4.47 -5.53
CA GLY A 214 12.40 -3.85 -6.53
C GLY A 214 11.73 -2.62 -5.96
N PHE A 215 11.22 -2.78 -4.75
CA PHE A 215 10.53 -1.71 -4.02
C PHE A 215 11.45 -0.53 -3.83
N PHE A 216 12.67 -0.83 -3.42
CA PHE A 216 13.71 0.18 -3.18
C PHE A 216 13.97 0.98 -4.47
N ALA A 217 14.10 0.23 -5.56
CA ALA A 217 14.35 0.80 -6.88
C ALA A 217 13.22 1.78 -7.25
N ALA A 218 12.01 1.31 -7.02
CA ALA A 218 10.79 2.08 -7.30
C ALA A 218 10.80 3.38 -6.54
N THR A 219 11.14 3.27 -5.26
CA THR A 219 11.21 4.42 -4.34
C THR A 219 12.20 5.45 -4.88
N CYS A 220 13.36 4.93 -5.28
CA CYS A 220 14.44 5.76 -5.83
C CYS A 220 13.94 6.54 -7.06
N GLY A 221 13.25 5.80 -7.92
CA GLY A 221 12.69 6.35 -9.15
C GLY A 221 11.73 7.50 -8.83
N ALA A 222 10.87 7.22 -7.85
CA ALA A 222 9.87 8.19 -7.38
C ALA A 222 10.54 9.46 -6.91
N PHE A 223 11.60 9.27 -6.13
CA PHE A 223 12.38 10.37 -5.57
C PHE A 223 12.95 11.24 -6.70
N MET A 224 13.50 10.54 -7.69
CA MET A 224 14.10 11.18 -8.87
C MET A 224 13.05 12.05 -9.58
N PHE A 225 11.88 11.45 -9.75
CA PHE A 225 10.75 12.10 -10.40
C PHE A 225 10.38 13.38 -9.68
N ARG A 226 10.30 13.26 -8.36
CA ARG A 226 9.97 14.38 -7.46
C ARG A 226 10.97 15.51 -7.66
N LEU A 227 12.24 15.12 -7.67
CA LEU A 227 13.35 16.07 -7.84
C LEU A 227 13.21 16.83 -9.16
N LEU A 228 12.90 16.07 -10.20
CA LEU A 228 12.71 16.60 -11.54
C LEU A 228 11.34 17.32 -11.70
N ALA A 229 10.48 17.40 -10.68
CA ALA A 229 9.18 18.08 -10.82
C ALA A 229 9.28 19.59 -11.14
N VAL A 230 10.38 20.23 -10.73
CA VAL A 230 10.64 21.65 -11.03
C VAL A 230 10.74 21.98 -12.53
N PHE A 231 11.27 21.05 -13.32
CA PHE A 231 11.43 21.25 -14.77
C PHE A 231 10.08 21.11 -15.50
N ASN A 232 9.43 19.95 -15.31
CA ASN A 232 8.16 19.57 -15.98
C ASN A 232 7.94 20.11 -17.41
N PRO A 251 -17.47 2.83 3.34
CA PRO A 251 -18.90 2.98 3.56
C PRO A 251 -19.78 2.22 2.55
N PHE A 252 -19.24 1.16 1.92
CA PHE A 252 -19.95 0.42 0.87
C PHE A 252 -21.00 -0.55 1.43
N ASP A 253 -22.12 -0.65 0.73
CA ASP A 253 -23.26 -1.49 1.12
C ASP A 253 -23.06 -2.97 0.75
N LEU A 254 -24.10 -3.78 1.01
CA LEU A 254 -24.05 -5.23 0.77
C LEU A 254 -24.36 -5.68 -0.67
N PRO A 255 -25.38 -5.09 -1.33
CA PRO A 255 -25.61 -5.37 -2.78
C PRO A 255 -24.51 -4.86 -3.72
N GLU A 256 -23.78 -3.84 -3.23
CA GLU A 256 -22.67 -3.25 -3.93
C GLU A 256 -21.61 -4.31 -4.25
N ILE A 257 -21.32 -5.11 -3.23
CA ILE A 257 -20.33 -6.18 -3.34
C ILE A 257 -20.74 -7.16 -4.44
N PHE A 258 -22.01 -7.52 -4.42
CA PHE A 258 -22.60 -8.45 -5.39
C PHE A 258 -22.42 -7.90 -6.80
N PHE A 259 -22.74 -6.62 -6.94
CA PHE A 259 -22.64 -5.92 -8.22
C PHE A 259 -21.20 -5.97 -8.74
N PHE A 260 -20.28 -5.70 -7.83
CA PHE A 260 -18.84 -5.70 -8.14
C PHE A 260 -18.42 -7.07 -8.65
N VAL A 261 -18.89 -8.10 -7.95
CA VAL A 261 -18.59 -9.49 -8.29
C VAL A 261 -19.08 -9.80 -9.71
N ALA A 262 -20.30 -9.36 -9.98
CA ALA A 262 -20.95 -9.54 -11.27
C ALA A 262 -20.10 -8.91 -12.38
N LEU A 263 -19.68 -7.69 -12.10
CA LEU A 263 -18.84 -6.90 -13.02
C LEU A 263 -17.57 -7.65 -13.34
N GLY A 264 -16.95 -8.16 -12.28
CA GLY A 264 -15.70 -8.93 -12.38
C GLY A 264 -15.88 -10.12 -13.29
N ALA A 265 -16.99 -10.83 -13.05
CA ALA A 265 -17.34 -12.03 -13.81
C ALA A 265 -17.46 -11.69 -15.30
N ILE A 266 -18.16 -10.58 -15.56
CA ILE A 266 -18.37 -10.09 -16.91
C ILE A 266 -17.04 -9.82 -17.60
N CYS A 267 -16.17 -9.15 -16.86
CA CYS A 267 -14.83 -8.80 -17.33
C CYS A 267 -14.06 -10.04 -17.73
N GLY A 268 -14.13 -11.03 -16.84
CA GLY A 268 -13.46 -12.32 -17.02
C GLY A 268 -13.92 -12.97 -18.27
N VAL A 269 -15.25 -12.97 -18.49
CA VAL A 269 -15.88 -13.54 -19.67
C VAL A 269 -15.26 -12.88 -20.94
N ALA A 270 -15.33 -11.56 -20.87
CA ALA A 270 -14.87 -10.70 -21.99
C ALA A 270 -13.40 -10.93 -22.25
N SER A 271 -12.64 -10.99 -21.16
CA SER A 271 -11.19 -11.16 -21.14
C SER A 271 -10.89 -12.46 -21.75
N CYS A 272 -11.62 -13.54 -21.47
CA CYS A 272 -11.34 -14.86 -22.05
C CYS A 272 -11.41 -14.77 -23.57
N ALA A 273 -12.48 -14.13 -24.03
CA ALA A 273 -12.74 -13.95 -25.46
C ALA A 273 -11.59 -13.20 -26.11
N TYR A 274 -11.18 -12.13 -25.44
CA TYR A 274 -10.09 -11.27 -25.89
C TYR A 274 -8.81 -12.08 -26.06
N LEU A 275 -8.54 -12.89 -25.04
CA LEU A 275 -7.36 -13.76 -24.99
C LEU A 275 -7.35 -14.70 -26.17
N PHE A 276 -8.52 -15.30 -26.40
CA PHE A 276 -8.72 -16.25 -27.51
C PHE A 276 -8.40 -15.59 -28.84
N CYS A 277 -8.93 -14.38 -28.98
CA CYS A 277 -8.75 -13.58 -30.20
C CYS A 277 -7.26 -13.33 -30.44
N GLN A 278 -6.59 -12.95 -29.36
CA GLN A 278 -5.15 -12.65 -29.39
C GLN A 278 -4.38 -13.86 -29.86
N ARG A 279 -4.74 -15.01 -29.29
CA ARG A 279 -4.08 -16.27 -29.57
C ARG A 279 -4.24 -16.59 -31.06
N LYS A 280 -5.47 -16.39 -31.57
CA LYS A 280 -5.81 -16.90 -32.89
C LYS A 280 -5.29 -15.95 -33.95
N PHE A 281 -5.51 -14.65 -33.73
CA PHE A 281 -5.17 -13.63 -34.72
C PHE A 281 -3.69 -13.68 -35.06
N LEU A 282 -2.89 -13.76 -34.00
CA LEU A 282 -1.43 -13.80 -34.12
C LEU A 282 -1.01 -15.02 -34.94
N GLY A 283 -1.64 -16.15 -34.61
CA GLY A 283 -1.38 -17.42 -35.30
C GLY A 283 -1.66 -17.28 -36.79
N PHE A 284 -2.80 -16.68 -37.08
CA PHE A 284 -3.27 -16.44 -38.45
C PHE A 284 -2.23 -15.62 -39.21
N VAL A 285 -1.78 -14.57 -38.55
CA VAL A 285 -0.78 -13.65 -39.12
C VAL A 285 0.49 -14.42 -39.48
N LYS A 286 0.92 -15.24 -38.53
CA LYS A 286 2.12 -16.07 -38.68
C LYS A 286 1.98 -17.00 -39.89
N THR A 287 0.81 -17.62 -39.93
CA THR A 287 0.41 -18.64 -40.90
C THR A 287 0.15 -18.13 -42.33
N ASN A 288 -0.98 -17.40 -42.46
CA ASN A 288 -1.59 -17.06 -43.74
C ASN A 288 -0.52 -16.58 -44.70
N PRO A 289 -0.42 -17.20 -45.89
CA PRO A 289 0.88 -17.16 -46.55
C PRO A 289 1.15 -15.75 -47.07
N VAL A 290 0.14 -15.16 -47.68
CA VAL A 290 0.25 -13.87 -48.33
C VAL A 290 0.74 -12.80 -47.33
N LEU A 291 0.08 -12.83 -46.18
CA LEU A 291 0.38 -11.88 -45.09
C LEU A 291 1.84 -12.02 -44.66
N SER A 292 2.24 -13.28 -44.50
CA SER A 292 3.61 -13.62 -44.10
C SER A 292 4.61 -13.05 -45.09
N LYS A 293 4.29 -13.26 -46.36
CA LYS A 293 5.13 -12.80 -47.48
C LYS A 293 5.30 -11.29 -47.41
N LEU A 294 4.17 -10.62 -47.19
CA LEU A 294 4.12 -9.16 -47.09
C LEU A 294 5.04 -8.68 -45.97
N MET A 295 4.91 -9.36 -44.84
CA MET A 295 5.69 -9.05 -43.64
C MET A 295 7.18 -9.16 -43.95
N ALA A 296 7.53 -10.25 -44.62
CA ALA A 296 8.90 -10.54 -45.02
C ALA A 296 9.45 -9.42 -45.88
N THR A 297 8.63 -9.02 -46.85
CA THR A 297 8.98 -7.96 -47.79
C THR A 297 9.27 -6.66 -47.04
N SER A 298 8.33 -6.29 -46.18
CA SER A 298 8.42 -5.05 -45.43
C SER A 298 7.42 -5.06 -44.27
N LYS A 299 7.96 -5.36 -43.08
CA LYS A 299 7.26 -5.27 -41.79
C LYS A 299 6.77 -3.87 -41.56
N PRO A 300 7.64 -2.86 -41.91
CA PRO A 300 7.27 -1.46 -41.73
C PRO A 300 6.05 -1.14 -42.53
N LEU A 301 6.01 -1.64 -43.77
CA LEU A 301 4.86 -1.40 -44.67
C LEU A 301 3.59 -1.92 -44.04
N TYR A 302 3.68 -3.13 -43.50
CA TYR A 302 2.55 -3.79 -42.84
C TYR A 302 2.03 -2.92 -41.68
N SER A 303 3.00 -2.49 -40.90
CA SER A 303 2.74 -1.66 -39.70
C SER A 303 2.04 -0.37 -40.13
N ALA A 304 2.62 0.23 -41.16
CA ALA A 304 2.12 1.52 -41.69
C ALA A 304 0.68 1.36 -42.14
N LEU A 305 0.43 0.27 -42.87
CA LEU A 305 -0.89 -0.05 -43.39
C LEU A 305 -1.89 -0.16 -42.26
N ALA A 306 -1.47 -0.88 -41.21
CA ALA A 306 -2.31 -1.10 -40.03
C ALA A 306 -2.68 0.23 -39.39
N ALA A 307 -1.67 1.07 -39.27
CA ALA A 307 -1.82 2.41 -38.67
C ALA A 307 -2.84 3.21 -39.45
N LEU A 308 -2.70 3.16 -40.77
CA LEU A 308 -3.59 3.87 -41.70
C LEU A 308 -5.03 3.42 -41.49
N VAL A 309 -5.18 2.10 -41.40
CA VAL A 309 -6.49 1.48 -41.22
C VAL A 309 -7.13 1.98 -39.93
N LEU A 310 -6.31 2.00 -38.88
CA LEU A 310 -6.75 2.43 -37.55
C LEU A 310 -7.25 3.90 -37.63
N ALA A 311 -6.45 4.71 -38.30
CA ALA A 311 -6.51 6.14 -38.27
C ALA A 311 -7.81 6.59 -38.85
N SER A 312 -8.19 6.04 -40.00
CA SER A 312 -9.42 6.39 -40.70
C SER A 312 -10.63 6.14 -39.77
N VAL A 313 -10.60 4.96 -39.16
CA VAL A 313 -11.67 4.54 -38.24
C VAL A 313 -11.79 5.52 -37.09
N THR A 314 -10.64 5.89 -36.54
CA THR A 314 -10.54 6.83 -35.42
C THR A 314 -11.16 8.17 -35.81
N TYR A 315 -10.72 8.70 -36.95
CA TYR A 315 -10.98 10.08 -37.44
C TYR A 315 -12.19 10.80 -36.81
N PRO A 316 -11.94 11.90 -36.05
CA PRO A 316 -12.96 12.45 -35.14
C PRO A 316 -14.36 12.77 -35.70
N PRO A 317 -14.45 13.53 -36.82
CA PRO A 317 -15.79 13.90 -37.28
C PRO A 317 -16.58 12.78 -38.00
N GLY A 318 -15.87 11.84 -38.64
CA GLY A 318 -16.52 10.72 -39.33
C GLY A 318 -17.08 9.67 -38.40
N ALA A 319 -16.22 9.10 -37.56
CA ALA A 319 -16.58 8.02 -36.61
C ALA A 319 -16.13 8.22 -35.14
N GLY A 320 -15.09 9.02 -34.91
CA GLY A 320 -14.58 9.29 -33.56
C GLY A 320 -15.52 10.03 -32.62
N ARG A 321 -16.46 10.78 -33.18
CA ARG A 321 -17.55 11.40 -32.41
C ARG A 321 -18.30 10.36 -31.59
N PHE A 322 -18.36 9.12 -32.09
CA PHE A 322 -18.96 7.99 -31.38
C PHE A 322 -17.96 7.29 -30.45
N MET A 323 -16.73 7.12 -30.91
CA MET A 323 -15.70 6.37 -30.18
C MET A 323 -14.94 7.17 -29.10
N ALA A 324 -15.28 8.45 -28.92
CA ALA A 324 -14.53 9.36 -28.03
C ALA A 324 -13.04 9.43 -28.40
N SER A 325 -12.79 9.50 -29.71
CA SER A 325 -11.44 9.45 -30.28
C SER A 325 -10.52 10.57 -29.82
N ARG A 326 -11.03 11.79 -29.90
CA ARG A 326 -10.24 12.98 -29.66
C ARG A 326 -9.88 13.11 -28.17
N LEU A 327 -8.92 12.30 -27.76
CA LEU A 327 -8.48 12.20 -26.36
C LEU A 327 -7.09 11.59 -26.32
N SER A 328 -6.26 12.08 -25.39
CA SER A 328 -4.98 11.44 -25.08
C SER A 328 -5.20 10.13 -24.34
N MET A 329 -4.12 9.38 -24.13
CA MET A 329 -4.19 8.04 -23.54
C MET A 329 -4.62 8.10 -22.06
N ARG A 330 -3.95 8.94 -21.29
CA ARG A 330 -4.30 9.21 -19.88
C ARG A 330 -5.66 9.89 -19.76
N GLU A 331 -5.97 10.75 -20.73
CA GLU A 331 -7.21 11.51 -20.74
C GLU A 331 -8.42 10.58 -20.69
N TYR A 332 -8.35 9.55 -21.52
CA TYR A 332 -9.40 8.53 -21.62
C TYR A 332 -9.65 7.89 -20.25
N LEU A 333 -8.52 7.52 -19.64
CA LEU A 333 -8.53 6.87 -18.32
C LEU A 333 -9.21 7.77 -17.30
N ASP A 334 -8.82 9.04 -17.33
CA ASP A 334 -9.35 10.06 -16.43
C ASP A 334 -10.86 10.15 -16.58
N SER A 335 -11.29 10.20 -17.84
CA SER A 335 -12.71 10.28 -18.19
C SER A 335 -13.48 9.11 -17.60
N LEU A 336 -12.89 7.93 -17.79
CA LEU A 336 -13.47 6.68 -17.31
C LEU A 336 -13.65 6.73 -15.79
N LEU A 337 -12.60 7.13 -15.08
CA LEU A 337 -12.61 7.08 -13.62
C LEU A 337 -13.07 8.42 -13.00
N ASP A 338 -13.95 9.12 -13.70
CA ASP A 338 -14.47 10.41 -13.25
C ASP A 338 -15.52 10.17 -12.16
N HIS A 339 -15.55 11.08 -11.19
CA HIS A 339 -16.41 10.95 -10.02
C HIS A 339 -17.89 11.15 -10.35
N ASN A 340 -18.19 12.00 -11.33
CA ASN A 340 -19.59 12.26 -11.72
C ASN A 340 -20.25 11.09 -12.46
N SER A 341 -21.57 10.99 -12.32
CA SER A 341 -22.39 9.93 -12.93
C SER A 341 -23.06 10.48 -14.19
N TRP A 342 -22.74 9.90 -15.35
CA TRP A 342 -22.83 10.63 -16.59
C TRP A 342 -24.27 10.70 -17.05
N ALA A 343 -24.97 9.57 -16.95
CA ALA A 343 -26.31 9.41 -17.48
C ALA A 343 -27.26 10.47 -16.89
N LEU A 344 -27.16 10.57 -15.57
CA LEU A 344 -27.99 11.51 -14.81
C LEU A 344 -27.73 12.94 -15.28
N LEU A 345 -26.45 13.25 -15.45
CA LEU A 345 -26.02 14.58 -15.90
C LEU A 345 -26.63 14.88 -17.27
N THR A 346 -26.54 13.89 -18.14
CA THR A 346 -27.08 14.00 -19.51
C THR A 346 -28.56 14.31 -19.46
N ARG A 347 -29.26 13.56 -18.61
CA ARG A 347 -30.71 13.71 -18.42
C ARG A 347 -31.04 15.14 -18.00
N GLN A 348 -30.26 15.62 -17.03
CA GLN A 348 -30.42 16.97 -16.49
C GLN A 348 -30.26 18.01 -17.59
N ALA A 349 -29.19 17.84 -18.37
CA ALA A 349 -28.74 18.85 -19.34
C ALA A 349 -27.95 18.23 -20.49
N SER A 350 -28.22 18.68 -21.71
CA SER A 350 -27.44 18.27 -22.89
C SER A 350 -26.08 18.95 -22.86
N PRO A 351 -24.98 18.16 -22.83
CA PRO A 351 -23.64 18.75 -22.77
C PRO A 351 -23.20 19.28 -24.14
N PRO A 352 -22.31 20.31 -24.16
CA PRO A 352 -21.87 20.87 -25.43
C PRO A 352 -20.58 20.23 -25.92
N TRP A 353 -20.46 20.03 -27.24
CA TRP A 353 -19.26 19.51 -27.86
C TRP A 353 -18.30 20.69 -28.08
N PRO A 354 -17.18 20.73 -27.33
CA PRO A 354 -16.29 21.90 -27.44
C PRO A 354 -15.39 21.82 -28.68
N VAL A 355 -14.66 22.89 -28.95
CA VAL A 355 -13.71 22.93 -30.07
C VAL A 355 -12.51 22.03 -29.74
N GLU A 356 -12.05 22.12 -28.50
CA GLU A 356 -10.99 21.24 -27.98
C GLU A 356 -11.44 20.62 -26.64
N PRO A 357 -10.98 19.39 -26.35
CA PRO A 357 -11.48 18.66 -25.17
C PRO A 357 -11.15 19.36 -23.86
N ASP A 358 -12.18 19.60 -23.04
CA ASP A 358 -12.03 20.39 -21.82
C ASP A 358 -11.15 19.64 -20.81
N PRO A 359 -10.10 20.30 -20.27
CA PRO A 359 -9.26 19.68 -19.23
C PRO A 359 -10.00 19.29 -17.94
N GLN A 360 -11.03 20.04 -17.56
CA GLN A 360 -11.85 19.74 -16.38
C GLN A 360 -12.95 18.71 -16.66
N ASN A 361 -13.49 18.72 -17.88
CA ASN A 361 -14.61 17.87 -18.28
C ASN A 361 -14.27 17.00 -19.49
N LEU A 362 -13.46 15.97 -19.25
CA LEU A 362 -13.02 15.07 -20.32
C LEU A 362 -14.19 14.26 -20.86
N TRP A 363 -15.13 13.93 -19.98
CA TRP A 363 -16.22 13.02 -20.31
C TRP A 363 -17.20 13.52 -21.37
N PHE A 364 -17.25 14.84 -21.59
CA PHE A 364 -18.08 15.40 -22.66
C PHE A 364 -17.82 14.73 -24.03
N GLU A 365 -16.59 14.31 -24.27
CA GLU A 365 -16.22 13.59 -25.50
C GLU A 365 -17.04 12.32 -25.73
N TRP A 366 -17.38 11.63 -24.65
CA TRP A 366 -18.18 10.39 -24.76
C TRP A 366 -19.64 10.60 -25.15
N TYR A 367 -20.20 11.80 -24.95
CA TYR A 367 -21.62 12.04 -25.25
C TYR A 367 -21.89 12.25 -26.75
N HIS A 368 -23.07 11.79 -27.19
CA HIS A 368 -23.65 12.16 -28.48
C HIS A 368 -25.19 12.25 -28.33
N PRO A 369 -25.86 13.10 -29.14
CA PRO A 369 -27.33 13.17 -29.04
C PRO A 369 -28.07 11.95 -29.62
N GLN A 370 -27.68 11.54 -30.82
CA GLN A 370 -28.30 10.40 -31.51
C GLN A 370 -27.92 9.08 -30.82
N PHE A 371 -26.64 8.93 -30.48
CA PHE A 371 -26.12 7.79 -29.71
C PHE A 371 -25.95 8.21 -28.25
N THR A 372 -26.76 7.64 -27.35
CA THR A 372 -26.64 7.91 -25.91
C THR A 372 -25.27 7.46 -25.39
N ILE A 373 -24.81 8.03 -24.27
CA ILE A 373 -23.48 7.77 -23.70
C ILE A 373 -23.22 6.29 -23.61
N PHE A 374 -24.24 5.54 -23.20
CA PHE A 374 -24.18 4.08 -23.11
C PHE A 374 -23.80 3.48 -24.46
N GLY A 375 -24.52 3.97 -25.47
CA GLY A 375 -24.35 3.52 -26.85
C GLY A 375 -22.91 3.76 -27.30
N THR A 376 -22.43 4.96 -26.99
CA THR A 376 -21.06 5.37 -27.34
C THR A 376 -20.06 4.42 -26.72
N LEU A 377 -20.28 4.13 -25.44
CA LEU A 377 -19.42 3.24 -24.66
C LEU A 377 -19.35 1.87 -25.32
N ALA A 378 -20.53 1.38 -25.69
CA ALA A 378 -20.69 0.08 -26.33
C ALA A 378 -19.89 0.03 -27.62
N PHE A 379 -20.03 1.10 -28.40
CA PHE A 379 -19.34 1.26 -29.69
C PHE A 379 -17.83 1.17 -29.48
N PHE A 380 -17.37 1.90 -28.47
CA PHE A 380 -15.95 1.96 -28.11
C PHE A 380 -15.44 0.56 -27.79
N LEU A 381 -16.22 -0.14 -26.98
CA LEU A 381 -15.90 -1.50 -26.55
C LEU A 381 -15.75 -2.42 -27.76
N VAL A 382 -16.70 -2.29 -28.67
CA VAL A 382 -16.75 -3.14 -29.87
C VAL A 382 -15.50 -2.85 -30.71
N MET A 383 -15.14 -1.57 -30.84
CA MET A 383 -14.20 -1.12 -31.82
C MET A 383 -12.78 -1.25 -31.35
N LYS A 384 -12.55 -0.93 -30.07
CA LYS A 384 -11.22 -1.08 -29.46
C LYS A 384 -10.77 -2.53 -29.53
N PHE A 385 -11.69 -3.42 -29.22
CA PHE A 385 -11.44 -4.87 -29.25
C PHE A 385 -10.98 -5.29 -30.66
N TRP A 386 -11.73 -4.80 -31.63
CA TRP A 386 -11.47 -5.09 -33.04
C TRP A 386 -10.05 -4.62 -33.43
N MET A 387 -9.73 -3.42 -32.98
CA MET A 387 -8.54 -2.69 -33.28
C MET A 387 -7.38 -3.12 -32.42
N LEU A 388 -7.66 -3.39 -31.14
CA LEU A 388 -6.60 -3.56 -30.14
C LEU A 388 -5.70 -4.72 -30.54
N ILE A 389 -6.34 -5.81 -30.94
CA ILE A 389 -5.64 -7.03 -31.36
C ILE A 389 -4.70 -6.71 -32.53
N LEU A 390 -5.25 -5.97 -33.49
CA LEU A 390 -4.51 -5.58 -34.69
C LEU A 390 -3.27 -4.76 -34.30
N ALA A 391 -3.50 -3.83 -33.39
CA ALA A 391 -2.45 -2.94 -32.89
C ALA A 391 -1.32 -3.77 -32.27
N THR A 392 -1.74 -4.72 -31.45
CA THR A 392 -0.80 -5.60 -30.76
C THR A 392 0.04 -6.39 -31.76
N THR A 393 -0.63 -6.89 -32.78
CA THR A 393 0.02 -7.62 -33.87
C THR A 393 1.16 -6.82 -34.50
N ILE A 394 1.00 -5.53 -34.78
CA ILE A 394 2.00 -4.83 -35.62
C ILE A 394 3.41 -4.77 -35.01
N PRO A 395 4.44 -5.15 -35.80
CA PRO A 395 5.79 -5.32 -35.27
C PRO A 395 6.48 -3.99 -34.95
N MET A 396 6.58 -3.70 -33.65
CA MET A 396 7.22 -2.50 -33.15
C MET A 396 7.43 -2.64 -31.64
N PRO A 397 8.32 -1.82 -31.04
CA PRO A 397 8.38 -1.77 -29.59
C PRO A 397 7.15 -1.09 -28.99
N ALA A 398 6.29 -1.88 -28.34
CA ALA A 398 5.05 -1.38 -27.76
C ALA A 398 4.58 -2.24 -26.59
N GLY A 399 3.88 -1.61 -25.65
CA GLY A 399 3.31 -2.27 -24.48
C GLY A 399 1.81 -2.46 -24.63
N TYR A 400 1.30 -3.57 -24.08
CA TYR A 400 -0.08 -4.00 -24.31
C TYR A 400 -0.88 -4.21 -23.02
N PHE A 401 -0.55 -3.49 -21.96
CA PHE A 401 -1.23 -3.62 -20.68
C PHE A 401 -2.21 -2.46 -20.51
N MET A 402 -1.69 -1.26 -20.77
CA MET A 402 -2.40 -0.01 -20.51
C MET A 402 -3.70 0.01 -21.28
N PRO A 403 -3.62 -0.39 -22.57
CA PRO A 403 -4.81 -0.41 -23.43
C PRO A 403 -5.88 -1.33 -22.85
N ILE A 404 -5.41 -2.50 -22.42
CA ILE A 404 -6.30 -3.51 -21.83
C ILE A 404 -7.00 -2.95 -20.60
N PHE A 405 -6.20 -2.28 -19.77
CA PHE A 405 -6.69 -1.66 -18.53
C PHE A 405 -7.80 -0.66 -18.85
N ILE A 406 -7.51 0.16 -19.85
CA ILE A 406 -8.44 1.21 -20.31
C ILE A 406 -9.76 0.58 -20.74
N PHE A 407 -9.63 -0.49 -21.52
CA PHE A 407 -10.78 -1.24 -22.04
C PHE A 407 -11.65 -1.73 -20.88
N GLY A 408 -10.97 -2.31 -19.90
CA GLY A 408 -11.60 -2.85 -18.71
C GLY A 408 -12.40 -1.77 -17.99
N ALA A 409 -11.74 -0.63 -17.84
CA ALA A 409 -12.30 0.54 -17.16
C ALA A 409 -13.55 0.98 -17.86
N ALA A 410 -13.50 1.02 -19.20
CA ALA A 410 -14.63 1.41 -20.03
C ALA A 410 -15.86 0.53 -19.72
N ILE A 411 -15.55 -0.78 -19.71
CA ILE A 411 -16.59 -1.79 -19.46
C ILE A 411 -17.23 -1.57 -18.08
N GLY A 412 -16.36 -1.33 -17.12
CA GLY A 412 -16.76 -1.08 -15.73
C GLY A 412 -17.70 0.11 -15.66
N ARG A 413 -17.31 1.16 -16.35
CA ARG A 413 -18.04 2.44 -16.41
C ARG A 413 -19.39 2.18 -16.97
N LEU A 414 -19.49 1.38 -18.04
CA LEU A 414 -20.78 1.09 -18.66
C LEU A 414 -21.74 0.46 -17.63
N LEU A 415 -21.17 -0.52 -16.92
CA LEU A 415 -21.92 -1.26 -15.89
C LEU A 415 -22.43 -0.31 -14.82
N GLY A 416 -21.53 0.57 -14.40
CA GLY A 416 -21.83 1.59 -13.37
C GLY A 416 -23.00 2.45 -13.81
N GLU A 417 -22.91 2.89 -15.06
CA GLU A 417 -23.94 3.75 -15.67
C GLU A 417 -25.29 3.04 -15.63
N ALA A 418 -25.27 1.78 -16.03
CA ALA A 418 -26.46 0.93 -16.07
C ALA A 418 -27.09 0.86 -14.67
N LEU A 419 -26.23 0.63 -13.69
CA LEU A 419 -26.63 0.52 -12.29
C LEU A 419 -27.32 1.79 -11.84
N SER A 420 -26.70 2.91 -12.20
CA SER A 420 -27.20 4.25 -11.86
C SER A 420 -28.59 4.44 -12.43
N VAL A 421 -28.73 4.05 -13.70
CA VAL A 421 -30.00 4.16 -14.42
C VAL A 421 -31.08 3.36 -13.69
N ALA A 422 -30.72 2.15 -13.32
CA ALA A 422 -31.61 1.23 -12.60
C ALA A 422 -32.10 1.87 -11.29
N PHE A 423 -31.12 2.38 -10.52
CA PHE A 423 -31.32 2.94 -9.19
C PHE A 423 -30.86 4.41 -9.16
N PRO A 424 -31.69 5.35 -9.64
CA PRO A 424 -31.29 6.76 -9.71
C PRO A 424 -31.03 7.37 -8.33
N GLU A 425 -31.96 7.13 -7.41
CA GLU A 425 -31.76 7.45 -5.99
C GLU A 425 -30.49 6.76 -5.49
N GLY A 426 -30.42 5.45 -5.76
CA GLY A 426 -29.30 4.61 -5.33
C GLY A 426 -29.79 3.44 -4.48
N ILE A 427 -28.85 2.80 -3.81
CA ILE A 427 -29.15 1.67 -2.93
C ILE A 427 -29.43 2.20 -1.51
N VAL A 428 -30.38 1.57 -0.83
CA VAL A 428 -30.82 2.02 0.50
C VAL A 428 -29.82 1.71 1.61
N ASN A 434 -26.54 5.81 0.00
CA ASN A 434 -25.63 6.62 -0.81
C ASN A 434 -25.74 6.23 -2.29
N PRO A 435 -25.72 7.22 -3.21
CA PRO A 435 -25.90 6.90 -4.65
C PRO A 435 -24.74 6.13 -5.28
N ILE A 436 -25.02 5.47 -6.40
CA ILE A 436 -24.03 4.66 -7.10
C ILE A 436 -23.09 5.57 -7.90
N MET A 437 -21.83 5.58 -7.48
CA MET A 437 -20.76 6.30 -8.17
C MET A 437 -20.13 5.34 -9.18
N PRO A 438 -20.32 5.61 -10.50
CA PRO A 438 -19.84 4.68 -11.53
C PRO A 438 -18.36 4.70 -11.76
N GLY A 439 -17.66 5.72 -11.26
CA GLY A 439 -16.22 5.80 -11.31
C GLY A 439 -15.57 4.58 -10.66
N GLY A 440 -16.09 4.27 -9.48
CA GLY A 440 -15.62 3.13 -8.69
C GLY A 440 -15.77 1.84 -9.49
N TYR A 441 -16.94 1.70 -10.09
CA TYR A 441 -17.27 0.52 -10.91
C TYR A 441 -16.27 0.38 -12.05
N ALA A 442 -16.02 1.50 -12.70
CA ALA A 442 -15.08 1.58 -13.83
C ALA A 442 -13.70 1.10 -13.40
N LEU A 443 -13.28 1.61 -12.25
CA LEU A 443 -11.98 1.27 -11.65
C LEU A 443 -11.88 -0.24 -11.42
N ALA A 444 -12.95 -0.77 -10.85
CA ALA A 444 -13.05 -2.20 -10.55
C ALA A 444 -12.89 -3.02 -11.82
N GLY A 445 -13.61 -2.59 -12.84
CA GLY A 445 -13.59 -3.23 -14.16
C GLY A 445 -12.18 -3.27 -14.71
N ALA A 446 -11.52 -2.12 -14.61
CA ALA A 446 -10.14 -1.95 -15.09
C ALA A 446 -9.22 -2.94 -14.38
N ALA A 447 -9.39 -3.01 -13.07
CA ALA A 447 -8.58 -3.88 -12.21
C ALA A 447 -8.78 -5.36 -12.66
N ALA A 448 -10.02 -5.70 -12.90
CA ALA A 448 -10.53 -7.04 -12.96
C ALA A 448 -10.13 -7.57 -14.30
N PHE A 449 -10.53 -6.86 -15.36
CA PHE A 449 -10.34 -7.30 -16.74
C PHE A 449 -8.87 -7.53 -17.01
N SER A 450 -8.06 -6.54 -16.58
CA SER A 450 -6.61 -6.60 -16.79
C SER A 450 -6.02 -7.83 -16.10
N GLY A 451 -6.48 -8.05 -14.88
CA GLY A 451 -6.04 -9.21 -14.08
C GLY A 451 -6.34 -10.50 -14.80
N ALA A 452 -7.57 -10.57 -15.32
CA ALA A 452 -8.06 -11.74 -16.05
C ALA A 452 -7.16 -12.02 -17.25
N VAL A 453 -6.86 -10.94 -17.97
CA VAL A 453 -6.02 -11.00 -19.16
C VAL A 453 -4.64 -11.56 -18.79
N THR A 454 -4.11 -10.98 -17.71
CA THR A 454 -2.72 -11.13 -17.27
C THR A 454 -2.49 -12.25 -16.24
N HIS A 455 -3.57 -12.86 -15.73
CA HIS A 455 -3.49 -13.92 -14.69
C HIS A 455 -2.78 -13.43 -13.42
N SER A 456 -3.08 -12.19 -13.03
CA SER A 456 -2.36 -11.54 -11.93
C SER A 456 -3.24 -10.57 -11.15
N ILE A 457 -3.53 -10.88 -9.88
CA ILE A 457 -4.43 -10.04 -9.09
C ILE A 457 -3.75 -8.87 -8.38
N SER A 458 -2.42 -8.76 -8.55
CA SER A 458 -1.68 -7.50 -8.36
C SER A 458 -2.25 -6.28 -9.10
N THR A 459 -3.03 -6.57 -10.14
CA THR A 459 -3.69 -5.58 -10.96
C THR A 459 -4.58 -4.69 -10.10
N ALA A 460 -5.34 -5.33 -9.22
CA ALA A 460 -6.24 -4.65 -8.30
C ALA A 460 -5.47 -3.64 -7.44
N LEU A 461 -4.35 -4.14 -6.91
CA LEU A 461 -3.47 -3.35 -6.05
C LEU A 461 -2.98 -2.12 -6.81
N LEU A 462 -2.56 -2.36 -8.04
CA LEU A 462 -2.05 -1.31 -8.93
C LEU A 462 -3.09 -0.23 -9.13
N ALA A 463 -4.31 -0.69 -9.40
CA ALA A 463 -5.47 0.17 -9.63
C ALA A 463 -5.69 1.07 -8.42
N PHE A 464 -5.66 0.43 -7.25
CA PHE A 464 -5.86 1.10 -5.97
C PHE A 464 -4.83 2.21 -5.79
N GLU A 465 -3.58 1.85 -6.09
CA GLU A 465 -2.45 2.78 -5.97
C GLU A 465 -2.67 4.00 -6.86
N LEU A 466 -3.10 3.71 -8.09
CA LEU A 466 -3.37 4.74 -9.10
C LEU A 466 -4.43 5.71 -8.58
N THR A 467 -5.48 5.12 -8.03
CA THR A 467 -6.61 5.88 -7.47
C THR A 467 -6.12 6.82 -6.37
N GLY A 468 -5.29 6.29 -5.47
CA GLY A 468 -4.86 7.00 -4.26
C GLY A 468 -5.70 6.70 -3.02
N GLN A 469 -6.79 5.96 -3.20
CA GLN A 469 -7.74 5.64 -2.14
C GLN A 469 -7.82 4.12 -1.96
N ILE A 470 -7.89 3.68 -0.70
CA ILE A 470 -8.00 2.28 -0.32
C ILE A 470 -9.38 1.99 0.30
N VAL A 471 -10.38 2.80 -0.06
CA VAL A 471 -11.76 2.61 0.39
C VAL A 471 -12.52 1.55 -0.44
N HIS A 472 -12.09 1.35 -1.69
CA HIS A 472 -12.68 0.33 -2.58
C HIS A 472 -11.94 -1.01 -2.47
N ALA A 473 -11.45 -1.36 -1.28
CA ALA A 473 -10.40 -2.38 -1.12
C ALA A 473 -10.88 -3.79 -1.41
N LEU A 474 -11.93 -4.21 -0.73
CA LEU A 474 -12.43 -5.58 -0.83
C LEU A 474 -13.13 -5.91 -2.14
N PRO A 475 -14.17 -5.13 -2.49
CA PRO A 475 -15.09 -5.53 -3.55
C PRO A 475 -14.35 -5.68 -4.86
N VAL A 476 -13.50 -4.70 -5.13
CA VAL A 476 -12.69 -4.67 -6.36
C VAL A 476 -11.82 -5.91 -6.43
N LEU A 477 -11.19 -6.21 -5.30
CA LEU A 477 -10.29 -7.36 -5.18
C LEU A 477 -11.04 -8.65 -5.50
N MET A 478 -12.23 -8.74 -4.92
CA MET A 478 -13.12 -9.90 -5.09
C MET A 478 -13.44 -10.09 -6.57
N ALA A 479 -13.79 -8.98 -7.20
CA ALA A 479 -14.14 -8.94 -8.62
C ALA A 479 -12.98 -9.47 -9.46
N VAL A 480 -11.80 -8.97 -9.14
CA VAL A 480 -10.56 -9.34 -9.82
C VAL A 480 -10.34 -10.85 -9.72
N LEU A 481 -10.52 -11.35 -8.50
CA LEU A 481 -10.36 -12.77 -8.20
C LEU A 481 -11.31 -13.60 -9.06
N ALA A 482 -12.55 -13.15 -9.11
CA ALA A 482 -13.60 -13.81 -9.88
C ALA A 482 -13.20 -13.89 -11.35
N ALA A 483 -12.72 -12.76 -11.85
CA ALA A 483 -12.28 -12.64 -13.25
C ALA A 483 -11.18 -13.65 -13.54
N ASN A 484 -10.23 -13.70 -12.62
CA ASN A 484 -9.08 -14.62 -12.72
C ASN A 484 -9.56 -16.05 -12.81
N ALA A 485 -10.49 -16.38 -11.93
CA ALA A 485 -11.09 -17.72 -11.86
C ALA A 485 -11.72 -18.09 -13.18
N ILE A 486 -12.47 -17.14 -13.72
CA ILE A 486 -13.14 -17.55 -14.93
C ILE A 486 -12.17 -17.61 -16.10
N ALA A 487 -11.12 -16.82 -16.10
CA ALA A 487 -10.24 -16.68 -17.23
C ALA A 487 -9.14 -17.74 -17.25
N GLN A 488 -8.56 -17.93 -16.07
CA GLN A 488 -7.46 -18.86 -15.82
C GLN A 488 -7.89 -20.34 -15.87
N SER A 489 -9.19 -20.59 -15.75
CA SER A 489 -9.75 -21.93 -15.98
C SER A 489 -9.99 -22.23 -17.48
N CYS A 490 -10.28 -21.21 -18.28
CA CYS A 490 -10.56 -21.36 -19.73
C CYS A 490 -9.32 -21.16 -20.61
N GLN A 491 -8.62 -20.05 -20.40
CA GLN A 491 -7.58 -19.56 -21.31
C GLN A 491 -6.22 -19.39 -20.65
N PRO A 492 -5.15 -19.24 -21.47
CA PRO A 492 -3.85 -18.81 -20.95
C PRO A 492 -3.80 -17.30 -20.83
N SER A 493 -2.78 -16.78 -20.14
CA SER A 493 -2.57 -15.32 -20.03
C SER A 493 -2.25 -14.71 -21.39
N PHE A 494 -2.42 -13.39 -21.49
CA PHE A 494 -2.05 -12.67 -22.73
C PHE A 494 -0.59 -13.01 -23.07
N TYR A 495 0.24 -12.82 -22.06
CA TYR A 495 1.69 -13.03 -22.17
C TYR A 495 1.98 -14.48 -22.58
N ASP A 496 1.29 -15.38 -21.91
CA ASP A 496 1.41 -16.83 -22.15
C ASP A 496 1.07 -17.14 -23.61
N GLY A 497 -0.03 -16.55 -24.05
CA GLY A 497 -0.53 -16.73 -25.42
C GLY A 497 0.53 -16.29 -26.42
N THR A 498 1.09 -15.12 -26.13
CA THR A 498 2.12 -14.51 -26.98
C THR A 498 3.32 -15.45 -27.10
N ILE A 499 3.72 -15.98 -25.94
CA ILE A 499 4.85 -16.90 -25.84
C ILE A 499 4.61 -18.13 -26.72
N ILE A 500 3.39 -18.65 -26.59
CA ILE A 500 2.97 -19.84 -27.34
C ILE A 500 3.08 -19.58 -28.84
N VAL A 501 2.59 -18.40 -29.23
CA VAL A 501 2.60 -17.98 -30.63
C VAL A 501 4.04 -17.93 -31.16
N LYS A 502 4.90 -17.35 -30.33
CA LYS A 502 6.32 -17.21 -30.67
C LYS A 502 6.95 -18.58 -30.88
N LYS A 503 6.66 -19.48 -29.94
CA LYS A 503 7.34 -20.76 -29.75
C LYS A 503 8.72 -20.50 -29.11
N LEU A 504 8.71 -19.78 -27.99
CA LEU A 504 9.93 -19.51 -27.21
C LEU A 504 10.17 -20.61 -26.19
N PRO A 505 11.45 -20.87 -25.86
CA PRO A 505 11.81 -21.98 -24.98
C PRO A 505 11.48 -21.77 -23.49
N TYR A 506 10.19 -21.93 -23.16
CA TYR A 506 9.69 -21.82 -21.78
C TYR A 506 9.04 -23.16 -21.43
N LEU A 507 9.61 -23.85 -20.45
CA LEU A 507 9.22 -25.24 -20.14
C LEU A 507 7.86 -25.43 -19.44
N PRO A 508 7.53 -24.61 -18.42
CA PRO A 508 6.33 -24.88 -17.59
C PRO A 508 4.97 -25.02 -18.31
N TRP A 509 4.02 -25.58 -17.59
CA TRP A 509 2.70 -25.92 -18.14
C TRP A 509 1.87 -24.67 -18.42
N ILE A 510 1.26 -24.63 -19.60
CA ILE A 510 0.36 -23.55 -20.02
C ILE A 510 -0.95 -24.16 -20.54
N ARG A 511 -2.07 -23.53 -20.19
CA ARG A 511 -3.38 -23.98 -20.64
C ARG A 511 -3.55 -23.78 -22.14
N GLY A 512 -4.16 -24.77 -22.80
CA GLY A 512 -4.40 -24.72 -24.23
C GLY A 512 -3.14 -24.77 -25.09
N ARG A 513 -2.11 -25.46 -24.60
CA ARG A 513 -0.86 -25.63 -25.34
C ARG A 513 -0.46 -27.10 -25.33
N LYS A 514 -0.84 -27.82 -26.39
CA LYS A 514 -0.57 -29.25 -26.52
C LYS A 514 0.91 -29.50 -26.81
N ILE A 515 1.57 -30.23 -25.90
CA ILE A 515 3.00 -30.50 -26.00
C ILE A 515 3.41 -31.68 -25.10
N SER A 516 4.47 -32.40 -25.50
CA SER A 516 4.97 -33.56 -24.77
C SER A 516 6.01 -33.16 -23.70
N SER A 517 5.53 -32.55 -22.61
CA SER A 517 6.40 -32.13 -21.50
C SER A 517 6.66 -33.26 -20.49
N HIS A 518 5.65 -34.10 -20.27
CA HIS A 518 5.75 -35.22 -19.33
C HIS A 518 6.48 -36.45 -19.91
N ARG A 519 6.49 -36.59 -21.23
CA ARG A 519 7.01 -37.81 -21.90
C ARG A 519 8.54 -37.87 -21.89
N VAL A 520 9.17 -36.81 -22.39
CA VAL A 520 10.65 -36.74 -22.49
C VAL A 520 11.36 -36.94 -21.15
N THR A 521 12.00 -38.09 -21.02
CA THR A 521 12.80 -38.42 -19.83
C THR A 521 14.21 -37.85 -20.00
N VAL A 522 15.06 -38.04 -19.01
CA VAL A 522 16.47 -37.66 -19.11
C VAL A 522 17.20 -38.47 -20.19
N GLU A 523 16.82 -39.74 -20.36
CA GLU A 523 17.41 -40.63 -21.39
C GLU A 523 17.51 -40.00 -22.79
N HIS A 524 16.50 -39.23 -23.18
CA HIS A 524 16.44 -38.65 -24.53
C HIS A 524 17.37 -37.45 -24.74
N PHE A 525 17.52 -36.59 -23.73
CA PHE A 525 18.31 -35.35 -23.85
C PHE A 525 19.67 -35.33 -23.14
N MET A 526 19.99 -36.38 -22.38
CA MET A 526 21.27 -36.44 -21.65
C MET A 526 22.48 -36.52 -22.57
N ASN A 527 23.62 -36.04 -22.09
CA ASN A 527 24.89 -36.13 -22.80
C ASN A 527 25.52 -37.49 -22.55
N ARG A 528 25.64 -38.29 -23.62
CA ARG A 528 26.23 -39.63 -23.53
C ARG A 528 27.75 -39.58 -23.41
N ALA A 529 28.36 -38.47 -23.85
CA ALA A 529 29.81 -38.28 -23.74
C ALA A 529 30.22 -38.08 -22.28
N ILE A 530 31.11 -38.95 -21.80
CA ILE A 530 31.64 -38.90 -20.44
C ILE A 530 33.15 -39.17 -20.47
N THR A 531 33.80 -38.84 -19.35
CA THR A 531 35.24 -38.95 -19.20
C THR A 531 35.56 -39.73 -17.93
N THR A 532 35.31 -41.04 -17.98
CA THR A 532 35.39 -41.90 -16.80
C THR A 532 36.83 -42.14 -16.35
N LEU A 533 37.21 -41.50 -15.24
CA LEU A 533 38.53 -41.68 -14.63
C LEU A 533 38.45 -42.73 -13.53
N ALA A 534 38.44 -44.00 -13.94
CA ALA A 534 38.31 -45.12 -13.00
C ALA A 534 39.59 -45.36 -12.22
N LYS A 535 39.46 -45.89 -11.00
CA LYS A 535 40.59 -46.19 -10.11
C LYS A 535 41.64 -47.09 -10.77
N ASP A 536 41.13 -48.17 -11.36
CA ASP A 536 41.92 -49.24 -11.99
C ASP A 536 42.80 -48.78 -13.17
N THR A 537 42.36 -47.76 -13.90
CA THR A 537 43.04 -47.33 -15.14
C THR A 537 44.46 -46.80 -14.88
N PRO A 538 45.36 -46.94 -15.87
CA PRO A 538 46.74 -46.46 -15.71
C PRO A 538 46.87 -44.93 -15.77
N GLN A 539 48.07 -44.46 -15.48
CA GLN A 539 48.36 -43.05 -15.26
C GLN A 539 48.55 -42.32 -16.57
N GLU A 540 49.24 -42.97 -17.49
CA GLU A 540 49.48 -42.43 -18.84
C GLU A 540 48.17 -42.14 -19.53
N GLU A 541 47.26 -43.11 -19.43
CA GLU A 541 45.93 -43.01 -20.03
C GLU A 541 45.19 -41.80 -19.49
N VAL A 542 45.25 -41.67 -18.17
CA VAL A 542 44.62 -40.57 -17.45
C VAL A 542 45.14 -39.23 -17.96
N VAL A 543 46.46 -39.17 -18.08
CA VAL A 543 47.17 -37.97 -18.56
C VAL A 543 46.66 -37.59 -19.95
N LYS A 544 46.59 -38.61 -20.80
CA LYS A 544 46.12 -38.45 -22.18
C LYS A 544 44.73 -37.86 -22.21
N VAL A 545 43.87 -38.43 -21.36
CA VAL A 545 42.47 -38.02 -21.24
C VAL A 545 42.41 -36.53 -20.85
N VAL A 546 43.23 -36.18 -19.87
CA VAL A 546 43.31 -34.82 -19.35
C VAL A 546 43.68 -33.85 -20.48
N THR A 547 44.69 -34.26 -21.23
CA THR A 547 45.21 -33.48 -22.36
C THR A 547 44.11 -33.23 -23.38
N SER A 548 43.37 -34.30 -23.67
CA SER A 548 42.26 -34.27 -24.62
C SER A 548 41.07 -33.37 -24.25
N THR A 549 40.38 -33.68 -23.15
CA THR A 549 39.08 -33.07 -22.87
C THR A 549 39.13 -31.78 -22.04
N ASP A 550 39.85 -31.81 -20.93
CA ASP A 550 39.94 -30.69 -19.97
C ASP A 550 38.56 -30.20 -19.49
N MET A 551 37.70 -31.16 -19.13
CA MET A 551 36.37 -30.85 -18.59
C MET A 551 36.45 -30.30 -17.17
N ALA A 552 35.41 -29.58 -16.76
CA ALA A 552 35.36 -28.92 -15.45
C ALA A 552 35.36 -29.91 -14.29
N GLU A 553 34.56 -30.97 -14.42
CA GLU A 553 34.40 -31.98 -13.38
C GLU A 553 34.36 -33.39 -13.98
N TYR A 554 35.39 -34.18 -13.71
CA TYR A 554 35.48 -35.57 -14.17
C TYR A 554 34.80 -36.51 -13.17
N PRO A 555 34.05 -37.53 -13.64
CA PRO A 555 33.52 -38.52 -12.70
C PRO A 555 34.57 -39.54 -12.25
N LEU A 556 34.51 -39.93 -10.98
CA LEU A 556 35.36 -40.98 -10.43
C LEU A 556 34.57 -42.30 -10.40
N VAL A 557 35.13 -43.31 -11.04
CA VAL A 557 34.49 -44.63 -11.18
C VAL A 557 35.25 -45.65 -10.32
N ALA A 558 34.55 -46.71 -9.90
CA ALA A 558 35.17 -47.80 -9.15
C ALA A 558 36.14 -48.64 -10.01
N SER A 559 35.59 -49.23 -11.08
CA SER A 559 36.37 -50.02 -12.04
C SER A 559 35.82 -49.87 -13.46
N THR A 560 36.64 -50.17 -14.45
CA THR A 560 36.30 -49.96 -15.87
C THR A 560 35.11 -50.78 -16.37
N GLU A 561 34.99 -52.01 -15.88
CA GLU A 561 33.92 -52.92 -16.30
C GLU A 561 32.55 -52.50 -15.73
N SER A 562 32.50 -52.29 -14.43
CA SER A 562 31.24 -51.96 -13.72
C SER A 562 30.71 -50.55 -14.02
N GLN A 563 31.62 -49.59 -14.23
CA GLN A 563 31.29 -48.18 -14.52
C GLN A 563 30.48 -47.45 -13.41
N THR A 564 30.65 -47.91 -12.16
CA THR A 564 29.88 -47.37 -11.02
C THR A 564 30.59 -46.17 -10.39
N LEU A 565 29.81 -45.12 -10.10
CA LEU A 565 30.33 -43.87 -9.53
C LEU A 565 30.77 -44.03 -8.08
N VAL A 566 31.89 -43.39 -7.75
CA VAL A 566 32.32 -43.22 -6.36
C VAL A 566 32.82 -41.77 -6.21
N GLY A 567 32.00 -40.82 -6.66
CA GLY A 567 32.29 -39.39 -6.52
C GLY A 567 32.86 -38.72 -7.76
N THR A 568 33.43 -37.52 -7.56
CA THR A 568 33.90 -36.67 -8.64
C THR A 568 35.29 -36.07 -8.36
N MET A 569 35.92 -35.58 -9.43
CA MET A 569 37.25 -34.99 -9.41
C MET A 569 37.25 -33.70 -10.23
N ARG A 570 38.08 -32.73 -9.81
CA ARG A 570 38.28 -31.48 -10.56
C ARG A 570 39.56 -31.56 -11.41
N ARG A 571 39.61 -30.74 -12.45
CA ARG A 571 40.56 -30.94 -13.55
C ARG A 571 41.91 -30.37 -13.19
N ALA A 572 41.87 -29.13 -12.70
CA ALA A 572 43.07 -28.38 -12.32
C ALA A 572 43.84 -29.15 -11.25
N GLN A 573 43.08 -29.63 -10.27
CA GLN A 573 43.65 -30.40 -9.14
C GLN A 573 44.36 -31.63 -9.66
N LEU A 574 43.68 -32.32 -10.58
CA LEU A 574 44.21 -33.54 -11.20
C LEU A 574 45.54 -33.25 -11.88
N VAL A 575 45.53 -32.15 -12.64
CA VAL A 575 46.71 -31.71 -13.39
C VAL A 575 47.88 -31.48 -12.44
N GLN A 576 47.57 -30.79 -11.34
CA GLN A 576 48.55 -30.45 -10.31
C GLN A 576 49.18 -31.74 -9.75
N ALA A 577 48.30 -32.69 -9.46
CA ALA A 577 48.68 -33.99 -8.91
C ALA A 577 49.66 -34.69 -9.85
N LEU A 578 49.28 -34.67 -11.13
CA LEU A 578 50.07 -35.29 -12.20
C LEU A 578 51.47 -34.68 -12.23
N GLN A 579 51.49 -33.35 -12.18
CA GLN A 579 52.73 -32.57 -12.19
C GLN A 579 53.64 -32.99 -11.03
N ALA A 580 53.01 -33.09 -9.87
CA ALA A 580 53.70 -33.48 -8.64
C ALA A 580 54.34 -34.86 -8.81
N LEU A 593 44.93 -44.96 -11.15
CA LEU A 593 44.26 -43.91 -10.37
C LEU A 593 43.98 -44.26 -8.90
N GLN A 594 44.09 -45.55 -8.59
CA GLN A 594 44.19 -46.03 -7.19
C GLN A 594 45.38 -45.37 -6.51
N ASP A 595 46.51 -45.35 -7.22
CA ASP A 595 47.75 -44.76 -6.72
C ASP A 595 47.52 -43.29 -6.36
N ILE A 596 46.87 -42.60 -7.28
CA ILE A 596 46.55 -41.18 -7.14
C ILE A 596 45.72 -40.95 -5.89
N LEU A 597 44.71 -41.79 -5.74
CA LEU A 597 43.79 -41.74 -4.60
C LEU A 597 44.57 -41.88 -3.30
N ALA A 598 45.46 -42.87 -3.30
CA ALA A 598 46.31 -43.18 -2.14
C ALA A 598 47.14 -41.96 -1.76
N GLU A 599 47.72 -41.36 -2.78
CA GLU A 599 48.56 -40.15 -2.64
C GLU A 599 47.76 -39.03 -1.97
N GLY A 600 46.51 -38.84 -2.37
CA GLY A 600 45.56 -38.00 -1.61
C GLY A 600 44.92 -36.89 -2.42
N CYS A 601 44.20 -37.28 -3.46
CA CYS A 601 43.45 -36.35 -4.30
C CYS A 601 41.99 -36.43 -3.82
N PRO A 602 41.35 -35.27 -3.54
CA PRO A 602 40.08 -35.25 -2.82
C PRO A 602 38.89 -35.80 -3.63
N VAL A 603 38.18 -36.76 -3.03
CA VAL A 603 37.01 -37.39 -3.64
C VAL A 603 35.75 -36.67 -3.13
N GLU A 604 35.27 -35.69 -3.90
CA GLU A 604 34.01 -35.01 -3.60
C GLU A 604 32.86 -35.91 -4.07
N PRO A 605 32.09 -36.50 -3.13
CA PRO A 605 31.08 -37.49 -3.54
C PRO A 605 29.86 -36.86 -4.21
N VAL A 606 29.17 -37.66 -5.03
CA VAL A 606 28.00 -37.19 -5.76
C VAL A 606 26.86 -37.06 -4.77
N THR A 607 26.38 -35.83 -4.58
CA THR A 607 25.33 -35.53 -3.59
C THR A 607 23.95 -36.03 -4.03
N LEU A 608 23.67 -35.95 -5.32
CA LEU A 608 22.36 -36.26 -5.86
C LEU A 608 22.50 -36.90 -7.23
N LYS A 609 21.69 -37.92 -7.50
CA LYS A 609 21.81 -38.72 -8.72
C LYS A 609 20.45 -38.83 -9.41
N LEU A 610 20.39 -38.46 -10.69
CA LEU A 610 19.19 -38.64 -11.51
C LEU A 610 19.20 -40.03 -12.14
N SER A 611 18.01 -40.56 -12.39
CA SER A 611 17.85 -41.78 -13.20
C SER A 611 17.67 -41.38 -14.67
N PRO A 612 17.89 -42.32 -15.60
CA PRO A 612 17.60 -42.01 -17.01
C PRO A 612 16.09 -41.90 -17.29
N GLU A 613 15.28 -42.60 -16.50
CA GLU A 613 13.83 -42.65 -16.69
C GLU A 613 13.06 -41.48 -16.06
N THR A 614 13.72 -40.59 -15.31
CA THR A 614 13.06 -39.43 -14.71
C THR A 614 12.69 -38.38 -15.75
N SER A 615 11.56 -37.71 -15.51
CA SER A 615 11.00 -36.76 -16.47
C SER A 615 11.88 -35.53 -16.62
N LEU A 616 11.77 -34.87 -17.76
CA LEU A 616 12.54 -33.66 -18.03
C LEU A 616 12.09 -32.56 -17.05
N HIS A 617 10.77 -32.43 -16.92
CA HIS A 617 10.14 -31.34 -16.20
C HIS A 617 10.66 -31.28 -14.76
N GLN A 618 10.65 -32.45 -14.15
CA GLN A 618 11.08 -32.61 -12.74
C GLN A 618 12.53 -32.17 -12.60
N ALA A 619 13.35 -32.63 -13.54
CA ALA A 619 14.77 -32.31 -13.58
C ALA A 619 14.98 -30.80 -13.64
N HIS A 620 14.21 -30.18 -14.53
CA HIS A 620 14.26 -28.73 -14.74
C HIS A 620 13.95 -28.01 -13.45
N ASN A 621 12.89 -28.48 -12.80
CA ASN A 621 12.42 -27.90 -11.53
C ASN A 621 13.53 -27.95 -10.49
N LEU A 622 14.15 -29.13 -10.42
CA LEU A 622 15.24 -29.40 -9.48
C LEU A 622 16.38 -28.41 -9.70
N PHE A 623 16.72 -28.25 -10.98
CA PHE A 623 17.80 -27.36 -11.41
C PHE A 623 17.50 -25.92 -10.95
N GLU A 624 16.25 -25.52 -11.18
CA GLU A 624 15.78 -24.19 -10.83
C GLU A 624 15.92 -23.96 -9.34
N LEU A 625 15.52 -24.97 -8.57
CA LEU A 625 15.23 -24.71 -7.11
C LEU A 625 16.46 -24.79 -6.26
N LEU A 626 17.27 -25.82 -6.47
CA LEU A 626 18.52 -26.00 -5.72
C LEU A 626 19.71 -25.20 -6.27
N ASN A 627 19.51 -24.46 -7.37
CA ASN A 627 20.55 -23.62 -7.99
C ASN A 627 21.79 -24.43 -8.32
N LEU A 628 21.57 -25.49 -9.10
CA LEU A 628 22.65 -26.39 -9.53
C LEU A 628 23.14 -26.00 -10.91
N GLN A 629 24.38 -26.40 -11.21
CA GLN A 629 25.00 -26.15 -12.52
C GLN A 629 25.13 -27.43 -13.35
N SER A 630 25.38 -28.57 -12.70
CA SER A 630 25.45 -29.86 -13.38
C SER A 630 25.08 -31.02 -12.45
N LEU A 631 24.73 -32.16 -13.04
CA LEU A 631 24.25 -33.32 -12.27
C LEU A 631 24.41 -34.63 -13.05
N PHE A 632 24.98 -35.64 -12.42
CA PHE A 632 25.23 -36.94 -13.08
C PHE A 632 24.01 -37.85 -13.10
N VAL A 633 24.00 -38.78 -14.05
CA VAL A 633 22.90 -39.74 -14.23
C VAL A 633 23.38 -41.16 -13.95
N THR A 634 22.59 -41.93 -13.21
CA THR A 634 22.91 -43.32 -12.86
C THR A 634 21.79 -44.27 -13.26
N SER A 635 22.16 -45.36 -13.95
CA SER A 635 21.25 -46.44 -14.26
C SER A 635 21.85 -47.73 -13.71
N GLN A 636 21.23 -48.28 -12.67
CA GLN A 636 21.78 -49.42 -11.91
C GLN A 636 23.16 -49.11 -11.34
N GLY A 637 23.38 -47.84 -10.98
CA GLY A 637 24.67 -47.37 -10.46
C GLY A 637 25.67 -46.87 -11.49
N ARG A 638 25.50 -47.25 -12.75
CA ARG A 638 26.50 -46.95 -13.80
C ARG A 638 26.43 -45.50 -14.24
N ALA A 639 27.61 -44.87 -14.42
CA ALA A 639 27.67 -43.50 -14.93
C ALA A 639 27.28 -43.46 -16.41
N VAL A 640 25.98 -43.31 -16.66
CA VAL A 640 25.47 -43.30 -18.04
C VAL A 640 25.71 -41.94 -18.70
N GLY A 641 25.49 -40.86 -17.94
CA GLY A 641 25.74 -39.52 -18.46
C GLY A 641 25.66 -38.37 -17.48
N PHE A 642 25.51 -37.17 -18.05
CA PHE A 642 25.85 -35.92 -17.39
C PHE A 642 24.88 -34.84 -17.87
N VAL A 643 23.99 -34.39 -16.99
CA VAL A 643 23.03 -33.32 -17.29
C VAL A 643 23.55 -31.95 -16.85
N SER A 644 23.63 -31.04 -17.82
CA SER A 644 23.95 -29.62 -17.59
C SER A 644 22.71 -28.81 -17.91
N TRP A 645 22.85 -27.49 -17.83
CA TRP A 645 21.82 -26.56 -18.24
C TRP A 645 21.68 -26.54 -19.74
N VAL A 646 22.81 -26.63 -20.45
CA VAL A 646 22.86 -26.52 -21.90
C VAL A 646 21.93 -27.55 -22.55
N GLU A 647 22.08 -28.77 -22.07
CA GLU A 647 21.30 -29.93 -22.56
C GLU A 647 19.82 -29.67 -22.37
N LEU A 648 19.49 -29.18 -21.17
CA LEU A 648 18.10 -28.87 -20.80
C LEU A 648 17.53 -27.85 -21.76
N GLU A 649 18.31 -26.81 -22.01
CA GLU A 649 17.94 -25.71 -22.92
C GLU A 649 17.63 -26.26 -24.30
N LYS A 650 18.52 -27.12 -24.76
CA LYS A 650 18.40 -27.76 -26.07
C LYS A 650 17.10 -28.53 -26.17
N ALA A 651 16.83 -29.30 -25.12
CA ALA A 651 15.62 -30.12 -25.02
C ALA A 651 14.38 -29.24 -25.14
N ILE A 652 14.42 -28.14 -24.39
CA ILE A 652 13.31 -27.17 -24.36
C ILE A 652 13.05 -26.64 -25.76
N SER A 653 14.15 -26.28 -26.43
CA SER A 653 14.11 -25.73 -27.79
C SER A 653 13.44 -26.73 -28.73
N LYS A 654 13.87 -27.98 -28.60
CA LYS A 654 13.36 -29.09 -29.41
C LYS A 654 11.85 -29.21 -29.23
N LEU A 655 11.44 -29.16 -27.96
CA LEU A 655 10.04 -29.27 -27.57
C LEU A 655 9.23 -28.16 -28.24
N THR A 656 9.77 -26.96 -28.16
CA THR A 656 9.14 -25.77 -28.72
C THR A 656 8.96 -25.94 -30.23
N ASN A 657 10.07 -26.25 -30.91
CA ASN A 657 10.20 -26.18 -32.37
C ASN A 657 10.66 -27.52 -32.97
N PRO A 658 9.71 -28.32 -33.51
CA PRO A 658 10.11 -29.54 -34.21
C PRO A 658 10.75 -29.27 -35.59
N ASP B 1 -36.62 24.71 -30.07
CA ASP B 1 -37.44 25.63 -29.21
C ASP B 1 -38.48 24.85 -28.41
N VAL B 2 -38.03 24.21 -27.33
CA VAL B 2 -38.91 23.44 -26.44
C VAL B 2 -39.66 24.43 -25.55
N GLN B 3 -40.97 24.23 -25.43
CA GLN B 3 -41.83 25.15 -24.66
C GLN B 3 -42.73 24.37 -23.72
N LEU B 4 -42.78 24.84 -22.47
CA LEU B 4 -43.56 24.22 -21.40
C LEU B 4 -44.60 25.21 -20.90
N GLN B 5 -45.83 24.73 -20.67
CA GLN B 5 -46.92 25.60 -20.21
C GLN B 5 -47.69 24.94 -19.05
N GLU B 6 -47.68 25.58 -17.90
CA GLU B 6 -48.42 25.09 -16.73
C GLU B 6 -49.89 25.51 -16.77
N SER B 7 -50.72 24.75 -16.07
CA SER B 7 -52.14 25.09 -15.88
C SER B 7 -52.74 24.33 -14.69
N GLY B 8 -53.63 25.00 -13.98
CA GLY B 8 -54.27 24.44 -12.78
C GLY B 8 -54.98 25.49 -11.93
N PRO B 9 -55.57 25.08 -10.79
CA PRO B 9 -56.26 25.99 -9.89
C PRO B 9 -55.29 26.75 -8.96
N GLY B 10 -55.52 28.05 -8.81
CA GLY B 10 -54.67 28.90 -7.98
C GLY B 10 -55.03 28.84 -6.50
N LEU B 11 -56.25 29.25 -6.18
CA LEU B 11 -56.76 29.21 -4.79
C LEU B 11 -57.16 27.79 -4.43
N VAL B 12 -56.66 27.31 -3.29
CA VAL B 12 -56.91 25.94 -2.81
C VAL B 12 -57.21 25.96 -1.31
N LYS B 13 -58.04 25.01 -0.87
CA LYS B 13 -58.35 24.82 0.55
C LYS B 13 -57.37 23.81 1.16
N PRO B 14 -56.77 24.13 2.33
CA PRO B 14 -55.76 23.22 2.93
C PRO B 14 -56.33 21.85 3.33
N SER B 15 -55.45 20.85 3.37
CA SER B 15 -55.83 19.44 3.55
C SER B 15 -56.79 18.93 2.46
N GLN B 16 -56.53 19.35 1.22
CA GLN B 16 -57.27 18.90 0.04
C GLN B 16 -56.27 18.83 -1.11
N SER B 17 -56.15 17.66 -1.73
CA SER B 17 -55.05 17.36 -2.65
C SER B 17 -55.09 18.18 -3.94
N LEU B 18 -53.98 18.87 -4.23
CA LEU B 18 -53.86 19.69 -5.45
C LEU B 18 -53.15 18.93 -6.58
N SER B 19 -53.45 19.36 -7.80
CA SER B 19 -52.89 18.78 -9.01
C SER B 19 -52.69 19.84 -10.08
N LEU B 20 -51.52 19.82 -10.72
CA LEU B 20 -51.14 20.82 -11.74
C LEU B 20 -50.78 20.13 -13.04
N THR B 21 -51.38 20.58 -14.14
CA THR B 21 -51.11 19.99 -15.46
C THR B 21 -50.07 20.83 -16.21
N CYS B 22 -48.92 20.23 -16.51
CA CYS B 22 -47.87 20.89 -17.29
C CYS B 22 -47.84 20.31 -18.71
N THR B 23 -48.25 21.11 -19.70
CA THR B 23 -48.27 20.70 -21.10
C THR B 23 -46.95 21.07 -21.79
N VAL B 24 -46.55 20.23 -22.74
CA VAL B 24 -45.29 20.36 -23.48
C VAL B 24 -45.57 20.57 -24.96
N THR B 25 -44.79 21.47 -25.58
CA THR B 25 -44.84 21.68 -27.05
C THR B 25 -43.42 21.90 -27.59
N GLY B 26 -43.08 21.17 -28.66
CA GLY B 26 -41.75 21.21 -29.26
C GLY B 26 -40.88 19.99 -28.98
N ASP B 27 -41.24 19.20 -27.96
CA ASP B 27 -40.47 18.03 -27.56
C ASP B 27 -41.37 16.93 -26.98
N SER B 28 -41.02 15.68 -27.25
CA SER B 28 -41.78 14.53 -26.75
C SER B 28 -41.38 14.20 -25.32
N VAL B 29 -42.34 13.70 -24.55
CA VAL B 29 -42.10 13.28 -23.17
C VAL B 29 -41.27 11.99 -23.12
N THR B 30 -41.38 11.17 -24.15
CA THR B 30 -40.68 9.88 -24.22
C THR B 30 -39.15 9.97 -24.45
N SER B 31 -38.62 11.17 -24.69
CA SER B 31 -37.18 11.39 -24.80
C SER B 31 -36.49 11.28 -23.43
N ASP B 32 -35.22 10.86 -23.46
CA ASP B 32 -34.43 10.64 -22.23
C ASP B 32 -33.94 11.96 -21.66
N TYR B 33 -34.78 12.58 -20.83
CA TYR B 33 -34.44 13.82 -20.13
C TYR B 33 -35.03 13.78 -18.71
N ALA B 34 -34.69 14.80 -17.93
CA ALA B 34 -35.17 14.93 -16.54
C ALA B 34 -36.36 15.89 -16.45
N TRP B 35 -37.57 15.36 -16.61
CA TRP B 35 -38.79 16.17 -16.63
C TRP B 35 -39.22 16.53 -15.22
N SER B 36 -38.67 17.65 -14.74
CA SER B 36 -38.65 17.97 -13.31
C SER B 36 -39.60 19.08 -12.89
N TRP B 37 -39.93 19.06 -11.60
CA TRP B 37 -40.77 20.08 -10.96
C TRP B 37 -40.00 20.79 -9.85
N ILE B 38 -40.16 22.10 -9.78
CA ILE B 38 -39.46 22.97 -8.83
C ILE B 38 -40.47 24.01 -8.35
N ARG B 39 -40.31 24.52 -7.13
CA ARG B 39 -41.18 25.61 -6.65
C ARG B 39 -40.40 26.69 -5.93
N GLN B 40 -40.90 27.93 -6.05
CA GLN B 40 -40.30 29.11 -5.45
C GLN B 40 -41.28 29.71 -4.45
N PHE B 41 -40.82 29.90 -3.22
CA PHE B 41 -41.64 30.50 -2.16
C PHE B 41 -41.78 32.01 -2.36
N PRO B 42 -42.71 32.65 -1.62
CA PRO B 42 -42.79 34.13 -1.66
C PRO B 42 -41.50 34.85 -1.25
N GLY B 43 -40.71 34.25 -0.37
CA GLY B 43 -39.40 34.78 0.01
C GLY B 43 -38.26 34.58 -0.98
N LYS B 44 -38.56 33.98 -2.14
CA LYS B 44 -37.62 33.82 -3.26
C LYS B 44 -36.49 32.83 -2.94
N LYS B 45 -36.91 31.62 -2.57
CA LYS B 45 -36.02 30.49 -2.31
C LYS B 45 -36.55 29.30 -3.10
N LEU B 46 -35.72 28.71 -3.95
CA LEU B 46 -36.13 27.62 -4.84
C LEU B 46 -35.96 26.27 -4.16
N GLU B 47 -36.97 25.41 -4.30
CA GLU B 47 -36.92 24.03 -3.81
C GLU B 47 -37.30 23.07 -4.93
N TRP B 48 -36.51 22.00 -5.04
CA TRP B 48 -36.68 20.98 -6.07
C TRP B 48 -37.66 19.91 -5.58
N MET B 49 -38.64 19.57 -6.41
CA MET B 49 -39.68 18.60 -6.05
C MET B 49 -39.22 17.20 -6.42
N GLY B 50 -38.93 17.00 -7.70
CA GLY B 50 -38.64 15.68 -8.26
C GLY B 50 -38.82 15.64 -9.76
N TYR B 51 -38.70 14.45 -10.34
CA TYR B 51 -38.85 14.25 -11.79
C TYR B 51 -39.18 12.79 -12.19
N ILE B 52 -39.72 12.64 -13.40
CA ILE B 52 -39.96 11.32 -14.01
C ILE B 52 -38.97 11.08 -15.14
N THR B 53 -38.55 9.83 -15.30
CA THR B 53 -37.71 9.38 -16.40
C THR B 53 -38.52 9.14 -17.68
N TYR B 54 -37.85 8.78 -18.77
CA TYR B 54 -38.52 8.41 -20.02
C TYR B 54 -39.45 7.21 -19.87
N SER B 55 -39.02 6.21 -19.09
CA SER B 55 -39.81 5.01 -18.84
C SER B 55 -41.03 5.27 -17.95
N GLY B 56 -40.81 6.03 -16.87
CA GLY B 56 -41.85 6.27 -15.86
C GLY B 56 -41.42 6.23 -14.41
N ASN B 57 -40.23 5.73 -14.11
CA ASN B 57 -39.71 5.68 -12.74
C ASN B 57 -39.56 7.09 -12.16
N THR B 58 -40.31 7.37 -11.09
CA THR B 58 -40.35 8.69 -10.46
C THR B 58 -39.24 8.81 -9.41
N ILE B 59 -38.64 10.00 -9.33
CA ILE B 59 -37.67 10.33 -8.28
C ILE B 59 -38.12 11.62 -7.60
N TYR B 60 -38.03 11.66 -6.28
CA TYR B 60 -38.51 12.78 -5.48
C TYR B 60 -37.44 13.33 -4.55
N ASN B 61 -37.73 14.48 -3.96
CA ASN B 61 -36.93 15.04 -2.88
C ASN B 61 -37.18 14.18 -1.63
N PRO B 62 -36.12 13.68 -0.98
CA PRO B 62 -36.25 12.91 0.27
C PRO B 62 -37.13 13.54 1.37
N SER B 63 -37.11 14.87 1.46
CA SER B 63 -37.91 15.60 2.45
C SER B 63 -39.44 15.57 2.19
N LEU B 64 -39.85 15.25 0.97
CA LEU B 64 -41.26 15.28 0.56
C LEU B 64 -41.69 14.00 -0.15
N LYS B 65 -41.22 12.84 0.32
CA LYS B 65 -41.53 11.54 -0.30
C LYS B 65 -42.97 11.10 -0.07
N SER B 66 -43.44 11.28 1.17
CA SER B 66 -44.78 10.84 1.58
C SER B 66 -45.91 11.50 0.79
N ARG B 67 -45.86 12.82 0.68
CA ARG B 67 -46.96 13.60 0.08
C ARG B 67 -46.95 13.65 -1.46
N ILE B 68 -45.76 13.76 -2.06
CA ILE B 68 -45.65 13.98 -3.52
C ILE B 68 -45.94 12.69 -4.31
N SER B 69 -46.61 12.87 -5.46
CA SER B 69 -46.81 11.82 -6.44
C SER B 69 -46.97 12.44 -7.84
N ILE B 70 -46.09 12.05 -8.76
CA ILE B 70 -45.96 12.67 -10.08
C ILE B 70 -46.21 11.62 -11.17
N THR B 71 -47.03 11.95 -12.16
CA THR B 71 -47.38 11.04 -13.26
C THR B 71 -47.41 11.76 -14.62
N ARG B 72 -47.49 10.96 -15.69
CA ARG B 72 -47.52 11.47 -17.06
C ARG B 72 -48.51 10.71 -17.94
N ASP B 73 -48.97 11.39 -18.99
CA ASP B 73 -49.75 10.77 -20.07
C ASP B 73 -48.98 10.94 -21.38
N THR B 74 -48.51 9.83 -21.94
CA THR B 74 -47.67 9.86 -23.15
C THR B 74 -48.43 10.24 -24.44
N SER B 75 -49.76 10.08 -24.43
CA SER B 75 -50.60 10.46 -25.57
C SER B 75 -50.64 11.97 -25.78
N LYS B 76 -50.89 12.70 -24.70
CA LYS B 76 -51.03 14.17 -24.73
C LYS B 76 -49.72 14.94 -24.50
N ASN B 77 -48.67 14.26 -24.03
CA ASN B 77 -47.42 14.90 -23.60
C ASN B 77 -47.64 15.94 -22.51
N GLN B 78 -47.96 15.45 -21.31
CA GLN B 78 -48.24 16.30 -20.14
C GLN B 78 -47.64 15.72 -18.86
N PHE B 79 -47.56 16.56 -17.82
CA PHE B 79 -47.15 16.12 -16.47
C PHE B 79 -48.21 16.50 -15.45
N PHE B 80 -48.52 15.54 -14.57
CA PHE B 80 -49.55 15.68 -13.56
C PHE B 80 -48.93 15.48 -12.18
N LEU B 81 -49.11 16.46 -11.30
CA LEU B 81 -48.83 16.29 -9.86
C LEU B 81 -50.09 15.84 -9.15
N GLN B 82 -49.89 15.20 -8.00
CA GLN B 82 -50.98 14.91 -7.07
C GLN B 82 -50.48 15.18 -5.66
N LEU B 83 -50.23 16.45 -5.38
CA LEU B 83 -49.66 16.87 -4.10
C LEU B 83 -50.74 16.88 -3.03
N LYS B 84 -50.57 16.02 -2.02
CA LYS B 84 -51.58 15.79 -0.98
C LYS B 84 -51.18 16.46 0.33
N SER B 85 -52.12 16.49 1.28
CA SER B 85 -51.92 17.08 2.60
C SER B 85 -51.37 18.50 2.51
N VAL B 86 -52.15 19.38 1.90
CA VAL B 86 -51.70 20.73 1.57
C VAL B 86 -51.75 21.61 2.81
N ILE B 87 -50.66 22.36 3.03
CA ILE B 87 -50.47 23.23 4.20
C ILE B 87 -50.23 24.66 3.72
N ILE B 88 -50.53 25.64 4.56
CA ILE B 88 -50.27 27.06 4.27
C ILE B 88 -48.80 27.40 3.99
N GLU B 89 -47.88 26.64 4.59
CA GLU B 89 -46.44 26.76 4.30
C GLU B 89 -46.07 26.38 2.85
N ASP B 90 -46.87 25.50 2.23
CA ASP B 90 -46.68 25.07 0.84
C ASP B 90 -47.02 26.14 -0.22
N THR B 91 -47.75 27.20 0.19
CA THR B 91 -48.06 28.35 -0.68
C THR B 91 -46.82 28.87 -1.43
N ALA B 92 -46.85 28.79 -2.75
CA ALA B 92 -45.67 29.11 -3.56
C ALA B 92 -46.01 29.29 -5.05
N THR B 93 -45.04 29.80 -5.79
CA THR B 93 -45.10 29.85 -7.26
C THR B 93 -44.39 28.64 -7.81
N TYR B 94 -45.12 27.81 -8.56
CA TYR B 94 -44.59 26.54 -9.08
C TYR B 94 -43.96 26.70 -10.47
N TYR B 95 -43.09 25.74 -10.81
CA TYR B 95 -42.29 25.78 -12.03
C TYR B 95 -41.99 24.37 -12.54
N CYS B 96 -42.50 24.08 -13.74
CA CYS B 96 -42.30 22.79 -14.42
C CYS B 96 -41.21 22.99 -15.45
N SER B 97 -40.15 22.17 -15.38
CA SER B 97 -38.94 22.39 -16.20
C SER B 97 -38.36 21.09 -16.76
N ARG B 98 -37.58 21.24 -17.84
CA ARG B 98 -36.82 20.13 -18.42
C ARG B 98 -35.41 20.14 -17.83
N GLY B 99 -35.32 19.72 -16.58
CA GLY B 99 -34.06 19.59 -15.86
C GLY B 99 -33.46 20.93 -15.51
N VAL B 100 -32.58 21.42 -16.38
CA VAL B 100 -31.93 22.71 -16.21
C VAL B 100 -32.05 23.65 -17.43
N ASP B 101 -32.36 23.11 -18.61
CA ASP B 101 -32.23 23.86 -19.86
C ASP B 101 -33.39 24.83 -20.07
N TYR B 102 -34.60 24.30 -20.13
CA TYR B 102 -35.80 25.10 -20.34
C TYR B 102 -36.69 25.04 -19.10
N TRP B 103 -37.37 26.15 -18.84
CA TRP B 103 -38.30 26.27 -17.71
C TRP B 103 -39.66 26.74 -18.23
N GLY B 104 -40.73 26.33 -17.54
CA GLY B 104 -42.07 26.83 -17.80
C GLY B 104 -42.25 28.23 -17.22
N GLN B 105 -43.30 28.92 -17.65
CA GLN B 105 -43.60 30.27 -17.16
C GLN B 105 -44.08 30.27 -15.70
N GLY B 106 -44.76 29.20 -15.28
CA GLY B 106 -45.10 29.00 -13.87
C GLY B 106 -46.47 29.53 -13.49
N THR B 107 -47.00 29.00 -12.38
CA THR B 107 -48.30 29.42 -11.83
C THR B 107 -48.17 29.67 -10.33
N SER B 108 -48.96 30.64 -9.84
CA SER B 108 -48.95 31.03 -8.43
C SER B 108 -50.00 30.24 -7.64
N VAL B 109 -49.55 29.24 -6.89
CA VAL B 109 -50.43 28.44 -6.05
C VAL B 109 -50.65 29.19 -4.72
N THR B 110 -51.91 29.21 -4.27
CA THR B 110 -52.29 29.89 -3.02
C THR B 110 -53.22 29.01 -2.19
N VAL B 111 -52.98 28.98 -0.87
CA VAL B 111 -53.70 28.10 0.06
C VAL B 111 -54.68 28.90 0.91
N ASP C 1 -29.19 17.01 2.37
CA ASP C 1 -29.08 17.81 1.12
C ASP C 1 -27.80 18.65 1.12
N ILE C 2 -27.07 18.63 0.00
CA ILE C 2 -25.84 19.40 -0.14
C ILE C 2 -26.18 20.88 -0.31
N VAL C 3 -25.76 21.70 0.66
CA VAL C 3 -26.17 23.10 0.75
C VAL C 3 -25.32 23.94 -0.20
N MET C 4 -25.97 24.86 -0.92
CA MET C 4 -25.30 25.81 -1.79
C MET C 4 -25.35 27.20 -1.15
N THR C 5 -24.30 27.55 -0.41
CA THR C 5 -24.23 28.86 0.26
C THR C 5 -23.55 29.85 -0.68
N GLN C 6 -24.21 30.97 -0.95
CA GLN C 6 -23.69 31.97 -1.90
C GLN C 6 -23.61 33.38 -1.31
N SER C 7 -22.78 34.20 -1.93
CA SER C 7 -22.55 35.59 -1.48
C SER C 7 -21.98 36.44 -2.62
N PRO C 8 -22.11 37.77 -2.57
CA PRO C 8 -22.81 38.53 -1.51
C PRO C 8 -24.31 38.67 -1.79
N LYS C 9 -25.10 38.71 -0.72
CA LYS C 9 -26.57 38.70 -0.81
C LYS C 9 -27.16 39.88 -1.60
N PHE C 10 -26.62 41.08 -1.38
CA PHE C 10 -27.07 42.29 -2.08
C PHE C 10 -25.90 42.99 -2.75
N MET C 11 -26.17 43.63 -3.89
CA MET C 11 -25.17 44.39 -4.64
C MET C 11 -25.78 45.63 -5.29
N SER C 12 -24.98 46.70 -5.35
CA SER C 12 -25.39 47.97 -5.96
C SER C 12 -24.19 48.62 -6.64
N THR C 13 -24.20 48.59 -7.98
CA THR C 13 -23.11 49.12 -8.80
C THR C 13 -23.66 50.06 -9.88
N SER C 14 -22.75 50.72 -10.59
CA SER C 14 -23.10 51.60 -11.71
C SER C 14 -23.07 50.85 -13.04
N VAL C 15 -23.46 51.54 -14.10
CA VAL C 15 -23.44 51.00 -15.47
C VAL C 15 -21.99 50.96 -15.97
N GLY C 16 -21.49 49.76 -16.27
CA GLY C 16 -20.12 49.55 -16.77
C GLY C 16 -19.22 48.72 -15.87
N ASP C 17 -19.47 48.75 -14.56
CA ASP C 17 -18.62 48.07 -13.57
C ASP C 17 -18.77 46.55 -13.59
N ARG C 18 -17.83 45.88 -12.94
CA ARG C 18 -17.82 44.41 -12.83
C ARG C 18 -18.51 43.96 -11.54
N VAL C 19 -19.20 42.82 -11.61
CA VAL C 19 -19.82 42.17 -10.46
C VAL C 19 -19.41 40.70 -10.46
N SER C 20 -19.18 40.14 -9.27
CA SER C 20 -18.80 38.73 -9.11
C SER C 20 -19.60 38.07 -7.99
N VAL C 21 -20.51 37.18 -8.36
CA VAL C 21 -21.31 36.42 -7.39
C VAL C 21 -20.66 35.06 -7.17
N THR C 22 -20.37 34.75 -5.91
CA THR C 22 -19.65 33.53 -5.52
C THR C 22 -20.58 32.52 -4.86
N CYS C 23 -20.52 31.26 -5.31
CA CYS C 23 -21.25 30.15 -4.72
C CYS C 23 -20.27 29.13 -4.14
N LYS C 24 -20.68 28.53 -3.02
CA LYS C 24 -19.89 27.50 -2.35
C LYS C 24 -20.79 26.34 -1.96
N ALA C 25 -20.27 25.13 -2.17
CA ALA C 25 -20.96 23.88 -1.83
C ALA C 25 -20.27 23.20 -0.65
N SER C 26 -21.05 22.51 0.18
CA SER C 26 -20.52 21.80 1.33
C SER C 26 -19.70 20.59 0.88
N GLN C 27 -20.34 19.71 0.10
CA GLN C 27 -19.66 18.59 -0.53
C GLN C 27 -19.14 18.97 -1.91
N ASN C 28 -18.32 18.09 -2.48
CA ASN C 28 -17.78 18.25 -3.82
C ASN C 28 -18.91 18.07 -4.85
N VAL C 29 -19.06 19.04 -5.74
CA VAL C 29 -20.04 19.00 -6.84
C VAL C 29 -19.41 18.67 -8.19
N GLY C 30 -18.15 19.06 -8.39
CA GLY C 30 -17.48 18.91 -9.68
C GLY C 30 -17.60 20.22 -10.42
N THR C 31 -18.14 20.15 -11.64
CA THR C 31 -18.43 21.34 -12.46
C THR C 31 -19.89 21.33 -12.93
N ASN C 32 -20.73 20.66 -12.15
CA ASN C 32 -22.11 20.37 -12.55
C ASN C 32 -23.05 21.39 -11.92
N VAL C 33 -22.76 22.65 -12.23
CA VAL C 33 -23.41 23.80 -11.63
C VAL C 33 -23.94 24.69 -12.75
N ALA C 34 -25.20 25.11 -12.62
CA ALA C 34 -25.86 25.97 -13.59
C ALA C 34 -26.27 27.29 -12.96
N TRP C 35 -26.20 28.37 -13.75
CA TRP C 35 -26.56 29.72 -13.29
C TRP C 35 -27.86 30.20 -13.92
N TYR C 36 -28.66 30.95 -13.15
CA TYR C 36 -29.92 31.49 -13.64
C TYR C 36 -29.99 33.01 -13.57
N GLN C 37 -30.89 33.59 -14.37
CA GLN C 37 -31.28 34.98 -14.28
C GLN C 37 -32.79 35.01 -14.13
N GLN C 38 -33.28 35.62 -13.04
CA GLN C 38 -34.71 35.84 -12.84
C GLN C 38 -35.01 37.33 -12.64
N LYS C 39 -35.64 37.93 -13.64
CA LYS C 39 -36.18 39.29 -13.54
C LYS C 39 -37.52 39.19 -12.80
N PRO C 40 -37.81 40.15 -11.90
CA PRO C 40 -39.06 40.07 -11.12
C PRO C 40 -40.32 39.97 -11.98
N GLY C 41 -41.07 38.87 -11.83
CA GLY C 41 -42.27 38.59 -12.62
C GLY C 41 -42.11 37.41 -13.57
N GLN C 42 -40.97 37.34 -14.24
CA GLN C 42 -40.70 36.31 -15.27
C GLN C 42 -40.10 35.04 -14.67
N SER C 43 -40.05 33.99 -15.50
CA SER C 43 -39.44 32.71 -15.13
C SER C 43 -37.91 32.83 -15.16
N PRO C 44 -37.21 32.02 -14.35
CA PRO C 44 -35.75 32.11 -14.31
C PRO C 44 -35.08 31.47 -15.54
N LYS C 45 -34.56 32.32 -16.44
CA LYS C 45 -33.88 31.86 -17.64
C LYS C 45 -32.43 31.50 -17.32
N THR C 46 -32.00 30.30 -17.74
CA THR C 46 -30.63 29.84 -17.49
C THR C 46 -29.61 30.64 -18.30
N LEU C 47 -28.43 30.84 -17.71
CA LEU C 47 -27.33 31.57 -18.34
C LEU C 47 -26.18 30.65 -18.72
N ILE C 48 -25.68 29.91 -17.75
CA ILE C 48 -24.49 29.08 -17.89
C ILE C 48 -24.82 27.70 -17.32
N TYR C 49 -25.01 26.71 -18.19
CA TYR C 49 -25.39 25.36 -17.74
C TYR C 49 -24.30 24.55 -16.97
N TRP C 50 -23.06 24.59 -17.43
CA TRP C 50 -21.94 23.98 -16.70
C TRP C 50 -20.97 25.11 -16.42
N ALA C 51 -20.37 25.12 -15.25
CA ALA C 51 -19.50 26.23 -14.85
C ALA C 51 -18.47 26.53 -15.96
N SER C 52 -18.56 27.73 -16.53
CA SER C 52 -17.75 28.19 -17.67
C SER C 52 -18.18 27.59 -19.02
N TYR C 53 -19.49 27.54 -19.27
CA TYR C 53 -20.07 27.23 -20.59
C TYR C 53 -21.40 27.94 -20.75
N ARG C 54 -21.41 29.02 -21.55
CA ARG C 54 -22.61 29.86 -21.70
C ARG C 54 -23.67 29.21 -22.59
N TYR C 55 -24.93 29.55 -22.33
CA TYR C 55 -26.07 29.03 -23.08
C TYR C 55 -26.18 29.79 -24.40
N SER C 56 -26.86 29.18 -25.38
CA SER C 56 -27.08 29.82 -26.69
C SER C 56 -28.08 30.97 -26.60
N GLY C 57 -27.69 32.14 -27.11
CA GLY C 57 -28.50 33.36 -27.06
C GLY C 57 -28.21 34.27 -25.88
N VAL C 58 -27.09 34.05 -25.19
CA VAL C 58 -26.68 34.85 -24.03
C VAL C 58 -25.43 35.65 -24.40
N PRO C 59 -25.33 36.91 -23.90
CA PRO C 59 -24.11 37.72 -24.09
C PRO C 59 -22.82 37.09 -23.55
N ASP C 60 -21.70 37.51 -24.12
CA ASP C 60 -20.38 36.98 -23.76
C ASP C 60 -19.86 37.51 -22.42
N ARG C 61 -20.37 38.66 -22.00
CA ARG C 61 -19.96 39.27 -20.72
C ARG C 61 -20.32 38.46 -19.46
N PHE C 62 -21.32 37.57 -19.55
CA PHE C 62 -21.61 36.62 -18.48
C PHE C 62 -20.59 35.48 -18.46
N THR C 63 -19.49 35.67 -17.73
CA THR C 63 -18.40 34.68 -17.67
C THR C 63 -18.42 33.93 -16.34
N GLY C 64 -18.74 32.64 -16.40
CA GLY C 64 -18.75 31.76 -15.24
C GLY C 64 -17.44 31.03 -15.09
N SER C 65 -17.15 30.56 -13.88
CA SER C 65 -15.93 29.81 -13.60
C SER C 65 -16.00 29.03 -12.29
N GLY C 66 -15.07 28.09 -12.14
CA GLY C 66 -14.88 27.32 -10.92
C GLY C 66 -15.05 25.83 -11.10
N SER C 67 -14.61 25.10 -10.09
CA SER C 67 -14.79 23.65 -10.00
C SER C 67 -14.64 23.19 -8.56
N GLY C 68 -15.01 21.94 -8.30
CA GLY C 68 -14.92 21.36 -6.97
C GLY C 68 -16.00 21.90 -6.04
N THR C 69 -15.59 22.68 -5.04
CA THR C 69 -16.49 23.21 -4.01
C THR C 69 -16.84 24.70 -4.13
N ASP C 70 -16.05 25.48 -4.89
CA ASP C 70 -16.27 26.92 -5.06
C ASP C 70 -16.49 27.31 -6.53
N PHE C 71 -17.42 28.25 -6.76
CA PHE C 71 -17.79 28.68 -8.11
C PHE C 71 -18.04 30.18 -8.13
N THR C 72 -17.82 30.80 -9.29
CA THR C 72 -18.04 32.24 -9.47
C THR C 72 -18.75 32.57 -10.78
N LEU C 73 -19.79 33.40 -10.69
CA LEU C 73 -20.38 34.06 -11.85
C LEU C 73 -19.80 35.46 -11.89
N ALA C 74 -19.09 35.79 -12.97
CA ALA C 74 -18.57 37.14 -13.18
C ALA C 74 -19.33 37.82 -14.33
N ILE C 75 -19.81 39.02 -14.06
CA ILE C 75 -20.51 39.85 -15.05
C ILE C 75 -19.72 41.15 -15.21
N SER C 76 -19.27 41.43 -16.43
CA SER C 76 -18.61 42.69 -16.79
C SER C 76 -19.55 43.53 -17.65
N ASN C 77 -19.32 44.85 -17.68
CA ASN C 77 -20.09 45.79 -18.49
C ASN C 77 -21.61 45.67 -18.25
N VAL C 78 -22.02 45.95 -17.02
CA VAL C 78 -23.41 45.75 -16.59
C VAL C 78 -24.31 46.80 -17.25
N GLN C 79 -25.48 46.34 -17.72
CA GLN C 79 -26.49 47.20 -18.35
C GLN C 79 -27.67 47.43 -17.41
N SER C 80 -28.59 48.31 -17.82
CA SER C 80 -29.82 48.57 -17.09
C SER C 80 -30.82 47.40 -17.16
N GLU C 81 -30.68 46.55 -18.18
CA GLU C 81 -31.55 45.37 -18.36
C GLU C 81 -31.18 44.17 -17.47
N ASP C 82 -30.08 44.27 -16.71
CA ASP C 82 -29.59 43.18 -15.86
C ASP C 82 -29.99 43.31 -14.38
N LEU C 83 -31.00 44.15 -14.08
CA LEU C 83 -31.62 44.19 -12.76
C LEU C 83 -32.41 42.90 -12.54
N ALA C 84 -31.80 41.94 -11.85
CA ALA C 84 -32.39 40.61 -11.69
C ALA C 84 -31.76 39.83 -10.56
N GLU C 85 -32.43 38.76 -10.16
CA GLU C 85 -31.88 37.78 -9.21
C GLU C 85 -31.06 36.75 -9.96
N TYR C 86 -29.95 36.33 -9.35
CA TYR C 86 -29.06 35.32 -9.91
C TYR C 86 -28.86 34.17 -8.93
N PHE C 87 -29.31 32.97 -9.34
CA PHE C 87 -29.14 31.75 -8.56
C PHE C 87 -28.11 30.83 -9.20
N CYS C 88 -27.41 30.08 -8.36
CA CYS C 88 -26.67 28.90 -8.78
C CYS C 88 -27.38 27.64 -8.29
N GLN C 89 -27.44 26.65 -9.19
CA GLN C 89 -27.99 25.33 -8.91
C GLN C 89 -26.89 24.32 -9.12
N GLN C 90 -26.82 23.30 -8.26
CA GLN C 90 -25.98 22.12 -8.51
C GLN C 90 -26.86 21.02 -9.09
N TYR C 91 -26.26 20.10 -9.84
CA TYR C 91 -26.99 18.91 -10.28
C TYR C 91 -26.12 17.66 -10.38
N ASN C 92 -25.13 17.56 -9.50
CA ASN C 92 -24.33 16.35 -9.36
C ASN C 92 -25.11 15.33 -8.55
N SER C 93 -25.60 15.77 -7.40
CA SER C 93 -26.24 14.91 -6.42
C SER C 93 -27.76 15.05 -6.44
N TYR C 94 -28.43 14.04 -5.90
CA TYR C 94 -29.86 14.11 -5.59
C TYR C 94 -30.04 14.27 -4.08
N PRO C 95 -30.90 15.18 -3.62
CA PRO C 95 -31.72 16.05 -4.45
C PRO C 95 -30.97 17.26 -5.01
N LEU C 96 -31.53 17.87 -6.04
CA LEU C 96 -30.96 19.06 -6.65
C LEU C 96 -31.25 20.23 -5.74
N THR C 97 -30.20 20.95 -5.32
CA THR C 97 -30.36 22.12 -4.45
C THR C 97 -30.05 23.41 -5.21
N PHE C 98 -30.37 24.53 -4.58
CA PHE C 98 -30.16 25.87 -5.14
C PHE C 98 -29.52 26.80 -4.13
N GLY C 99 -29.01 27.93 -4.61
CA GLY C 99 -28.60 29.04 -3.75
C GLY C 99 -29.81 29.85 -3.29
N SER C 100 -29.60 30.73 -2.31
CA SER C 100 -30.66 31.59 -1.79
C SER C 100 -31.08 32.68 -2.78
N GLY C 101 -30.10 33.29 -3.44
CA GLY C 101 -30.32 34.22 -4.55
C GLY C 101 -29.77 35.63 -4.26
N THR C 102 -29.12 36.22 -5.26
CA THR C 102 -28.53 37.56 -5.15
C THR C 102 -29.34 38.60 -5.92
N LYS C 103 -30.07 39.45 -5.20
CA LYS C 103 -30.73 40.61 -5.80
C LYS C 103 -29.67 41.66 -6.18
N LEU C 104 -29.91 42.37 -7.28
CA LEU C 104 -28.95 43.34 -7.80
C LEU C 104 -29.66 44.62 -8.25
N GLU C 105 -29.53 45.68 -7.44
CA GLU C 105 -29.97 47.04 -7.81
C GLU C 105 -28.83 47.79 -8.50
N LEU C 106 -29.15 48.96 -9.07
CA LEU C 106 -28.16 49.82 -9.72
C LEU C 106 -28.38 51.29 -9.35
N LYS C 107 -27.31 52.07 -9.45
CA LYS C 107 -27.33 53.49 -9.05
C LYS C 107 -27.83 54.38 -10.18
N LEU D 11 -25.00 -27.84 -15.94
CA LEU D 11 -25.40 -27.39 -14.57
C LEU D 11 -24.54 -28.04 -13.48
N ASP D 12 -24.58 -29.36 -13.47
CA ASP D 12 -23.83 -30.17 -12.51
C ASP D 12 -22.34 -29.88 -12.62
N TRP D 13 -21.88 -29.83 -13.87
CA TRP D 13 -20.47 -29.57 -14.18
C TRP D 13 -20.07 -28.21 -13.61
N LEU D 14 -20.93 -27.22 -13.85
CA LEU D 14 -20.72 -25.85 -13.39
C LEU D 14 -20.58 -25.82 -11.87
N LYS D 15 -21.49 -26.53 -11.23
CA LYS D 15 -21.53 -26.64 -9.77
C LYS D 15 -20.21 -27.20 -9.24
N ARG D 16 -19.77 -28.26 -9.90
CA ARG D 16 -18.53 -28.96 -9.56
C ARG D 16 -17.35 -27.99 -9.64
N LYS D 17 -17.34 -27.24 -10.74
CA LYS D 17 -16.29 -26.25 -11.01
C LYS D 17 -16.24 -25.22 -9.88
N LEU D 18 -17.43 -24.75 -9.52
CA LEU D 18 -17.60 -23.75 -8.47
C LEU D 18 -17.02 -24.27 -7.15
N PHE D 19 -17.36 -25.52 -6.86
CA PHE D 19 -17.06 -26.09 -5.56
C PHE D 19 -15.63 -26.03 -5.03
N CYS D 20 -14.60 -26.46 -5.77
CA CYS D 20 -13.35 -26.74 -5.10
C CYS D 20 -12.77 -25.37 -4.70
N VAL D 21 -12.53 -24.57 -5.73
CA VAL D 21 -11.90 -23.27 -5.59
C VAL D 21 -12.71 -22.37 -4.64
N GLY D 22 -13.99 -22.36 -4.92
CA GLY D 22 -14.98 -21.58 -4.15
C GLY D 22 -14.95 -22.00 -2.69
N GLU D 23 -14.96 -23.31 -2.49
CA GLU D 23 -14.93 -23.90 -1.15
C GLU D 23 -13.69 -23.43 -0.39
N ASP D 24 -12.57 -23.50 -1.09
CA ASP D 24 -11.26 -23.10 -0.54
C ASP D 24 -11.33 -21.63 -0.08
N TRP D 25 -11.88 -20.80 -0.96
CA TRP D 25 -12.00 -19.37 -0.71
C TRP D 25 -12.86 -19.14 0.58
N TYR D 26 -13.95 -19.87 0.62
CA TYR D 26 -15.03 -19.65 1.56
C TYR D 26 -14.52 -19.87 2.96
N PHE D 27 -13.83 -20.99 3.15
CA PHE D 27 -13.28 -21.37 4.47
C PHE D 27 -12.35 -20.28 4.97
N LEU D 28 -11.49 -19.82 4.08
CA LEU D 28 -10.50 -18.77 4.38
C LEU D 28 -11.22 -17.52 4.86
N THR D 29 -12.26 -17.16 4.11
CA THR D 29 -13.07 -15.98 4.40
C THR D 29 -13.66 -16.08 5.81
N VAL D 30 -14.21 -17.26 6.08
CA VAL D 30 -14.84 -17.57 7.37
C VAL D 30 -13.85 -17.38 8.50
N LEU D 31 -12.66 -17.93 8.28
CA LEU D 31 -11.56 -17.87 9.24
C LEU D 31 -11.22 -16.42 9.56
N GLY D 32 -11.11 -15.64 8.49
CA GLY D 32 -10.79 -14.21 8.57
C GLY D 32 -11.82 -13.49 9.44
N VAL D 33 -13.08 -13.80 9.13
CA VAL D 33 -14.22 -13.21 9.84
C VAL D 33 -14.14 -13.51 11.33
N LEU D 34 -13.85 -14.78 11.61
CA LEU D 34 -13.73 -15.26 12.99
C LEU D 34 -12.65 -14.49 13.73
N MET D 35 -11.52 -14.35 13.05
CA MET D 35 -10.35 -13.64 13.60
C MET D 35 -10.74 -12.22 13.96
N ALA D 36 -11.43 -11.58 13.02
CA ALA D 36 -11.89 -10.19 13.17
C ALA D 36 -12.77 -10.06 14.41
N LEU D 37 -13.69 -11.01 14.52
CA LEU D 37 -14.64 -11.06 15.64
C LEU D 37 -13.90 -11.14 16.96
N ILE D 38 -12.92 -12.04 16.97
CA ILE D 38 -12.09 -12.29 18.16
C ILE D 38 -11.39 -11.01 18.57
N SER D 39 -10.83 -10.34 17.58
CA SER D 39 -10.06 -9.11 17.81
C SER D 39 -10.97 -8.06 18.38
N PHE D 40 -12.20 -7.95 17.85
CA PHE D 40 -13.10 -6.89 18.27
C PHE D 40 -13.48 -7.14 19.73
N THR D 41 -13.99 -8.36 19.93
CA THR D 41 -14.52 -8.77 21.24
C THR D 41 -13.44 -8.69 22.29
N MET D 42 -12.26 -9.16 21.93
CA MET D 42 -11.11 -9.16 22.85
C MET D 42 -10.78 -7.72 23.26
N SER D 43 -10.77 -6.85 22.25
CA SER D 43 -10.48 -5.42 22.46
C SER D 43 -11.47 -4.82 23.44
N PHE D 44 -12.74 -5.14 23.20
CA PHE D 44 -13.85 -4.66 24.04
C PHE D 44 -13.64 -5.07 25.48
N THR D 45 -13.29 -6.36 25.63
CA THR D 45 -13.07 -6.96 26.95
C THR D 45 -11.95 -6.21 27.68
N VAL D 46 -10.88 -5.95 26.93
CA VAL D 46 -9.71 -5.26 27.46
C VAL D 46 -10.12 -3.86 27.99
N GLY D 47 -10.87 -3.21 27.12
CA GLY D 47 -11.01 -1.78 27.17
C GLY D 47 -11.76 -1.37 28.42
N ARG D 48 -12.88 -2.06 28.63
CA ARG D 48 -13.76 -1.81 29.78
C ARG D 48 -12.99 -2.01 31.07
N VAL D 49 -12.23 -3.09 31.12
CA VAL D 49 -11.42 -3.44 32.29
C VAL D 49 -10.43 -2.31 32.60
N VAL D 50 -9.79 -1.84 31.54
CA VAL D 50 -8.80 -0.76 31.63
C VAL D 50 -9.45 0.49 32.22
N ARG D 51 -10.63 0.79 31.69
CA ARG D 51 -11.41 1.97 32.11
C ARG D 51 -11.71 1.87 33.59
N ALA D 52 -12.15 0.69 33.99
CA ALA D 52 -12.51 0.40 35.39
C ALA D 52 -11.31 0.65 36.30
N HIS D 53 -10.17 0.14 35.86
CA HIS D 53 -8.90 0.27 36.58
C HIS D 53 -8.58 1.75 36.79
N LYS D 54 -8.71 2.49 35.69
CA LYS D 54 -8.44 3.93 35.68
C LYS D 54 -9.31 4.65 36.70
N TRP D 55 -10.59 4.28 36.68
CA TRP D 55 -11.60 4.85 37.57
C TRP D 55 -11.20 4.61 39.02
N LEU D 56 -10.80 3.37 39.28
CA LEU D 56 -10.38 2.94 40.62
C LEU D 56 -9.22 3.79 41.10
N TYR D 57 -8.25 3.96 40.20
CA TYR D 57 -7.05 4.74 40.47
C TYR D 57 -7.42 6.18 40.85
N ARG D 58 -8.33 6.73 40.06
CA ARG D 58 -8.79 8.10 40.24
C ARG D 58 -9.43 8.24 41.64
N GLU D 59 -10.26 7.24 41.98
CA GLU D 59 -11.26 7.36 43.02
C GLU D 59 -10.80 6.88 44.37
N ILE D 60 -10.07 5.77 44.44
CA ILE D 60 -9.75 5.12 45.73
C ILE D 60 -9.35 6.10 46.85
N GLY D 61 -8.61 7.15 46.50
CA GLY D 61 -8.34 8.27 47.41
C GLY D 61 -6.98 8.92 47.25
N ASP D 62 -6.66 9.81 48.20
CA ASP D 62 -5.38 10.51 48.25
C ASP D 62 -4.31 9.74 49.02
N SER D 63 -4.72 8.84 49.92
CA SER D 63 -3.78 8.01 50.71
C SER D 63 -2.94 7.14 49.79
N HIS D 64 -1.67 6.98 50.15
CA HIS D 64 -0.66 6.52 49.20
C HIS D 64 -0.75 5.00 49.06
N LEU D 65 -0.85 4.33 50.20
CA LEU D 65 -0.76 2.89 50.30
C LEU D 65 -1.82 2.23 49.42
N LEU D 66 -3.03 2.74 49.58
CA LEU D 66 -4.21 2.26 48.85
C LEU D 66 -3.98 2.38 47.35
N ARG D 67 -3.48 3.56 46.97
CA ARG D 67 -3.19 3.88 45.57
C ARG D 67 -2.20 2.88 45.00
N TYR D 68 -1.15 2.64 45.78
CA TYR D 68 -0.08 1.70 45.41
C TYR D 68 -0.66 0.32 45.15
N LEU D 69 -1.52 -0.10 46.09
CA LEU D 69 -2.17 -1.41 46.02
C LEU D 69 -2.98 -1.52 44.73
N SER D 70 -3.73 -0.46 44.45
CA SER D 70 -4.57 -0.39 43.26
C SER D 70 -3.72 -0.56 42.00
N TRP D 71 -2.61 0.17 41.99
CA TRP D 71 -1.68 0.17 40.85
C TRP D 71 -1.15 -1.27 40.64
N THR D 72 -0.79 -1.91 41.75
CA THR D 72 0.13 -3.01 41.77
C THR D 72 -0.55 -4.35 41.77
N VAL D 73 -1.70 -4.46 42.44
CA VAL D 73 -2.29 -5.76 42.68
C VAL D 73 -2.95 -6.25 41.38
N TYR D 74 -3.70 -5.34 40.74
CA TYR D 74 -4.61 -5.69 39.68
C TYR D 74 -3.83 -6.35 38.53
N PRO D 75 -2.70 -5.73 38.17
CA PRO D 75 -1.94 -6.31 37.06
C PRO D 75 -1.38 -7.67 37.43
N VAL D 76 -0.90 -7.76 38.66
CA VAL D 76 -0.26 -8.95 39.22
C VAL D 76 -1.21 -10.14 39.13
N ALA D 77 -2.42 -9.88 39.59
CA ALA D 77 -3.48 -10.91 39.62
C ALA D 77 -3.74 -11.42 38.21
N LEU D 78 -3.85 -10.48 37.29
CA LEU D 78 -4.10 -10.77 35.88
C LEU D 78 -3.01 -11.68 35.33
N VAL D 79 -1.78 -11.30 35.65
CA VAL D 79 -0.58 -12.03 35.20
C VAL D 79 -0.65 -13.47 35.70
N SER D 80 -0.98 -13.59 36.98
CA SER D 80 -1.09 -14.89 37.65
C SER D 80 -2.11 -15.76 36.94
N PHE D 81 -3.25 -15.15 36.65
CA PHE D 81 -4.37 -15.82 35.96
C PHE D 81 -3.91 -16.35 34.61
N SER D 82 -3.19 -15.48 33.89
CA SER D 82 -2.67 -15.80 32.57
C SER D 82 -1.75 -17.02 32.64
N SER D 83 -0.88 -16.98 33.64
CA SER D 83 0.09 -18.04 33.87
C SER D 83 -0.63 -19.38 34.10
N GLY D 84 -1.66 -19.30 34.94
CA GLY D 84 -2.24 -20.55 35.49
C GLY D 84 -2.85 -21.37 34.38
N PHE D 85 -3.60 -20.67 33.53
CA PHE D 85 -4.30 -21.30 32.41
C PHE D 85 -3.28 -21.95 31.47
N SER D 86 -2.21 -21.21 31.21
CA SER D 86 -1.13 -21.67 30.32
C SER D 86 -0.54 -22.98 30.87
N GLN D 87 -0.29 -22.97 32.19
CA GLN D 87 0.54 -24.04 32.77
C GLN D 87 -0.17 -25.37 32.65
N SER D 88 -1.48 -25.41 32.93
CA SER D 88 -2.21 -26.67 33.10
C SER D 88 -2.25 -27.61 31.89
N ILE D 89 -2.20 -27.08 30.67
CA ILE D 89 -2.41 -27.88 29.45
C ILE D 89 -1.14 -28.63 29.02
N THR D 90 -0.09 -27.88 28.67
CA THR D 90 1.12 -28.46 28.07
C THR D 90 2.30 -27.45 28.11
N PRO D 91 3.57 -27.95 28.13
CA PRO D 91 4.73 -27.04 28.16
C PRO D 91 4.86 -26.03 27.00
N PHE D 92 4.51 -26.45 25.78
CA PHE D 92 4.67 -25.60 24.58
C PHE D 92 3.43 -24.75 24.21
N SER D 93 2.43 -24.70 25.10
CA SER D 93 1.22 -23.88 24.88
C SER D 93 1.53 -22.39 25.01
N GLY D 94 1.69 -21.94 26.26
CA GLY D 94 1.86 -20.52 26.55
C GLY D 94 3.26 -20.00 26.26
N GLY D 95 3.33 -18.73 25.85
CA GLY D 95 4.59 -18.05 25.59
C GLY D 95 5.29 -18.42 24.29
N SER D 96 4.52 -18.94 23.34
CA SER D 96 5.08 -19.41 22.07
C SER D 96 4.10 -19.24 20.93
N GLY D 97 4.53 -18.56 19.86
CA GLY D 97 3.73 -18.36 18.66
C GLY D 97 4.54 -18.42 17.37
N ILE D 98 5.13 -17.26 17.04
CA ILE D 98 5.85 -17.09 15.78
C ILE D 98 6.92 -18.12 15.56
N PRO D 99 7.77 -18.34 16.58
CA PRO D 99 8.91 -19.25 16.42
C PRO D 99 8.43 -20.65 16.08
N GLU D 100 7.41 -21.08 16.80
CA GLU D 100 6.80 -22.41 16.61
C GLU D 100 6.30 -22.55 15.18
N LEU D 101 5.60 -21.50 14.74
CA LEU D 101 5.03 -21.45 13.39
C LEU D 101 6.13 -21.61 12.35
N LYS D 102 7.20 -20.86 12.57
CA LYS D 102 8.38 -20.86 11.68
C LYS D 102 8.94 -22.27 11.57
N THR D 103 9.08 -22.91 12.74
CA THR D 103 9.60 -24.27 12.85
C THR D 103 8.75 -25.22 12.03
N ILE D 104 7.44 -25.08 12.20
CA ILE D 104 6.44 -25.91 11.51
C ILE D 104 6.63 -25.78 9.99
N LEU D 105 6.75 -24.52 9.58
CA LEU D 105 6.92 -24.19 8.16
C LEU D 105 8.16 -24.86 7.59
N SER D 106 9.24 -24.76 8.37
CA SER D 106 10.53 -25.37 8.02
C SER D 106 10.38 -26.87 7.79
N GLY D 107 9.55 -27.56 8.57
CA GLY D 107 9.18 -28.94 8.21
C GLY D 107 8.75 -29.81 9.35
N VAL D 108 9.40 -29.62 10.49
CA VAL D 108 9.18 -30.45 11.66
C VAL D 108 7.86 -30.07 12.33
N VAL D 109 6.99 -31.07 12.48
CA VAL D 109 5.63 -30.83 12.99
C VAL D 109 5.56 -31.19 14.49
N LEU D 110 4.99 -30.28 15.27
CA LEU D 110 4.77 -30.45 16.69
C LEU D 110 3.24 -30.45 16.87
N GLU D 111 2.65 -31.64 16.91
CA GLU D 111 1.19 -31.80 16.92
C GLU D 111 0.51 -31.10 18.11
N ASP D 112 1.23 -30.98 19.22
CA ASP D 112 0.79 -30.22 20.40
C ASP D 112 0.39 -28.77 20.07
N TYR D 113 1.10 -28.15 19.14
CA TYR D 113 0.88 -26.75 18.75
C TYR D 113 -0.47 -26.48 18.05
N LEU D 114 -0.90 -27.41 17.19
CA LEU D 114 -2.11 -27.21 16.36
C LEU D 114 -3.41 -27.75 16.98
N ASP D 115 -3.37 -28.26 18.20
CA ASP D 115 -4.55 -28.86 18.85
C ASP D 115 -5.47 -27.78 19.41
N ILE D 116 -6.79 -28.00 19.29
CA ILE D 116 -7.81 -26.98 19.58
C ILE D 116 -8.26 -26.98 21.05
N LYS D 117 -8.05 -28.09 21.76
CA LYS D 117 -8.21 -28.12 23.23
C LYS D 117 -7.43 -27.00 23.95
N ASN D 118 -6.30 -26.59 23.36
CA ASN D 118 -5.48 -25.50 23.87
C ASN D 118 -6.10 -24.08 23.73
N PHE D 119 -6.99 -23.89 22.76
CA PHE D 119 -7.54 -22.55 22.42
C PHE D 119 -8.09 -21.73 23.59
N GLY D 120 -9.12 -22.26 24.25
CA GLY D 120 -9.85 -21.54 25.31
C GLY D 120 -9.01 -21.02 26.45
N ALA D 121 -7.96 -21.77 26.80
CA ALA D 121 -7.05 -21.40 27.89
C ALA D 121 -6.07 -20.27 27.54
N LYS D 122 -5.81 -20.08 26.24
CA LYS D 122 -4.73 -19.21 25.78
C LYS D 122 -5.26 -17.83 25.46
N ALA D 123 -6.42 -17.79 24.80
CA ALA D 123 -7.09 -16.55 24.43
C ALA D 123 -7.36 -15.72 25.68
N VAL D 124 -7.88 -16.41 26.70
CA VAL D 124 -8.22 -15.76 27.98
C VAL D 124 -6.97 -15.12 28.58
N GLY D 125 -5.89 -15.89 28.56
CA GLY D 125 -4.60 -15.46 29.10
C GLY D 125 -4.13 -14.20 28.40
N LEU D 126 -4.25 -14.23 27.07
CA LEU D 126 -3.86 -13.12 26.20
C LEU D 126 -4.63 -11.86 26.59
N THR D 127 -5.93 -12.05 26.75
CA THR D 127 -6.86 -10.97 27.13
C THR D 127 -6.43 -10.35 28.45
N CYS D 128 -6.13 -11.23 29.40
CA CYS D 128 -5.69 -10.82 30.73
C CYS D 128 -4.43 -9.96 30.64
N THR D 129 -3.49 -10.44 29.83
CA THR D 129 -2.21 -9.76 29.60
C THR D 129 -2.46 -8.36 29.06
N LEU D 130 -3.35 -8.30 28.08
CA LEU D 130 -3.71 -7.04 27.43
C LEU D 130 -4.27 -6.05 28.46
N ALA D 131 -5.16 -6.57 29.29
CA ALA D 131 -5.80 -5.80 30.36
C ALA D 131 -4.75 -5.20 31.29
N SER D 132 -3.81 -6.07 31.66
CA SER D 132 -2.70 -5.69 32.55
C SER D 132 -1.91 -4.52 31.94
N GLY D 133 -1.69 -4.57 30.63
CA GLY D 133 -1.41 -3.35 29.85
C GLY D 133 0.00 -2.78 29.93
N SER D 134 0.08 -1.47 30.12
CA SER D 134 1.36 -0.74 29.99
C SER D 134 2.30 -0.84 31.19
N THR D 135 1.85 -1.43 32.29
CA THR D 135 2.74 -1.75 33.41
C THR D 135 3.62 -2.93 33.00
N ILE D 136 2.96 -4.02 32.61
CA ILE D 136 3.64 -5.23 32.13
C ILE D 136 4.29 -5.01 30.75
N PHE D 137 3.63 -4.22 29.89
CA PHE D 137 4.22 -3.67 28.65
C PHE D 137 4.41 -4.72 27.53
N LEU D 138 3.31 -5.40 27.18
CA LEU D 138 3.33 -6.50 26.21
C LEU D 138 2.24 -6.37 25.16
N GLY D 139 2.56 -6.74 23.92
CA GLY D 139 1.61 -6.74 22.80
C GLY D 139 0.85 -8.06 22.72
N LYS D 140 0.05 -8.23 21.67
CA LYS D 140 -0.78 -9.44 21.51
C LYS D 140 -0.43 -10.32 20.31
N VAL D 141 0.55 -9.90 19.50
CA VAL D 141 0.70 -10.46 18.15
C VAL D 141 0.85 -11.98 18.08
N GLY D 142 1.90 -12.48 18.71
CA GLY D 142 2.37 -13.86 18.48
C GLY D 142 1.26 -14.84 18.86
N PRO D 143 0.66 -14.59 20.03
CA PRO D 143 -0.42 -15.45 20.53
C PRO D 143 -1.57 -15.48 19.55
N PHE D 144 -1.92 -14.29 19.07
CA PHE D 144 -3.02 -14.12 18.11
C PHE D 144 -2.75 -14.94 16.85
N VAL D 145 -1.51 -14.82 16.38
CA VAL D 145 -1.05 -15.53 15.18
C VAL D 145 -1.21 -17.03 15.37
N HIS D 146 -0.77 -17.49 16.53
CA HIS D 146 -0.84 -18.91 16.91
C HIS D 146 -2.28 -19.40 16.85
N LEU D 147 -3.16 -18.58 17.44
CA LEU D 147 -4.59 -18.87 17.51
C LEU D 147 -5.15 -19.05 16.09
N SER D 148 -4.78 -18.09 15.25
CA SER D 148 -5.21 -18.06 13.86
C SER D 148 -4.79 -19.34 13.14
N VAL D 149 -3.54 -19.70 13.36
CA VAL D 149 -2.95 -20.90 12.75
C VAL D 149 -3.73 -22.13 13.18
N MET D 150 -4.03 -22.19 14.47
CA MET D 150 -4.78 -23.30 15.06
C MET D 150 -6.15 -23.44 14.38
N ILE D 151 -6.79 -22.28 14.23
CA ILE D 151 -8.11 -22.19 13.61
C ILE D 151 -8.06 -22.75 12.18
N ALA D 152 -7.03 -22.32 11.47
CA ALA D 152 -6.79 -22.73 10.08
C ALA D 152 -6.65 -24.24 9.99
N ALA D 153 -5.86 -24.77 10.91
CA ALA D 153 -5.59 -26.21 11.01
C ALA D 153 -6.90 -26.97 11.20
N TYR D 154 -7.70 -26.45 12.12
CA TYR D 154 -9.01 -27.04 12.45
C TYR D 154 -9.89 -27.10 11.21
N LEU D 155 -9.90 -25.97 10.49
CA LEU D 155 -10.69 -25.83 9.27
C LEU D 155 -10.27 -26.88 8.24
N GLY D 156 -8.95 -27.01 8.10
CA GLY D 156 -8.35 -27.97 7.17
C GLY D 156 -8.80 -29.38 7.51
N ARG D 157 -8.74 -29.68 8.80
CA ARG D 157 -9.13 -31.00 9.32
C ARG D 157 -10.59 -31.29 8.96
N VAL D 158 -11.42 -30.28 9.19
CA VAL D 158 -12.86 -30.37 8.91
C VAL D 158 -13.09 -30.69 7.44
N ARG D 159 -12.36 -29.96 6.59
CA ARG D 159 -12.43 -30.12 5.14
C ARG D 159 -12.10 -31.55 4.75
N ALA D 160 -11.01 -32.04 5.34
CA ALA D 160 -10.52 -33.39 5.11
C ALA D 160 -11.61 -34.42 5.45
N ASN D 168 -2.84 -33.26 1.32
CA ASN D 168 -1.42 -33.03 1.09
C ASN D 168 -0.83 -32.07 2.12
N LYS D 169 0.50 -32.10 2.27
CA LYS D 169 1.21 -31.37 3.29
C LYS D 169 1.34 -29.90 2.88
N SER D 170 1.72 -29.71 1.62
CA SER D 170 2.02 -28.39 1.09
C SER D 170 0.82 -27.46 1.24
N LYS D 171 -0.34 -28.00 0.86
CA LYS D 171 -1.60 -27.27 0.92
C LYS D 171 -1.88 -26.82 2.35
N ARG D 172 -1.69 -27.77 3.27
CA ARG D 172 -1.90 -27.55 4.70
C ARG D 172 -1.02 -26.40 5.19
N ASN D 173 0.24 -26.47 4.77
CA ASN D 173 1.25 -25.47 5.14
C ASN D 173 0.81 -24.09 4.67
N GLU D 174 0.35 -24.05 3.43
CA GLU D 174 -0.13 -22.82 2.78
C GLU D 174 -1.26 -22.21 3.60
N MET D 175 -2.20 -23.09 3.96
CA MET D 175 -3.37 -22.71 4.74
C MET D 175 -2.95 -22.08 6.07
N LEU D 176 -2.00 -22.75 6.71
CA LEU D 176 -1.45 -22.32 7.99
C LEU D 176 -0.88 -20.91 7.87
N VAL D 177 -0.10 -20.75 6.81
CA VAL D 177 0.57 -19.47 6.51
C VAL D 177 -0.46 -18.36 6.37
N ALA D 178 -1.50 -18.68 5.62
CA ALA D 178 -2.61 -17.75 5.35
C ALA D 178 -3.24 -17.31 6.67
N GLY D 179 -3.49 -18.31 7.51
CA GLY D 179 -4.11 -18.10 8.83
C GLY D 179 -3.26 -17.14 9.66
N ALA D 180 -1.97 -17.42 9.64
CA ALA D 180 -0.97 -16.62 10.38
C ALA D 180 -1.03 -15.17 9.93
N ALA D 181 -1.06 -15.01 8.61
CA ALA D 181 -1.10 -13.70 7.96
C ALA D 181 -2.32 -12.93 8.43
N VAL D 182 -3.45 -13.63 8.41
CA VAL D 182 -4.73 -13.06 8.83
C VAL D 182 -4.67 -12.57 10.26
N GLY D 183 -4.09 -13.42 11.10
CA GLY D 183 -3.93 -13.14 12.54
C GLY D 183 -3.12 -11.85 12.72
N VAL D 184 -2.03 -11.79 11.96
CA VAL D 184 -1.12 -10.65 12.02
C VAL D 184 -1.85 -9.36 11.64
N ALA D 185 -2.64 -9.47 10.58
CA ALA D 185 -3.43 -8.35 10.06
C ALA D 185 -4.39 -7.85 11.15
N THR D 186 -5.05 -8.81 11.78
CA THR D 186 -6.14 -8.49 12.70
C THR D 186 -5.63 -7.68 13.88
N VAL D 187 -4.48 -8.13 14.40
CA VAL D 187 -3.85 -7.45 15.55
C VAL D 187 -3.51 -6.01 15.19
N PHE D 188 -2.95 -5.85 13.97
CA PHE D 188 -2.56 -4.54 13.48
C PHE D 188 -3.76 -3.77 12.99
N ALA D 189 -4.85 -4.44 12.59
CA ALA D 189 -6.03 -3.81 11.95
C ALA D 189 -5.56 -3.12 10.68
N ALA D 190 -4.81 -3.89 9.89
CA ALA D 190 -3.88 -3.35 8.91
C ALA D 190 -3.56 -4.42 7.83
N PRO D 191 -4.42 -4.50 6.78
CA PRO D 191 -4.36 -5.63 5.85
C PRO D 191 -3.13 -5.79 4.97
N PHE D 192 -2.69 -4.69 4.35
CA PHE D 192 -1.81 -4.73 3.17
C PHE D 192 -0.40 -5.24 3.50
N SER D 193 0.15 -4.69 4.58
CA SER D 193 1.52 -4.91 4.96
C SER D 193 1.65 -6.04 5.95
N GLY D 194 0.64 -6.26 6.80
CA GLY D 194 0.70 -7.23 7.86
C GLY D 194 1.03 -8.62 7.32
N VAL D 195 0.30 -8.97 6.27
CA VAL D 195 0.45 -10.27 5.60
C VAL D 195 1.89 -10.43 5.10
N LEU D 196 2.37 -9.37 4.47
CA LEU D 196 3.73 -9.34 3.92
C LEU D 196 4.75 -9.58 5.02
N PHE D 197 4.55 -8.89 6.13
CA PHE D 197 5.40 -8.98 7.31
C PHE D 197 5.47 -10.42 7.80
N CYS D 198 4.28 -11.01 7.89
CA CYS D 198 4.12 -12.39 8.36
C CYS D 198 4.92 -13.34 7.46
N ILE D 199 4.76 -13.12 6.15
CA ILE D 199 5.44 -13.94 5.14
C ILE D 199 6.96 -13.85 5.31
N GLU D 200 7.41 -12.62 5.52
CA GLU D 200 8.84 -12.33 5.70
C GLU D 200 9.37 -13.09 6.90
N VAL D 201 8.60 -13.02 7.99
CA VAL D 201 9.10 -13.52 9.30
C VAL D 201 9.00 -15.05 9.37
N VAL D 202 7.78 -15.54 9.15
CA VAL D 202 7.43 -16.93 9.41
C VAL D 202 8.13 -17.85 8.41
N SER D 203 7.85 -17.63 7.13
CA SER D 203 8.16 -18.61 6.11
C SER D 203 9.47 -18.35 5.36
N SER D 204 9.80 -19.34 4.53
CA SER D 204 10.67 -19.15 3.37
C SER D 204 10.15 -20.09 2.28
N HIS D 205 10.58 -19.85 1.05
CA HIS D 205 10.05 -20.53 -0.15
C HIS D 205 8.54 -20.29 -0.32
N PHE D 206 8.12 -19.08 0.00
CA PHE D 206 6.73 -18.63 -0.16
C PHE D 206 6.32 -18.42 -1.61
N SER D 207 5.02 -18.57 -1.88
CA SER D 207 4.42 -18.28 -3.18
C SER D 207 3.53 -17.04 -3.07
N VAL D 208 3.26 -16.44 -4.23
CA VAL D 208 2.42 -15.27 -4.34
C VAL D 208 0.98 -15.64 -3.97
N TRP D 209 0.53 -16.85 -4.30
CA TRP D 209 -0.85 -17.17 -4.03
C TRP D 209 -1.15 -17.21 -2.56
N ASP D 210 -0.23 -17.68 -1.74
CA ASP D 210 -0.34 -17.65 -0.28
C ASP D 210 -0.56 -16.22 0.21
N TYR D 211 0.29 -15.34 -0.33
CA TYR D 211 0.26 -13.91 0.01
C TYR D 211 -1.10 -13.33 -0.32
N TRP D 212 -1.58 -13.66 -1.50
CA TRP D 212 -2.89 -13.21 -2.00
C TRP D 212 -4.00 -13.62 -1.06
N ARG D 213 -3.93 -14.89 -0.66
CA ARG D 213 -4.90 -15.50 0.26
C ARG D 213 -4.93 -14.70 1.57
N GLY D 214 -3.72 -14.44 2.06
CA GLY D 214 -3.54 -13.71 3.32
C GLY D 214 -4.19 -12.34 3.23
N PHE D 215 -3.91 -11.68 2.11
CA PHE D 215 -4.45 -10.34 1.81
C PHE D 215 -5.96 -10.36 1.84
N PHE D 216 -6.52 -11.36 1.19
CA PHE D 216 -7.97 -11.55 1.10
C PHE D 216 -8.57 -11.67 2.50
N ALA D 217 -7.90 -12.50 3.30
CA ALA D 217 -8.31 -12.76 4.68
C ALA D 217 -8.34 -11.44 5.48
N ALA D 218 -7.27 -10.69 5.31
CA ALA D 218 -7.10 -9.39 5.97
C ALA D 218 -8.24 -8.45 5.61
N THR D 219 -8.54 -8.42 4.31
CA THR D 219 -9.61 -7.58 3.76
C THR D 219 -10.94 -7.94 4.41
N CYS D 220 -11.19 -9.25 4.49
CA CYS D 220 -12.41 -9.79 5.09
C CYS D 220 -12.54 -9.31 6.54
N GLY D 221 -11.42 -9.43 7.25
CA GLY D 221 -11.33 -9.03 8.66
C GLY D 221 -11.69 -7.55 8.81
N ALA D 222 -11.11 -6.76 7.94
CA ALA D 222 -11.31 -5.31 7.91
C ALA D 222 -12.80 -5.00 7.73
N PHE D 223 -13.39 -5.70 6.77
CA PHE D 223 -14.81 -5.55 6.44
C PHE D 223 -15.67 -5.84 7.68
N MET D 224 -15.32 -6.94 8.34
CA MET D 224 -16.01 -7.39 9.55
C MET D 224 -15.96 -6.29 10.62
N PHE D 225 -14.76 -5.75 10.79
CA PHE D 225 -14.48 -4.69 11.76
C PHE D 225 -15.38 -3.49 11.49
N ARG D 226 -15.42 -3.13 10.21
CA ARG D 226 -16.22 -2.00 9.73
C ARG D 226 -17.69 -2.21 10.09
N LEU D 227 -18.15 -3.42 9.81
CA LEU D 227 -19.54 -3.82 10.08
C LEU D 227 -19.86 -3.66 11.56
N LEU D 228 -18.93 -4.13 12.38
CA LEU D 228 -19.03 -4.07 13.84
C LEU D 228 -18.75 -2.65 14.37
N ALA D 229 -18.44 -1.64 13.56
CA ALA D 229 -18.16 -0.28 14.07
C ALA D 229 -19.36 0.38 14.80
N VAL D 230 -20.57 0.00 14.42
CA VAL D 230 -21.81 0.49 15.07
C VAL D 230 -21.91 0.17 16.58
N PHE D 231 -21.40 -0.99 16.99
CA PHE D 231 -21.43 -1.42 18.40
C PHE D 231 -20.41 -0.64 19.24
N ASN D 232 -19.14 -0.72 18.83
CA ASN D 232 -17.97 -0.12 19.54
C ASN D 232 -18.06 -0.06 21.06
N PRO D 251 7.86 16.20 0.14
CA PRO D 251 8.58 17.47 0.18
C PRO D 251 9.86 17.45 1.05
N PHE D 252 10.45 16.27 1.26
CA PHE D 252 11.60 16.12 2.16
C PHE D 252 12.92 16.56 1.50
N ASP D 253 13.78 17.19 2.30
CA ASP D 253 15.06 17.73 1.85
C ASP D 253 16.16 16.65 1.76
N LEU D 254 17.37 17.09 1.42
CA LEU D 254 18.52 16.18 1.23
C LEU D 254 19.27 15.76 2.52
N PRO D 255 19.52 16.71 3.46
CA PRO D 255 20.09 16.31 4.79
C PRO D 255 19.15 15.47 5.66
N GLU D 256 17.85 15.60 5.38
CA GLU D 256 16.82 14.86 6.06
C GLU D 256 17.05 13.36 5.91
N ILE D 257 17.36 12.97 4.67
CA ILE D 257 17.61 11.57 4.33
C ILE D 257 18.78 11.03 5.15
N PHE D 258 19.83 11.84 5.21
CA PHE D 258 21.06 11.52 5.96
C PHE D 258 20.72 11.28 7.42
N PHE D 259 19.92 12.19 7.96
CA PHE D 259 19.49 12.14 9.36
C PHE D 259 18.75 10.84 9.63
N PHE D 260 17.85 10.52 8.71
CA PHE D 260 17.03 9.31 8.79
C PHE D 260 17.92 8.08 8.84
N VAL D 261 18.90 8.07 7.95
CA VAL D 261 19.86 6.98 7.83
C VAL D 261 20.60 6.79 9.16
N ALA D 262 21.04 7.91 9.71
CA ALA D 262 21.76 7.94 10.98
C ALA D 262 20.90 7.31 12.09
N LEU D 263 19.65 7.74 12.11
CA LEU D 263 18.66 7.26 13.08
C LEU D 263 18.53 5.76 13.00
N GLY D 264 18.40 5.29 11.76
CA GLY D 264 18.25 3.86 11.45
C GLY D 264 19.43 3.08 12.00
N ALA D 265 20.62 3.63 11.73
CA ALA D 265 21.88 3.03 12.16
C ALA D 265 21.90 2.88 13.69
N ILE D 266 21.49 3.96 14.34
CA ILE D 266 21.44 4.02 15.81
C ILE D 266 20.52 2.94 16.35
N CYS D 267 19.36 2.83 15.70
CA CYS D 267 18.34 1.84 16.06
C CYS D 267 18.91 0.44 15.98
N GLY D 268 19.60 0.20 14.86
CA GLY D 268 20.23 -1.09 14.57
C GLY D 268 21.20 -1.44 15.64
N VAL D 269 22.03 -0.46 16.03
CA VAL D 269 23.03 -0.62 17.09
C VAL D 269 22.32 -1.10 18.39
N ALA D 270 21.32 -0.29 18.71
CA ALA D 270 20.53 -0.50 19.94
C ALA D 270 19.86 -1.85 19.91
N SER D 271 19.28 -2.17 18.75
CA SER D 271 18.54 -3.39 18.49
C SER D 271 19.46 -4.52 18.65
N CYS D 272 20.71 -4.46 18.17
CA CYS D 272 21.65 -5.58 18.32
C CYS D 272 21.85 -5.91 19.79
N ALA D 273 22.06 -4.84 20.56
CA ALA D 273 22.29 -4.95 22.01
C ALA D 273 21.09 -5.63 22.67
N TYR D 274 19.92 -5.16 22.28
CA TYR D 274 18.64 -5.67 22.79
C TYR D 274 18.53 -7.17 22.54
N LEU D 275 18.85 -7.53 21.30
CA LEU D 275 18.81 -8.93 20.83
C LEU D 275 19.72 -9.78 21.69
N PHE D 276 20.92 -9.27 21.91
CA PHE D 276 21.95 -9.95 22.72
C PHE D 276 21.42 -10.22 24.11
N CYS D 277 20.82 -9.17 24.67
CA CYS D 277 20.26 -9.22 26.03
C CYS D 277 19.19 -10.31 26.12
N GLN D 278 18.34 -10.32 25.10
CA GLN D 278 17.24 -11.29 25.01
C GLN D 278 17.79 -12.70 25.00
N ARG D 279 18.83 -12.89 24.18
CA ARG D 279 19.46 -14.20 24.00
C ARG D 279 20.03 -14.66 25.34
N LYS D 280 20.68 -13.73 26.06
CA LYS D 280 21.47 -14.13 27.21
C LYS D 280 20.56 -14.30 28.41
N PHE D 281 19.64 -13.36 28.60
CA PHE D 281 18.79 -13.33 29.79
C PHE D 281 17.98 -14.63 29.88
N LEU D 282 17.41 -14.99 28.74
CA LEU D 282 16.57 -16.20 28.63
C LEU D 282 17.40 -17.42 29.01
N GLY D 283 18.62 -17.47 28.46
CA GLY D 283 19.55 -18.57 28.72
C GLY D 283 19.82 -18.69 30.21
N PHE D 284 20.08 -17.55 30.81
CA PHE D 284 20.38 -17.45 32.25
C PHE D 284 19.22 -18.02 33.06
N VAL D 285 18.01 -17.60 32.66
CA VAL D 285 16.78 -18.04 33.32
C VAL D 285 16.66 -19.56 33.26
N LYS D 286 16.91 -20.08 32.07
CA LYS D 286 16.86 -21.52 31.80
C LYS D 286 17.85 -22.27 32.71
N THR D 287 19.04 -21.70 32.73
CA THR D 287 20.22 -22.24 33.43
C THR D 287 20.19 -22.15 34.96
N ASN D 288 20.31 -20.90 35.45
CA ASN D 288 20.60 -20.60 36.85
C ASN D 288 19.71 -21.44 37.74
N PRO D 289 20.31 -22.21 38.68
CA PRO D 289 19.59 -23.38 39.13
C PRO D 289 18.40 -22.97 39.98
N VAL D 290 18.63 -22.02 40.88
CA VAL D 290 17.64 -21.58 41.84
C VAL D 290 16.37 -21.09 41.13
N LEU D 291 16.63 -20.26 40.12
CA LEU D 291 15.54 -19.66 39.32
C LEU D 291 14.71 -20.76 38.67
N SER D 292 15.43 -21.73 38.10
CA SER D 292 14.82 -22.88 37.42
C SER D 292 13.91 -23.63 38.38
N LYS D 293 14.44 -23.86 39.57
CA LYS D 293 13.74 -24.57 40.65
C LYS D 293 12.44 -23.86 40.98
N LEU D 294 12.57 -22.54 41.13
CA LEU D 294 11.44 -21.66 41.45
C LEU D 294 10.34 -21.80 40.40
N MET D 295 10.79 -21.75 39.15
CA MET D 295 9.91 -21.85 37.99
C MET D 295 9.13 -23.17 38.03
N ALA D 296 9.88 -24.23 38.31
CA ALA D 296 9.34 -25.59 38.41
C ALA D 296 8.24 -25.64 39.47
N THR D 297 8.57 -25.05 40.61
CA THR D 297 7.66 -25.01 41.76
C THR D 297 6.36 -24.31 41.38
N SER D 298 6.51 -23.12 40.80
CA SER D 298 5.38 -22.29 40.42
C SER D 298 5.83 -21.19 39.47
N LYS D 299 5.56 -21.44 38.18
CA LYS D 299 5.73 -20.47 37.08
C LYS D 299 4.90 -19.24 37.33
N PRO D 300 3.63 -19.47 37.82
CA PRO D 300 2.73 -18.36 38.10
C PRO D 300 3.33 -17.45 39.13
N LEU D 301 3.93 -18.05 40.17
CA LEU D 301 4.56 -17.27 41.25
C LEU D 301 5.65 -16.38 40.69
N TYR D 302 6.46 -16.97 39.82
CA TYR D 302 7.57 -16.26 39.17
C TYR D 302 7.04 -15.04 38.39
N SER D 303 6.00 -15.34 37.63
CA SER D 303 5.33 -14.34 36.77
C SER D 303 4.81 -13.20 37.64
N ALA D 304 4.14 -13.61 38.71
CA ALA D 304 3.51 -12.66 39.65
C ALA D 304 4.57 -11.75 40.24
N LEU D 305 5.67 -12.36 40.64
CA LEU D 305 6.80 -11.65 41.25
C LEU D 305 7.32 -10.61 40.29
N ALA D 306 7.49 -11.04 39.04
CA ALA D 306 7.99 -10.17 37.96
C ALA D 306 7.09 -8.96 37.80
N ALA D 307 5.80 -9.26 37.77
CA ALA D 307 4.76 -8.23 37.61
C ALA D 307 4.86 -7.20 38.72
N LEU D 308 5.00 -7.72 39.94
CA LEU D 308 5.11 -6.89 41.15
C LEU D 308 6.30 -5.95 41.03
N VAL D 309 7.42 -6.54 40.59
CA VAL D 309 8.68 -5.79 40.44
C VAL D 309 8.48 -4.65 39.44
N LEU D 310 7.82 -4.99 38.33
CA LEU D 310 7.56 -4.03 37.26
C LEU D 310 6.71 -2.85 37.82
N ALA D 311 5.70 -3.22 38.57
CA ALA D 311 4.61 -2.38 38.96
C ALA D 311 5.13 -1.27 39.83
N SER D 312 5.95 -1.61 40.81
CA SER D 312 6.53 -0.64 41.74
C SER D 312 7.31 0.42 40.97
N VAL D 313 8.13 -0.07 40.05
CA VAL D 313 8.97 0.79 39.21
C VAL D 313 8.11 1.76 38.42
N THR D 314 7.05 1.21 37.84
CA THR D 314 6.09 1.97 37.03
C THR D 314 5.47 3.09 37.87
N TYR D 315 4.95 2.71 39.04
CA TYR D 315 4.10 3.54 39.94
C TYR D 315 4.18 5.06 39.71
N PRO D 316 3.06 5.69 39.27
CA PRO D 316 3.11 7.06 38.70
C PRO D 316 3.78 8.17 39.53
N PRO D 317 3.41 8.33 40.82
CA PRO D 317 4.00 9.47 41.56
C PRO D 317 5.45 9.25 42.03
N GLY D 318 5.85 8.00 42.27
CA GLY D 318 7.21 7.70 42.70
C GLY D 318 8.25 7.82 41.60
N ALA D 319 8.05 7.07 40.52
CA ALA D 319 8.98 7.03 39.36
C ALA D 319 8.33 7.20 37.96
N GLY D 320 7.05 6.88 37.82
CA GLY D 320 6.34 7.03 36.54
C GLY D 320 6.19 8.44 36.00
N ARG D 321 6.25 9.43 36.88
CA ARG D 321 6.32 10.84 36.48
C ARG D 321 7.47 11.10 35.50
N PHE D 322 8.54 10.32 35.65
CA PHE D 322 9.70 10.36 34.74
C PHE D 322 9.51 9.46 33.52
N MET D 323 8.95 8.26 33.73
CA MET D 323 8.83 7.26 32.67
C MET D 323 7.58 7.41 31.77
N ALA D 324 6.75 8.43 32.00
CA ALA D 324 5.46 8.60 31.32
C ALA D 324 4.56 7.36 31.47
N SER D 325 4.54 6.84 32.70
CA SER D 325 3.85 5.59 33.04
C SER D 325 2.35 5.61 32.78
N ARG D 326 1.71 6.66 33.28
CA ARG D 326 0.26 6.77 33.27
C ARG D 326 -0.26 6.99 31.85
N LEU D 327 -0.28 5.90 31.09
CA LEU D 327 -0.66 5.90 29.68
C LEU D 327 -1.03 4.48 29.26
N SER D 328 -2.04 4.37 28.40
CA SER D 328 -2.37 3.10 27.74
C SER D 328 -1.31 2.76 26.69
N MET D 329 -1.40 1.55 26.13
CA MET D 329 -0.39 1.04 25.19
C MET D 329 -0.39 1.83 23.87
N ARG D 330 -1.58 1.99 23.29
CA ARG D 330 -1.76 2.81 22.09
C ARG D 330 -1.49 4.29 22.35
N GLU D 331 -1.84 4.73 23.57
CA GLU D 331 -1.70 6.12 23.96
C GLU D 331 -0.25 6.57 23.83
N TYR D 332 0.65 5.71 24.32
CA TYR D 332 2.10 5.94 24.27
C TYR D 332 2.55 6.17 22.83
N LEU D 333 2.08 5.26 21.98
CA LEU D 333 2.40 5.28 20.54
C LEU D 333 1.95 6.60 19.92
N ASP D 334 0.73 6.98 20.26
CA ASP D 334 0.12 8.22 19.77
C ASP D 334 0.99 9.42 20.16
N SER D 335 1.39 9.42 21.42
CA SER D 335 2.22 10.48 21.99
C SER D 335 3.52 10.59 21.21
N LEU D 336 4.13 9.43 20.97
CA LEU D 336 5.39 9.34 20.24
C LEU D 336 5.24 9.93 18.85
N LEU D 337 4.20 9.54 18.13
CA LEU D 337 4.02 9.92 16.72
C LEU D 337 3.16 11.20 16.59
N ASP D 338 3.24 12.08 17.58
CA ASP D 338 2.49 13.33 17.60
C ASP D 338 3.14 14.33 16.64
N HIS D 339 2.32 15.13 15.99
CA HIS D 339 2.77 16.07 14.97
C HIS D 339 3.56 17.25 15.54
N ASN D 340 3.22 17.67 16.76
CA ASN D 340 3.91 18.79 17.40
C ASN D 340 5.34 18.46 17.87
N SER D 341 6.19 19.48 17.89
CA SER D 341 7.60 19.36 18.30
C SER D 341 7.76 19.83 19.74
N TRP D 342 8.18 18.93 20.62
CA TRP D 342 7.85 19.05 22.03
C TRP D 342 8.73 20.09 22.69
N ALA D 343 10.03 20.05 22.36
CA ALA D 343 11.03 20.85 23.02
C ALA D 343 10.68 22.35 22.89
N LEU D 344 10.36 22.70 21.66
CA LEU D 344 10.01 24.09 21.31
C LEU D 344 8.81 24.55 22.14
N LEU D 345 7.81 23.67 22.20
CA LEU D 345 6.58 23.93 22.95
C LEU D 345 6.89 24.18 24.42
N THR D 346 7.76 23.33 24.95
CA THR D 346 8.18 23.41 26.35
C THR D 346 8.84 24.76 26.62
N ARG D 347 9.72 25.14 25.69
CA ARG D 347 10.45 26.41 25.76
C ARG D 347 9.47 27.58 25.82
N GLN D 348 8.49 27.51 24.93
CA GLN D 348 7.44 28.53 24.81
C GLN D 348 6.69 28.67 26.13
N ALA D 349 6.29 27.52 26.67
CA ALA D 349 5.36 27.45 27.80
C ALA D 349 5.55 26.16 28.62
N SER D 350 5.52 26.27 29.94
CA SER D 350 5.54 25.10 30.82
C SER D 350 4.18 24.42 30.79
N PRO D 351 4.13 23.12 30.38
CA PRO D 351 2.86 22.42 30.31
C PRO D 351 2.37 21.97 31.69
N PRO D 352 1.04 21.84 31.88
CA PRO D 352 0.51 21.45 33.18
C PRO D 352 0.29 19.94 33.27
N TRP D 353 0.56 19.37 34.45
CA TRP D 353 0.34 17.96 34.72
C TRP D 353 -1.13 17.80 35.12
N PRO D 354 -1.95 17.15 34.26
CA PRO D 354 -3.38 17.06 34.56
C PRO D 354 -3.69 15.97 35.59
N VAL D 355 -4.94 15.91 36.05
CA VAL D 355 -5.38 14.87 36.98
C VAL D 355 -5.45 13.53 36.24
N GLU D 356 -5.97 13.57 35.02
CA GLU D 356 -6.00 12.40 34.13
C GLU D 356 -5.43 12.79 32.76
N PRO D 357 -4.79 11.84 32.06
CA PRO D 357 -4.07 12.16 30.82
C PRO D 357 -5.01 12.66 29.72
N ASP D 358 -4.69 13.82 29.16
CA ASP D 358 -5.57 14.49 28.21
C ASP D 358 -5.68 13.68 26.90
N PRO D 359 -6.90 13.38 26.42
CA PRO D 359 -7.08 12.67 25.14
C PRO D 359 -6.50 13.39 23.92
N GLN D 360 -6.52 14.73 23.93
CA GLN D 360 -5.96 15.54 22.83
C GLN D 360 -4.45 15.75 22.96
N ASN D 361 -3.96 15.84 24.20
CA ASN D 361 -2.55 16.13 24.50
C ASN D 361 -1.90 15.04 25.35
N LEU D 362 -1.62 13.90 24.72
CA LEU D 362 -1.03 12.76 25.42
C LEU D 362 0.40 13.07 25.86
N TRP D 363 1.09 13.88 25.07
CA TRP D 363 2.52 14.14 25.27
C TRP D 363 2.86 14.88 26.57
N PHE D 364 1.89 15.58 27.15
CA PHE D 364 2.10 16.24 28.45
C PHE D 364 2.67 15.28 29.52
N GLU D 365 2.28 14.01 29.45
CA GLU D 365 2.81 12.97 30.36
C GLU D 365 4.33 12.85 30.33
N TRP D 366 4.93 13.04 29.17
CA TRP D 366 6.39 12.96 29.03
C TRP D 366 7.17 14.11 29.67
N TYR D 367 6.54 15.27 29.91
CA TYR D 367 7.25 16.43 30.46
C TYR D 367 7.46 16.31 31.98
N HIS D 368 8.60 16.87 32.43
CA HIS D 368 8.84 17.16 33.84
C HIS D 368 9.68 18.47 33.95
N PRO D 369 9.54 19.24 35.06
CA PRO D 369 10.35 20.45 35.19
C PRO D 369 11.83 20.19 35.50
N GLN D 370 12.09 19.32 36.46
CA GLN D 370 13.47 18.98 36.88
C GLN D 370 14.18 18.15 35.80
N PHE D 371 13.47 17.15 35.26
CA PHE D 371 13.94 16.34 34.13
C PHE D 371 13.30 16.84 32.83
N THR D 372 14.10 17.41 31.94
CA THR D 372 13.61 17.88 30.63
C THR D 372 13.05 16.71 29.81
N ILE D 373 12.17 16.99 28.85
CA ILE D 373 11.50 15.97 28.05
C ILE D 373 12.48 14.97 27.50
N PHE D 374 13.63 15.47 27.04
CA PHE D 374 14.73 14.64 26.54
C PHE D 374 15.17 13.64 27.59
N GLY D 375 15.36 14.18 28.80
CA GLY D 375 15.80 13.40 29.96
C GLY D 375 14.81 12.28 30.24
N THR D 376 13.54 12.65 30.21
CA THR D 376 12.43 11.71 30.47
C THR D 376 12.48 10.57 29.46
N LEU D 377 12.66 10.95 28.20
CA LEU D 377 12.73 10.00 27.08
C LEU D 377 13.86 9.01 27.32
N ALA D 378 15.01 9.57 27.69
CA ALA D 378 16.21 8.79 27.96
C ALA D 378 15.95 7.76 29.05
N PHE D 379 15.30 8.24 30.10
CA PHE D 379 14.95 7.42 31.27
C PHE D 379 14.09 6.24 30.84
N PHE D 380 13.09 6.58 30.03
CA PHE D 380 12.13 5.60 29.49
C PHE D 380 12.87 4.51 28.72
N LEU D 381 13.79 4.98 27.87
CA LEU D 381 14.59 4.10 27.03
C LEU D 381 15.39 3.12 27.89
N VAL D 382 16.00 3.69 28.93
CA VAL D 382 16.86 2.91 29.82
C VAL D 382 16.00 1.85 30.53
N MET D 383 14.79 2.24 30.96
CA MET D 383 14.02 1.48 31.89
C MET D 383 13.19 0.42 31.20
N LYS D 384 12.63 0.78 30.05
CA LYS D 384 11.85 -0.17 29.23
C LYS D 384 12.72 -1.34 28.83
N PHE D 385 13.93 -1.03 28.40
CA PHE D 385 14.93 -2.03 28.00
C PHE D 385 15.18 -3.02 29.13
N TRP D 386 15.38 -2.44 30.31
CA TRP D 386 15.66 -3.20 31.53
C TRP D 386 14.48 -4.17 31.82
N MET D 387 13.29 -3.62 31.70
CA MET D 387 12.04 -4.25 32.01
C MET D 387 11.55 -5.14 30.91
N LEU D 388 11.74 -4.71 29.66
CA LEU D 388 11.10 -5.35 28.51
C LEU D 388 11.52 -6.81 28.42
N ILE D 389 12.82 -7.03 28.59
CA ILE D 389 13.41 -8.38 28.54
C ILE D 389 12.76 -9.26 29.60
N LEU D 390 12.66 -8.71 30.80
CA LEU D 390 12.07 -9.40 31.95
C LEU D 390 10.63 -9.80 31.64
N ALA D 391 9.90 -8.86 31.07
CA ALA D 391 8.50 -9.04 30.70
C ALA D 391 8.38 -10.21 29.71
N THR D 392 9.26 -10.18 28.72
CA THR D 392 9.29 -11.20 27.67
C THR D 392 9.53 -12.58 28.29
N THR D 393 10.48 -12.62 29.21
CA THR D 393 10.82 -13.85 29.94
C THR D 393 9.59 -14.48 30.60
N ILE D 394 8.72 -13.72 31.26
CA ILE D 394 7.68 -14.35 32.11
C ILE D 394 6.69 -15.26 31.34
N PRO D 395 6.48 -16.50 31.84
CA PRO D 395 5.72 -17.50 31.10
C PRO D 395 4.22 -17.20 31.07
N MET D 396 3.76 -16.75 29.91
CA MET D 396 2.35 -16.45 29.68
C MET D 396 2.13 -16.26 28.18
N PRO D 397 0.86 -16.35 27.72
CA PRO D 397 0.56 -15.95 26.35
C PRO D 397 0.69 -14.44 26.15
N ALA D 398 1.74 -14.02 25.44
CA ALA D 398 2.01 -12.61 25.20
C ALA D 398 2.80 -12.39 23.91
N GLY D 399 2.59 -11.21 23.31
CA GLY D 399 3.29 -10.80 22.09
C GLY D 399 4.37 -9.76 22.40
N TYR D 400 5.47 -9.83 21.63
CA TYR D 400 6.67 -9.06 21.92
C TYR D 400 7.15 -8.17 20.75
N PHE D 401 6.21 -7.73 19.91
CA PHE D 401 6.54 -6.91 18.74
C PHE D 401 6.20 -5.45 19.06
N MET D 402 4.99 -5.27 19.57
CA MET D 402 4.40 -3.96 19.79
C MET D 402 5.28 -3.14 20.71
N PRO D 403 5.73 -3.79 21.81
CA PRO D 403 6.58 -3.11 22.78
C PRO D 403 7.86 -2.62 22.12
N ILE D 404 8.44 -3.50 21.31
CA ILE D 404 9.69 -3.20 20.60
C ILE D 404 9.50 -1.99 19.70
N PHE D 405 8.38 -2.01 18.99
CA PHE D 405 8.01 -0.93 18.05
C PHE D 405 7.93 0.40 18.81
N ILE D 406 7.26 0.34 19.95
CA ILE D 406 7.07 1.52 20.80
C ILE D 406 8.41 2.08 21.23
N PHE D 407 9.29 1.17 21.64
CA PHE D 407 10.64 1.51 22.09
C PHE D 407 11.39 2.25 20.98
N GLY D 408 11.29 1.66 19.79
CA GLY D 408 11.93 2.21 18.59
C GLY D 408 11.46 3.63 18.33
N ALA D 409 10.14 3.79 18.42
CA ALA D 409 9.47 5.07 18.19
C ALA D 409 9.98 6.09 19.16
N ALA D 410 10.12 5.70 20.43
CA ALA D 410 10.61 6.56 21.49
C ALA D 410 12.00 7.12 21.12
N ILE D 411 12.84 6.16 20.70
CA ILE D 411 14.22 6.49 20.31
C ILE D 411 14.23 7.50 19.17
N GLY D 412 13.38 7.22 18.19
CA GLY D 412 13.23 8.07 17.01
C GLY D 412 12.86 9.48 17.42
N ARG D 413 11.89 9.56 18.31
CA ARG D 413 11.35 10.81 18.84
C ARG D 413 12.44 11.58 19.49
N LEU D 414 13.29 10.91 20.29
CA LEU D 414 14.39 11.59 20.99
C LEU D 414 15.31 12.29 19.97
N LEU D 415 15.63 11.50 18.93
CA LEU D 415 16.51 11.97 17.85
C LEU D 415 15.92 13.19 17.18
N GLY D 416 14.63 13.11 16.91
CA GLY D 416 13.87 14.18 16.26
C GLY D 416 13.95 15.46 17.08
N GLU D 417 13.74 15.28 18.39
CA GLU D 417 13.77 16.38 19.35
C GLU D 417 15.13 17.06 19.31
N ALA D 418 16.17 16.22 19.32
CA ALA D 418 17.56 16.69 19.29
C ALA D 418 17.80 17.54 18.04
N LEU D 419 17.33 17.01 16.93
CA LEU D 419 17.46 17.66 15.62
C LEU D 419 16.81 19.04 15.65
N SER D 420 15.60 19.07 16.22
CA SER D 420 14.81 20.29 16.35
C SER D 420 15.59 21.33 17.15
N VAL D 421 16.14 20.87 18.26
CA VAL D 421 16.94 21.71 19.15
C VAL D 421 18.11 22.33 18.40
N ALA D 422 18.78 21.47 17.64
CA ALA D 422 19.94 21.88 16.83
C ALA D 422 19.55 22.98 15.84
N PHE D 423 18.45 22.71 15.11
CA PHE D 423 17.93 23.56 14.04
C PHE D 423 16.50 24.02 14.36
N PRO D 424 16.35 25.06 15.21
CA PRO D 424 15.00 25.49 15.61
C PRO D 424 14.17 26.02 14.45
N GLU D 425 14.78 26.88 13.63
CA GLU D 425 14.22 27.31 12.35
C GLU D 425 13.92 26.07 11.50
N GLY D 426 14.93 25.21 11.37
CA GLY D 426 14.87 24.00 10.56
C GLY D 426 15.95 23.98 9.50
N ILE D 427 15.79 23.08 8.54
CA ILE D 427 16.73 22.94 7.43
C ILE D 427 16.28 23.84 6.27
N VAL D 428 17.24 24.44 5.59
CA VAL D 428 16.97 25.42 4.52
C VAL D 428 16.44 24.77 3.23
N ASN D 434 11.48 24.01 5.46
CA ASN D 434 10.41 23.52 6.32
C ASN D 434 11.00 22.96 7.63
N PRO D 435 10.34 23.23 8.79
CA PRO D 435 10.90 22.79 10.08
C PRO D 435 10.90 21.27 10.29
N ILE D 436 11.75 20.81 11.20
CA ILE D 436 11.88 19.39 11.50
C ILE D 436 10.72 18.93 12.38
N MET D 437 9.88 18.07 11.80
CA MET D 437 8.78 17.44 12.50
C MET D 437 9.29 16.12 13.11
N PRO D 438 9.39 16.04 14.46
CA PRO D 438 9.98 14.87 15.10
C PRO D 438 9.09 13.65 15.11
N GLY D 439 7.80 13.81 14.82
CA GLY D 439 6.87 12.70 14.70
C GLY D 439 7.35 11.71 13.65
N GLY D 440 7.74 12.27 12.51
CA GLY D 440 8.24 11.50 11.37
C GLY D 440 9.44 10.68 11.77
N TYR D 441 10.35 11.35 12.48
CA TYR D 441 11.59 10.73 12.97
C TYR D 441 11.27 9.55 13.87
N ALA D 442 10.33 9.78 14.77
CA ALA D 442 9.85 8.77 15.72
C ALA D 442 9.34 7.54 14.98
N LEU D 443 8.53 7.82 13.98
CA LEU D 443 7.92 6.79 13.13
C LEU D 443 9.01 5.94 12.47
N ALA D 444 9.99 6.65 11.93
CA ALA D 444 11.13 6.02 11.25
C ALA D 444 11.86 5.08 12.20
N GLY D 445 12.09 5.59 13.39
CA GLY D 445 12.77 4.84 14.46
C GLY D 445 12.03 3.56 14.76
N ALA D 446 10.72 3.70 14.90
CA ALA D 446 9.81 2.59 15.20
C ALA D 446 9.94 1.52 14.13
N ALA D 447 9.91 1.98 12.89
CA ALA D 447 9.99 1.12 11.70
C ALA D 447 11.31 0.32 11.74
N ALA D 448 12.37 1.04 12.05
CA ALA D 448 13.74 0.69 11.80
C ALA D 448 14.11 -0.30 12.87
N PHE D 449 13.94 0.10 14.13
CA PHE D 449 14.36 -0.68 15.28
C PHE D 449 13.69 -2.04 15.26
N SER D 450 12.37 -2.00 15.02
CA SER D 450 11.57 -3.24 14.99
C SER D 450 12.09 -4.18 13.91
N GLY D 451 12.36 -3.59 12.75
CA GLY D 451 12.89 -4.35 11.60
C GLY D 451 14.19 -5.03 11.96
N ALA D 452 15.05 -4.26 12.60
CA ALA D 452 16.37 -4.73 13.04
C ALA D 452 16.22 -5.93 13.97
N VAL D 453 15.29 -5.77 14.91
CA VAL D 453 15.00 -6.80 15.90
C VAL D 453 14.55 -8.09 15.20
N THR D 454 13.63 -7.88 14.26
CA THR D 454 12.84 -8.92 13.61
C THR D 454 13.44 -9.43 12.27
N HIS D 455 14.49 -8.78 11.76
CA HIS D 455 15.13 -9.12 10.48
C HIS D 455 14.13 -9.05 9.31
N SER D 456 13.28 -8.02 9.33
CA SER D 456 12.17 -7.91 8.37
C SER D 456 11.83 -6.47 8.03
N ILE D 457 12.08 -6.05 6.79
CA ILE D 457 11.85 -4.65 6.41
C ILE D 457 10.41 -4.34 5.96
N SER D 458 9.56 -5.36 5.97
CA SER D 458 8.09 -5.20 6.04
C SER D 458 7.59 -4.29 7.17
N THR D 459 8.44 -4.13 8.18
CA THR D 459 8.17 -3.30 9.33
C THR D 459 7.89 -1.87 8.90
N ALA D 460 8.73 -1.38 7.99
CA ALA D 460 8.60 -0.03 7.44
C ALA D 460 7.23 0.16 6.80
N LEU D 461 6.87 -0.84 6.01
CA LEU D 461 5.59 -0.85 5.28
C LEU D 461 4.43 -0.77 6.28
N LEU D 462 4.54 -1.58 7.32
CA LEU D 462 3.54 -1.66 8.39
C LEU D 462 3.36 -0.29 9.03
N ALA D 463 4.50 0.32 9.32
CA ALA D 463 4.55 1.65 9.96
C ALA D 463 3.82 2.66 9.09
N PHE D 464 4.12 2.61 7.81
CA PHE D 464 3.54 3.51 6.80
C PHE D 464 2.01 3.36 6.81
N GLU D 465 1.59 2.10 6.81
CA GLU D 465 0.17 1.76 6.80
C GLU D 465 -0.53 2.35 8.03
N LEU D 466 0.12 2.17 9.17
CA LEU D 466 -0.37 2.67 10.45
C LEU D 466 -0.56 4.19 10.39
N THR D 467 0.45 4.85 9.84
CA THR D 467 0.46 6.31 9.70
C THR D 467 -0.73 6.76 8.86
N GLY D 468 -0.94 6.07 7.72
CA GLY D 468 -1.94 6.47 6.72
C GLY D 468 -1.38 7.31 5.59
N GLN D 469 -0.11 7.70 5.70
CA GLN D 469 0.57 8.57 4.74
C GLN D 469 1.78 7.85 4.14
N ILE D 470 1.98 8.02 2.83
CA ILE D 470 3.10 7.43 2.09
C ILE D 470 4.07 8.54 1.62
N VAL D 471 4.09 9.67 2.35
CA VAL D 471 5.01 10.77 2.06
C VAL D 471 6.41 10.53 2.65
N HIS D 472 6.50 9.74 3.72
CA HIS D 472 7.78 9.39 4.36
C HIS D 472 8.37 8.10 3.77
N ALA D 473 8.16 7.86 2.47
CA ALA D 473 8.31 6.53 1.88
C ALA D 473 9.74 6.03 1.82
N LEU D 474 10.61 6.82 1.21
CA LEU D 474 12.00 6.43 0.98
C LEU D 474 12.87 6.42 2.23
N PRO D 475 12.94 7.57 2.93
CA PRO D 475 13.97 7.76 3.96
C PRO D 475 13.83 6.72 5.06
N VAL D 476 12.58 6.52 5.47
CA VAL D 476 12.23 5.56 6.53
C VAL D 476 12.70 4.17 6.12
N LEU D 477 12.39 3.82 4.86
CA LEU D 477 12.74 2.52 4.30
C LEU D 477 14.25 2.32 4.35
N MET D 478 14.95 3.36 3.93
CA MET D 478 16.42 3.37 3.90
C MET D 478 16.97 3.10 5.30
N ALA D 479 16.40 3.80 6.26
CA ALA D 479 16.79 3.70 7.67
C ALA D 479 16.63 2.26 8.14
N VAL D 480 15.47 1.70 7.81
CA VAL D 480 15.11 0.33 8.17
C VAL D 480 16.15 -0.65 7.62
N LEU D 481 16.47 -0.43 6.35
CA LEU D 481 17.45 -1.26 5.64
C LEU D 481 18.79 -1.24 6.34
N ALA D 482 19.19 -0.02 6.70
CA ALA D 482 20.46 0.23 7.40
C ALA D 482 20.50 -0.55 8.71
N ALA D 483 19.39 -0.45 9.44
CA ALA D 483 19.22 -1.12 10.73
C ALA D 483 19.40 -2.62 10.57
N ASN D 484 18.73 -3.13 9.54
CA ASN D 484 18.77 -4.57 9.21
C ASN D 484 20.19 -5.02 8.95
N ALA D 485 20.89 -4.21 8.17
CA ALA D 485 22.29 -4.46 7.80
C ALA D 485 23.15 -4.56 9.03
N ILE D 486 22.94 -3.59 9.93
CA ILE D 486 23.84 -3.64 11.06
C ILE D 486 23.47 -4.76 12.01
N ALA D 487 22.21 -5.16 12.08
CA ALA D 487 21.73 -6.08 13.07
C ALA D 487 21.90 -7.53 12.63
N GLN D 488 21.53 -7.77 11.37
CA GLN D 488 21.56 -9.06 10.71
C GLN D 488 22.98 -9.56 10.40
N SER D 489 23.96 -8.64 10.41
CA SER D 489 25.37 -9.01 10.33
C SER D 489 25.98 -9.41 11.69
N CYS D 490 25.46 -8.84 12.78
CA CYS D 490 25.95 -9.14 14.15
C CYS D 490 25.18 -10.24 14.87
N GLN D 491 23.85 -10.11 14.89
CA GLN D 491 22.98 -10.91 15.74
C GLN D 491 21.92 -11.70 14.97
N PRO D 492 21.27 -12.68 15.63
CA PRO D 492 20.08 -13.32 15.07
C PRO D 492 18.84 -12.49 15.38
N SER D 493 17.72 -12.81 14.73
CA SER D 493 16.44 -12.14 15.01
C SER D 493 15.96 -12.43 16.43
N PHE D 494 15.03 -11.61 16.92
CA PHE D 494 14.43 -11.85 18.24
C PHE D 494 13.86 -13.29 18.26
N TYR D 495 13.06 -13.54 17.24
CA TYR D 495 12.37 -14.82 17.08
C TYR D 495 13.39 -15.96 17.01
N ASP D 496 14.42 -15.74 16.22
CA ASP D 496 15.51 -16.70 16.02
C ASP D 496 16.17 -17.01 17.36
N GLY D 497 16.45 -15.95 18.11
CA GLY D 497 17.08 -16.04 19.43
C GLY D 497 16.24 -16.92 20.35
N THR D 498 14.94 -16.63 20.33
CA THR D 498 13.96 -17.35 21.15
C THR D 498 13.98 -18.83 20.83
N ILE D 499 14.00 -19.11 19.52
CA ILE D 499 14.02 -20.48 19.00
C ILE D 499 15.26 -21.21 19.52
N ILE D 500 16.38 -20.51 19.42
CA ILE D 500 17.68 -21.06 19.86
C ILE D 500 17.62 -21.42 21.34
N VAL D 501 17.06 -20.49 22.12
CA VAL D 501 16.91 -20.67 23.56
C VAL D 501 16.08 -21.92 23.87
N LYS D 502 14.99 -22.04 23.13
CA LYS D 502 14.07 -23.17 23.28
C LYS D 502 14.79 -24.48 23.01
N LYS D 503 15.53 -24.48 21.90
CA LYS D 503 16.09 -25.67 21.25
C LYS D 503 14.97 -26.42 20.53
N LEU D 504 14.25 -25.71 19.67
CA LEU D 504 13.20 -26.28 18.83
C LEU D 504 13.77 -26.79 17.52
N PRO D 505 13.15 -27.84 16.94
CA PRO D 505 13.67 -28.49 15.75
C PRO D 505 13.49 -27.69 14.44
N TYR D 506 14.35 -26.68 14.27
CA TYR D 506 14.38 -25.83 13.07
C TYR D 506 15.76 -25.96 12.45
N LEU D 507 15.82 -26.52 11.23
CA LEU D 507 17.10 -26.89 10.60
C LEU D 507 17.97 -25.73 10.09
N PRO D 508 17.38 -24.72 9.40
CA PRO D 508 18.19 -23.70 8.71
C PRO D 508 19.23 -22.92 9.54
N TRP D 509 20.15 -22.27 8.84
CA TRP D 509 21.28 -21.58 9.45
C TRP D 509 20.84 -20.32 10.19
N ILE D 510 21.36 -20.16 11.41
CA ILE D 510 21.11 -18.98 12.24
C ILE D 510 22.45 -18.44 12.75
N ARG D 511 22.59 -17.11 12.76
CA ARG D 511 23.80 -16.45 13.25
C ARG D 511 23.96 -16.63 14.75
N GLY D 512 25.19 -16.90 15.18
CA GLY D 512 25.51 -17.09 16.60
C GLY D 512 24.91 -18.35 17.20
N ARG D 513 24.76 -19.39 16.40
CA ARG D 513 24.24 -20.68 16.87
C ARG D 513 25.15 -21.80 16.37
N LYS D 514 26.09 -22.20 17.24
CA LYS D 514 27.07 -23.25 16.92
C LYS D 514 26.42 -24.62 16.91
N ILE D 515 26.46 -25.28 15.75
CA ILE D 515 25.81 -26.58 15.55
C ILE D 515 26.37 -27.30 14.31
N SER D 516 26.35 -28.63 14.34
CA SER D 516 26.85 -29.46 13.24
C SER D 516 25.76 -29.75 12.20
N SER D 517 25.41 -28.73 11.41
CA SER D 517 24.40 -28.87 10.34
C SER D 517 24.98 -29.41 9.03
N HIS D 518 26.22 -29.02 8.73
CA HIS D 518 26.91 -29.46 7.50
C HIS D 518 27.51 -30.87 7.60
N ARG D 519 27.80 -31.33 8.81
CA ARG D 519 28.53 -32.60 9.02
C ARG D 519 27.65 -33.82 8.78
N VAL D 520 26.51 -33.88 9.46
CA VAL D 520 25.59 -35.02 9.37
C VAL D 520 25.12 -35.31 7.93
N THR D 521 25.62 -36.43 7.39
CA THR D 521 25.23 -36.88 6.06
C THR D 521 23.95 -37.72 6.18
N VAL D 522 23.44 -38.21 5.05
CA VAL D 522 22.30 -39.14 5.06
C VAL D 522 22.66 -40.46 5.76
N GLU D 523 23.91 -40.91 5.61
CA GLU D 523 24.39 -42.16 6.24
C GLU D 523 24.04 -42.29 7.73
N HIS D 524 24.10 -41.18 8.48
CA HIS D 524 23.88 -41.20 9.92
C HIS D 524 22.40 -41.32 10.33
N PHE D 525 21.49 -40.68 9.59
CA PHE D 525 20.06 -40.66 9.95
C PHE D 525 19.12 -41.50 9.08
N MET D 526 19.64 -42.11 8.02
CA MET D 526 18.82 -42.95 7.13
C MET D 526 18.28 -44.20 7.80
N ASN D 527 17.14 -44.69 7.32
CA ASN D 527 16.54 -45.94 7.79
C ASN D 527 17.21 -47.12 7.08
N ARG D 528 17.91 -47.95 7.84
CA ARG D 528 18.59 -49.13 7.30
C ARG D 528 17.61 -50.26 6.97
N ALA D 529 16.43 -50.25 7.62
CA ALA D 529 15.39 -51.24 7.36
C ALA D 529 14.78 -51.05 5.97
N ILE D 530 14.85 -52.09 5.15
CA ILE D 530 14.29 -52.09 3.80
C ILE D 530 13.60 -53.43 3.52
N THR D 531 12.79 -53.43 2.47
CA THR D 531 11.98 -54.59 2.09
C THR D 531 12.23 -54.90 0.62
N THR D 532 13.41 -55.44 0.33
CA THR D 532 13.87 -55.65 -1.05
C THR D 532 13.12 -56.78 -1.75
N LEU D 533 12.23 -56.41 -2.67
CA LEU D 533 11.48 -57.38 -3.49
C LEU D 533 12.20 -57.57 -4.82
N ALA D 534 13.25 -58.39 -4.79
CA ALA D 534 14.08 -58.64 -5.98
C ALA D 534 13.38 -59.56 -6.97
N LYS D 535 13.70 -59.40 -8.26
CA LYS D 535 13.12 -60.20 -9.35
C LYS D 535 13.29 -61.70 -9.14
N ASP D 536 14.53 -62.07 -8.82
CA ASP D 536 14.98 -63.46 -8.63
C ASP D 536 14.26 -64.23 -7.51
N THR D 537 13.84 -63.52 -6.45
CA THR D 537 13.26 -64.17 -5.26
C THR D 537 11.95 -64.92 -5.57
N PRO D 538 11.65 -65.98 -4.78
CA PRO D 538 10.43 -66.75 -5.01
C PRO D 538 9.16 -66.04 -4.53
N GLN D 539 8.02 -66.63 -4.85
CA GLN D 539 6.71 -66.01 -4.70
C GLN D 539 6.21 -66.13 -3.28
N GLU D 540 6.43 -67.29 -2.68
CA GLU D 540 6.05 -67.57 -1.29
C GLU D 540 6.73 -66.57 -0.36
N GLU D 541 8.02 -66.37 -0.60
CA GLU D 541 8.84 -65.45 0.20
C GLU D 541 8.25 -64.04 0.13
N VAL D 542 7.91 -63.64 -1.09
CA VAL D 542 7.34 -62.33 -1.37
C VAL D 542 6.05 -62.15 -0.58
N VAL D 543 5.22 -63.18 -0.64
CA VAL D 543 3.93 -63.21 0.04
C VAL D 543 4.12 -63.00 1.54
N LYS D 544 5.09 -63.74 2.08
CA LYS D 544 5.44 -63.69 3.49
C LYS D 544 5.83 -62.27 3.89
N VAL D 545 6.67 -61.68 3.05
CA VAL D 545 7.18 -60.32 3.25
C VAL D 545 5.99 -59.34 3.32
N VAL D 546 5.09 -59.50 2.36
CA VAL D 546 3.90 -58.66 2.25
C VAL D 546 3.07 -58.75 3.54
N THR D 547 2.89 -59.98 3.98
CA THR D 547 2.13 -60.27 5.21
C THR D 547 2.75 -59.56 6.39
N SER D 548 4.07 -59.66 6.48
CA SER D 548 4.85 -59.04 7.56
C SER D 548 4.82 -57.51 7.63
N THR D 549 5.31 -56.83 6.59
CA THR D 549 5.59 -55.39 6.68
C THR D 549 4.43 -54.48 6.27
N ASP D 550 3.85 -54.75 5.08
CA ASP D 550 2.78 -53.92 4.49
C ASP D 550 3.16 -52.43 4.37
N MET D 551 4.38 -52.19 3.88
CA MET D 551 4.87 -50.83 3.64
C MET D 551 4.18 -50.18 2.45
N ALA D 552 4.19 -48.85 2.41
CA ALA D 552 3.52 -48.07 1.37
C ALA D 552 4.13 -48.29 -0.02
N GLU D 553 5.47 -48.29 -0.08
CA GLU D 553 6.20 -48.43 -1.33
C GLU D 553 7.41 -49.34 -1.15
N TYR D 554 7.37 -50.51 -1.78
CA TYR D 554 8.48 -51.48 -1.75
C TYR D 554 9.47 -51.18 -2.88
N PRO D 555 10.79 -51.29 -2.61
CA PRO D 555 11.77 -51.16 -3.70
C PRO D 555 11.86 -52.41 -4.57
N LEU D 556 12.02 -52.21 -5.88
CA LEU D 556 12.26 -53.31 -6.83
C LEU D 556 13.75 -53.41 -7.11
N VAL D 557 14.31 -54.59 -6.87
CA VAL D 557 15.74 -54.86 -7.02
C VAL D 557 15.96 -55.76 -8.23
N ALA D 558 17.16 -55.69 -8.83
CA ALA D 558 17.52 -56.57 -9.95
C ALA D 558 17.72 -58.03 -9.50
N SER D 559 18.67 -58.23 -8.58
CA SER D 559 18.95 -59.55 -8.00
C SER D 559 19.37 -59.44 -6.54
N THR D 560 19.26 -60.54 -5.80
CA THR D 560 19.49 -60.55 -4.35
C THR D 560 20.93 -60.22 -3.94
N GLU D 561 21.90 -60.66 -4.73
CA GLU D 561 23.33 -60.44 -4.44
C GLU D 561 23.74 -58.98 -4.66
N SER D 562 23.42 -58.44 -5.84
CA SER D 562 23.81 -57.08 -6.22
C SER D 562 23.07 -55.97 -5.47
N GLN D 563 21.80 -56.21 -5.13
CA GLN D 563 20.93 -55.26 -4.41
C GLN D 563 20.69 -53.91 -5.14
N THR D 564 20.77 -53.93 -6.47
CA THR D 564 20.65 -52.72 -7.29
C THR D 564 19.19 -52.42 -7.64
N LEU D 565 18.80 -51.15 -7.51
CA LEU D 565 17.42 -50.71 -7.77
C LEU D 565 17.08 -50.73 -9.25
N VAL D 566 15.85 -51.15 -9.56
CA VAL D 566 15.25 -51.01 -10.88
C VAL D 566 13.80 -50.55 -10.69
N GLY D 567 13.61 -49.51 -9.86
CA GLY D 567 12.30 -48.91 -9.63
C GLY D 567 11.61 -49.34 -8.34
N THR D 568 10.30 -49.07 -8.28
CA THR D 568 9.49 -49.28 -7.08
C THR D 568 8.15 -49.96 -7.37
N MET D 569 7.54 -50.48 -6.31
CA MET D 569 6.26 -51.20 -6.36
C MET D 569 5.37 -50.72 -5.21
N ARG D 570 4.06 -50.71 -5.45
CA ARG D 570 3.06 -50.39 -4.42
C ARG D 570 2.47 -51.67 -3.83
N ARG D 571 1.93 -51.56 -2.61
CA ARG D 571 1.69 -52.73 -1.75
C ARG D 571 0.37 -53.37 -2.12
N ALA D 572 -0.64 -52.51 -2.23
CA ALA D 572 -2.01 -52.93 -2.56
C ALA D 572 -2.03 -53.66 -3.90
N GLN D 573 -1.33 -53.05 -4.86
CA GLN D 573 -1.24 -53.59 -6.22
C GLN D 573 -0.63 -54.98 -6.19
N LEU D 574 0.45 -55.09 -5.41
CA LEU D 574 1.18 -56.35 -5.26
C LEU D 574 0.25 -57.43 -4.71
N VAL D 575 -0.50 -57.03 -3.69
CA VAL D 575 -1.46 -57.92 -3.01
C VAL D 575 -2.48 -58.45 -4.02
N GLN D 576 -2.98 -57.51 -4.81
CA GLN D 576 -3.99 -57.80 -5.84
C GLN D 576 -3.44 -58.84 -6.82
N ALA D 577 -2.21 -58.59 -7.25
CA ALA D 577 -1.50 -59.46 -8.19
C ALA D 577 -1.40 -60.87 -7.62
N LEU D 578 -1.01 -60.93 -6.36
CA LEU D 578 -0.85 -62.20 -5.64
C LEU D 578 -2.16 -62.97 -5.62
N GLN D 579 -3.23 -62.23 -5.32
CA GLN D 579 -4.59 -62.78 -5.25
C GLN D 579 -4.96 -63.39 -6.59
N ALA D 580 -4.69 -62.63 -7.64
CA ALA D 580 -4.96 -63.03 -9.03
C ALA D 580 -4.25 -64.35 -9.35
N LEU D 593 9.68 -63.22 -8.64
CA LEU D 593 9.17 -61.88 -8.99
C LEU D 593 9.39 -61.45 -10.44
N GLN D 594 10.29 -62.15 -11.12
CA GLN D 594 10.41 -62.10 -12.59
C GLN D 594 9.08 -62.47 -13.23
N ASP D 595 8.48 -63.55 -12.70
CA ASP D 595 7.20 -64.05 -13.18
C ASP D 595 6.13 -62.97 -13.08
N ILE D 596 6.12 -62.33 -11.91
CA ILE D 596 5.16 -61.26 -11.60
C ILE D 596 5.31 -60.13 -12.60
N LEU D 597 6.57 -59.77 -12.84
CA LEU D 597 6.92 -58.69 -13.77
C LEU D 597 6.37 -59.00 -15.17
N ALA D 598 6.60 -60.25 -15.57
CA ALA D 598 6.16 -60.75 -16.88
C ALA D 598 4.65 -60.62 -17.01
N GLU D 599 3.98 -61.04 -15.95
CA GLU D 599 2.50 -60.98 -15.86
C GLU D 599 2.02 -59.56 -16.07
N GLY D 600 2.68 -58.57 -15.45
CA GLY D 600 2.48 -57.16 -15.80
C GLY D 600 2.12 -56.27 -14.64
N CYS D 601 3.00 -56.22 -13.64
CA CYS D 601 2.87 -55.35 -12.48
C CYS D 601 3.73 -54.11 -12.74
N PRO D 602 3.16 -52.90 -12.59
CA PRO D 602 3.82 -51.67 -13.09
C PRO D 602 5.08 -51.28 -12.31
N VAL D 603 6.18 -51.09 -13.04
CA VAL D 603 7.46 -50.69 -12.47
C VAL D 603 7.59 -49.16 -12.56
N GLU D 604 7.23 -48.47 -11.49
CA GLU D 604 7.42 -47.01 -11.41
C GLU D 604 8.88 -46.74 -11.04
N PRO D 605 9.67 -46.20 -11.99
CA PRO D 605 11.11 -46.07 -11.75
C PRO D 605 11.46 -44.96 -10.75
N VAL D 606 12.62 -45.09 -10.11
CA VAL D 606 13.06 -44.12 -9.11
C VAL D 606 13.51 -42.87 -9.85
N THR D 607 12.81 -41.76 -9.61
CA THR D 607 13.05 -40.50 -10.32
C THR D 607 14.34 -39.82 -9.85
N LEU D 608 14.63 -39.92 -8.56
CA LEU D 608 15.75 -39.22 -7.95
C LEU D 608 16.36 -40.07 -6.85
N LYS D 609 17.69 -40.08 -6.77
CA LYS D 609 18.43 -40.95 -5.85
C LYS D 609 19.44 -40.16 -5.03
N LEU D 610 19.35 -40.26 -3.72
CA LEU D 610 20.34 -39.65 -2.82
C LEU D 610 21.51 -40.61 -2.62
N SER D 611 22.69 -40.05 -2.35
CA SER D 611 23.85 -40.82 -1.91
C SER D 611 23.86 -40.88 -0.38
N PRO D 612 24.60 -41.83 0.21
CA PRO D 612 24.74 -41.83 1.68
C PRO D 612 25.59 -40.67 2.19
N GLU D 613 26.52 -40.19 1.36
CA GLU D 613 27.47 -39.14 1.73
C GLU D 613 26.93 -37.70 1.57
N THR D 614 25.72 -37.53 1.02
CA THR D 614 25.12 -36.19 0.87
C THR D 614 24.68 -35.61 2.21
N SER D 615 24.80 -34.30 2.34
CA SER D 615 24.52 -33.60 3.60
C SER D 615 23.05 -33.66 3.96
N LEU D 616 22.77 -33.52 5.25
CA LEU D 616 21.39 -33.54 5.73
C LEU D 616 20.67 -32.30 5.19
N HIS D 617 21.34 -31.15 5.28
CA HIS D 617 20.76 -29.86 5.00
C HIS D 617 20.19 -29.82 3.58
N GLN D 618 21.03 -30.28 2.67
CA GLN D 618 20.69 -30.32 1.23
C GLN D 618 19.45 -31.17 1.02
N ALA D 619 19.46 -32.33 1.66
CA ALA D 619 18.34 -33.28 1.58
C ALA D 619 17.06 -32.63 2.03
N HIS D 620 17.15 -31.94 3.16
CA HIS D 620 16.02 -31.24 3.78
C HIS D 620 15.45 -30.22 2.80
N ASN D 621 16.37 -29.47 2.20
CA ASN D 621 16.02 -28.42 1.23
C ASN D 621 15.25 -29.03 0.07
N LEU D 622 15.78 -30.13 -0.43
CA LEU D 622 15.19 -30.87 -1.54
C LEU D 622 13.76 -31.28 -1.22
N PHE D 623 13.62 -31.82 -0.01
CA PHE D 623 12.32 -32.30 0.49
C PHE D 623 11.32 -31.14 0.51
N GLU D 624 11.79 -30.01 1.02
CA GLU D 624 10.99 -28.80 1.14
C GLU D 624 10.50 -28.37 -0.23
N LEU D 625 11.43 -28.39 -1.20
CA LEU D 625 11.18 -27.60 -2.46
C LEU D 625 10.38 -28.38 -3.47
N LEU D 626 10.73 -29.65 -3.68
CA LEU D 626 10.01 -30.50 -4.62
C LEU D 626 8.74 -31.14 -4.04
N ASN D 627 8.44 -30.89 -2.76
CA ASN D 627 7.24 -31.42 -2.08
C ASN D 627 7.17 -32.94 -2.17
N LEU D 628 8.25 -33.58 -1.70
CA LEU D 628 8.37 -35.03 -1.70
C LEU D 628 7.96 -35.59 -0.35
N GLN D 629 7.57 -36.87 -0.36
CA GLN D 629 7.18 -37.59 0.85
C GLN D 629 8.23 -38.65 1.26
N SER D 630 8.88 -39.28 0.29
CA SER D 630 9.94 -40.24 0.56
C SER D 630 10.94 -40.32 -0.60
N LEU D 631 12.13 -40.85 -0.32
CA LEU D 631 13.22 -40.89 -1.32
C LEU D 631 14.26 -41.96 -0.96
N PHE D 632 14.62 -42.80 -1.93
CA PHE D 632 15.59 -43.89 -1.71
C PHE D 632 17.04 -43.44 -1.77
N VAL D 633 17.91 -44.22 -1.13
CA VAL D 633 19.35 -43.93 -1.08
C VAL D 633 20.13 -45.03 -1.82
N THR D 634 21.11 -44.61 -2.62
CA THR D 634 21.95 -45.53 -3.39
C THR D 634 23.43 -45.30 -3.12
N SER D 635 24.16 -46.38 -2.84
CA SER D 635 25.61 -46.35 -2.71
C SER D 635 26.17 -47.38 -3.69
N GLN D 636 26.83 -46.90 -4.74
CA GLN D 636 27.29 -47.75 -5.86
C GLN D 636 26.12 -48.50 -6.52
N GLY D 637 24.94 -47.86 -6.53
CA GLY D 637 23.73 -48.47 -7.07
C GLY D 637 22.87 -49.27 -6.10
N ARG D 638 23.45 -49.72 -4.99
CA ARG D 638 22.77 -50.62 -4.05
C ARG D 638 21.73 -49.89 -3.21
N ALA D 639 20.56 -50.51 -3.03
CA ALA D 639 19.51 -49.96 -2.17
C ALA D 639 19.94 -50.04 -0.70
N VAL D 640 20.64 -49.01 -0.23
CA VAL D 640 21.14 -49.00 1.15
C VAL D 640 20.02 -48.62 2.12
N GLY D 641 19.19 -47.64 1.75
CA GLY D 641 18.07 -47.25 2.59
C GLY D 641 17.07 -46.27 1.99
N PHE D 642 16.31 -45.65 2.90
CA PHE D 642 15.04 -45.04 2.58
C PHE D 642 14.83 -43.82 3.48
N VAL D 643 14.89 -42.62 2.90
CA VAL D 643 14.68 -41.36 3.64
C VAL D 643 13.22 -40.89 3.53
N SER D 644 12.60 -40.72 4.69
CA SER D 644 11.28 -40.13 4.83
C SER D 644 11.43 -38.79 5.54
N TRP D 645 10.29 -38.16 5.82
CA TRP D 645 10.25 -36.95 6.62
C TRP D 645 10.53 -37.26 8.07
N VAL D 646 10.02 -38.40 8.56
CA VAL D 646 10.12 -38.77 9.96
C VAL D 646 11.58 -38.80 10.41
N GLU D 647 12.37 -39.46 9.58
CA GLU D 647 13.81 -39.63 9.83
C GLU D 647 14.49 -38.27 9.94
N LEU D 648 14.13 -37.40 8.99
CA LEU D 648 14.66 -36.04 8.92
C LEU D 648 14.36 -35.29 10.22
N GLU D 649 13.10 -35.42 10.63
CA GLU D 649 12.59 -34.77 11.85
C GLU D 649 13.42 -35.22 13.06
N LYS D 650 13.62 -36.53 13.12
CA LYS D 650 14.38 -37.17 14.20
C LYS D 650 15.78 -36.60 14.26
N ALA D 651 16.39 -36.51 13.08
CA ALA D 651 17.75 -35.98 12.92
C ALA D 651 17.83 -34.56 13.46
N ILE D 652 16.84 -33.77 13.07
CA ILE D 652 16.74 -32.37 13.46
C ILE D 652 16.68 -32.26 14.99
N SER D 653 15.83 -33.11 15.56
CA SER D 653 15.62 -33.17 17.01
C SER D 653 16.94 -33.46 17.72
N LYS D 654 17.64 -34.45 17.18
CA LYS D 654 18.94 -34.89 17.70
C LYS D 654 19.93 -33.72 17.72
N LEU D 655 19.95 -33.02 16.58
CA LEU D 655 20.83 -31.87 16.39
C LEU D 655 20.54 -30.81 17.45
N THR D 656 19.26 -30.55 17.64
CA THR D 656 18.80 -29.55 18.61
C THR D 656 19.25 -29.93 20.01
N ASN D 657 18.93 -31.16 20.41
CA ASN D 657 19.00 -31.64 21.79
C ASN D 657 19.86 -32.91 21.92
N PRO D 658 21.13 -32.77 22.33
CA PRO D 658 21.95 -33.96 22.59
C PRO D 658 21.54 -34.69 23.89
N ASP E 1 7.07 33.81 40.78
CA ASP E 1 6.72 35.20 40.34
C ASP E 1 7.85 35.82 39.51
N VAL E 2 7.92 35.42 38.24
CA VAL E 2 8.93 35.93 37.31
C VAL E 2 8.48 37.32 36.85
N GLN E 3 9.41 38.27 36.87
CA GLN E 3 9.11 39.67 36.52
C GLN E 3 10.12 40.22 35.54
N LEU E 4 9.61 40.87 34.49
CA LEU E 4 10.41 41.44 33.41
C LEU E 4 10.19 42.95 33.37
N GLN E 5 11.27 43.71 33.20
CA GLN E 5 11.18 45.17 33.14
C GLN E 5 12.01 45.74 31.99
N GLU E 6 11.32 46.42 31.07
CA GLU E 6 11.99 47.05 29.93
C GLU E 6 12.55 48.43 30.30
N SER E 7 13.55 48.87 29.53
CA SER E 7 14.12 50.21 29.66
C SER E 7 14.91 50.60 28.41
N GLY E 8 14.82 51.88 28.04
CA GLY E 8 15.47 52.40 26.84
C GLY E 8 14.96 53.79 26.44
N PRO E 9 15.46 54.34 25.32
CA PRO E 9 15.04 55.64 24.82
C PRO E 9 13.74 55.57 24.02
N GLY E 10 12.82 56.50 24.28
CA GLY E 10 11.52 56.54 23.61
C GLY E 10 11.58 57.21 22.24
N LEU E 11 11.94 58.49 22.24
CA LEU E 11 12.09 59.27 20.99
C LEU E 11 13.40 58.89 20.28
N VAL E 12 13.31 58.56 19.00
CA VAL E 12 14.46 58.13 18.19
C VAL E 12 14.42 58.81 16.81
N LYS E 13 15.59 59.06 16.25
CA LYS E 13 15.73 59.61 14.89
C LYS E 13 15.83 58.44 13.89
N PRO E 14 15.05 58.48 12.78
CA PRO E 14 15.08 57.36 11.82
C PRO E 14 16.44 57.16 11.13
N SER E 15 16.68 55.93 10.67
CA SER E 15 17.99 55.50 10.16
C SER E 15 19.12 55.66 11.18
N GLN E 16 18.82 55.35 12.44
CA GLN E 16 19.78 55.35 13.54
C GLN E 16 19.41 54.19 14.48
N SER E 17 20.35 53.28 14.70
CA SER E 17 20.05 51.99 15.34
C SER E 17 19.61 52.10 16.80
N LEU E 18 18.44 51.53 17.11
CA LEU E 18 17.89 51.54 18.47
C LEU E 18 18.21 50.26 19.23
N SER E 19 18.25 50.37 20.56
CA SER E 19 18.54 49.27 21.45
C SER E 19 17.73 49.39 22.75
N LEU E 20 17.13 48.30 23.19
CA LEU E 20 16.27 48.26 24.37
C LEU E 20 16.78 47.22 25.36
N THR E 21 16.95 47.62 26.62
CA THR E 21 17.43 46.72 27.67
C THR E 21 16.25 46.15 28.45
N CYS E 22 16.08 44.83 28.41
CA CYS E 22 15.04 44.15 29.20
C CYS E 22 15.67 43.40 30.36
N THR E 23 15.44 43.88 31.59
CA THR E 23 15.96 43.28 32.80
C THR E 23 14.99 42.25 33.38
N VAL E 24 15.54 41.20 33.99
CA VAL E 24 14.77 40.07 34.53
C VAL E 24 14.98 39.99 36.04
N THR E 25 13.91 39.70 36.78
CA THR E 25 13.98 39.43 38.22
C THR E 25 13.03 38.30 38.60
N GLY E 26 13.56 37.32 39.36
CA GLY E 26 12.80 36.13 39.76
C GLY E 26 13.19 34.85 39.01
N ASP E 27 13.88 35.00 37.88
CA ASP E 27 14.27 33.85 37.05
C ASP E 27 15.60 34.12 36.33
N SER E 28 16.41 33.07 36.17
CA SER E 28 17.69 33.17 35.48
C SER E 28 17.51 33.08 33.96
N VAL E 29 18.36 33.79 33.23
CA VAL E 29 18.35 33.75 31.77
C VAL E 29 18.85 32.40 31.24
N THR E 30 19.73 31.75 31.99
CA THR E 30 20.31 30.46 31.59
C THR E 30 19.34 29.25 31.62
N SER E 31 18.13 29.43 32.13
CA SER E 31 17.09 28.39 32.07
C SER E 31 16.56 28.17 30.65
N ASP E 32 16.13 26.93 30.37
CA ASP E 32 15.66 26.55 29.03
C ASP E 32 14.23 27.06 28.79
N TYR E 33 14.14 28.29 28.31
CA TYR E 33 12.88 28.91 27.94
C TYR E 33 13.05 29.74 26.67
N ALA E 34 11.93 30.28 26.16
CA ALA E 34 11.93 31.12 24.97
C ALA E 34 11.88 32.60 25.32
N TRP E 35 13.05 33.21 25.50
CA TRP E 35 13.15 34.60 25.92
C TRP E 35 12.92 35.54 24.75
N SER E 36 11.64 35.87 24.53
CA SER E 36 11.18 36.44 23.27
C SER E 36 10.82 37.91 23.32
N TRP E 37 10.85 38.53 22.13
CA TRP E 37 10.46 39.93 21.94
C TRP E 37 9.28 40.04 20.98
N ILE E 38 8.35 40.91 21.31
CA ILE E 38 7.11 41.10 20.56
C ILE E 38 6.84 42.61 20.54
N ARG E 39 6.17 43.11 19.51
CA ARG E 39 5.77 44.53 19.50
C ARG E 39 4.34 44.73 18.99
N GLN E 40 3.69 45.76 19.54
CA GLN E 40 2.31 46.11 19.21
C GLN E 40 2.29 47.50 18.58
N PHE E 41 1.70 47.60 17.40
CA PHE E 41 1.56 48.87 16.67
C PHE E 41 0.50 49.75 17.32
N PRO E 42 0.45 51.05 16.93
CA PRO E 42 -0.65 51.92 17.40
C PRO E 42 -2.07 51.42 17.04
N GLY E 43 -2.20 50.72 15.91
CA GLY E 43 -3.46 50.09 15.51
C GLY E 43 -3.84 48.81 16.23
N LYS E 44 -3.03 48.38 17.21
CA LYS E 44 -3.31 47.24 18.09
C LYS E 44 -3.26 45.90 17.34
N LYS E 45 -2.11 45.67 16.70
CA LYS E 45 -1.80 44.42 16.01
C LYS E 45 -0.43 43.96 16.50
N LEU E 46 -0.36 42.73 17.02
CA LEU E 46 0.88 42.20 17.61
C LEU E 46 1.74 41.51 16.56
N GLU E 47 3.05 41.79 16.60
CA GLU E 47 4.03 41.14 15.73
C GLU E 47 5.16 40.57 16.58
N TRP E 48 5.55 39.34 16.26
CA TRP E 48 6.60 38.62 16.98
C TRP E 48 7.96 38.93 16.35
N MET E 49 8.93 39.27 17.18
CA MET E 49 10.27 39.66 16.71
C MET E 49 11.14 38.42 16.59
N GLY E 50 11.30 37.71 17.71
CA GLY E 50 12.25 36.61 17.82
C GLY E 50 12.59 36.29 19.26
N TYR E 51 13.54 35.37 19.45
CA TYR E 51 14.01 34.98 20.79
C TYR E 51 15.39 34.31 20.80
N ILE E 52 16.02 34.31 21.99
CA ILE E 52 17.29 33.60 22.22
C ILE E 52 17.04 32.36 23.09
N THR E 53 17.79 31.30 22.82
CA THR E 53 17.79 30.08 23.62
C THR E 53 18.65 30.23 24.88
N TYR E 54 18.68 29.18 25.71
CA TYR E 54 19.56 29.15 26.89
C TYR E 54 21.04 29.26 26.54
N SER E 55 21.44 28.59 25.46
CA SER E 55 22.83 28.62 24.99
C SER E 55 23.23 29.97 24.40
N GLY E 56 22.35 30.52 23.55
CA GLY E 56 22.65 31.76 22.82
C GLY E 56 22.22 31.82 21.36
N ASN E 57 21.84 30.68 20.77
CA ASN E 57 21.37 30.64 19.39
C ASN E 57 20.08 31.47 19.21
N THR E 58 20.17 32.51 18.39
CA THR E 58 19.07 33.45 18.16
C THR E 58 18.15 32.95 17.05
N ILE E 59 16.85 33.16 17.22
CA ILE E 59 15.85 32.88 16.18
C ILE E 59 15.02 34.13 15.97
N TYR E 60 14.74 34.46 14.70
CA TYR E 60 14.05 35.69 14.35
C TYR E 60 12.83 35.40 13.46
N ASN E 61 12.02 36.45 13.28
CA ASN E 61 10.94 36.43 12.30
C ASN E 61 11.59 36.52 10.91
N PRO E 62 11.24 35.59 9.99
CA PRO E 62 11.74 35.62 8.60
C PRO E 62 11.63 36.97 7.88
N SER E 63 10.55 37.71 8.16
CA SER E 63 10.34 39.03 7.55
C SER E 63 11.31 40.13 8.00
N LEU E 64 11.99 39.93 9.12
CA LEU E 64 12.87 40.94 9.72
C LEU E 64 14.25 40.37 10.10
N LYS E 65 14.79 39.49 9.25
CA LYS E 65 16.08 38.84 9.52
C LYS E 65 17.27 39.79 9.38
N SER E 66 17.23 40.62 8.33
CA SER E 66 18.33 41.53 8.00
C SER E 66 18.61 42.56 9.10
N ARG E 67 17.56 43.23 9.58
CA ARG E 67 17.70 44.34 10.52
C ARG E 67 17.87 43.93 11.99
N ILE E 68 17.17 42.88 12.42
CA ILE E 68 17.14 42.50 13.84
C ILE E 68 18.42 41.80 14.28
N SER E 69 18.86 42.09 15.51
CA SER E 69 19.95 41.39 16.18
C SER E 69 19.75 41.46 17.69
N ILE E 70 19.67 40.29 18.33
CA ILE E 70 19.29 40.16 19.75
C ILE E 70 20.41 39.46 20.51
N THR E 71 20.80 40.02 21.66
CA THR E 71 21.87 39.46 22.50
C THR E 71 21.54 39.51 24.00
N ARG E 72 22.36 38.82 24.80
CA ARG E 72 22.16 38.73 26.24
C ARG E 72 23.49 38.84 27.01
N ASP E 73 23.40 39.28 28.26
CA ASP E 73 24.51 39.25 29.22
C ASP E 73 24.09 38.37 30.40
N THR E 74 24.75 37.22 30.55
CA THR E 74 24.39 36.24 31.59
C THR E 74 24.75 36.68 33.01
N SER E 75 25.67 37.63 33.16
CA SER E 75 26.05 38.18 34.47
C SER E 75 24.92 38.98 35.10
N LYS E 76 24.33 39.89 34.32
CA LYS E 76 23.28 40.80 34.79
C LYS E 76 21.85 40.28 34.60
N ASN E 77 21.68 39.20 33.81
CA ASN E 77 20.35 38.69 33.41
C ASN E 77 19.53 39.75 32.69
N GLN E 78 19.92 40.07 31.46
CA GLN E 78 19.27 41.10 30.64
C GLN E 78 19.17 40.67 29.17
N PHE E 79 18.32 41.37 28.42
CA PHE E 79 18.22 41.19 26.96
C PHE E 79 18.41 42.51 26.24
N PHE E 80 19.22 42.48 25.19
CA PHE E 80 19.59 43.65 24.42
C PHE E 80 19.18 43.44 22.96
N LEU E 81 18.39 44.37 22.43
CA LEU E 81 18.15 44.47 20.98
C LEU E 81 19.16 45.41 20.35
N GLN E 82 19.37 45.23 19.06
CA GLN E 82 20.13 46.19 18.25
C GLN E 82 19.41 46.34 16.91
N LEU E 83 18.23 46.93 16.98
CA LEU E 83 17.37 47.07 15.80
C LEU E 83 17.87 48.23 14.95
N LYS E 84 18.30 47.91 13.72
CA LYS E 84 18.93 48.86 12.81
C LYS E 84 17.98 49.30 11.70
N SER E 85 18.39 50.32 10.95
CA SER E 85 17.61 50.87 9.83
C SER E 85 16.17 51.19 10.24
N VAL E 86 16.05 52.13 11.18
CA VAL E 86 14.77 52.42 11.82
C VAL E 86 13.92 53.29 10.90
N ILE E 87 12.65 52.92 10.75
CA ILE E 87 11.69 53.58 9.85
C ILE E 87 10.50 54.04 10.68
N ILE E 88 9.78 55.06 10.20
CA ILE E 88 8.55 55.56 10.85
C ILE E 88 7.43 54.52 10.99
N GLU E 89 7.39 53.54 10.08
CA GLU E 89 6.48 52.40 10.19
C GLU E 89 6.76 51.49 11.40
N ASP E 90 8.01 51.45 11.84
CA ASP E 90 8.44 50.67 13.01
C ASP E 90 7.95 51.23 14.37
N THR E 91 7.50 52.50 14.39
CA THR E 91 6.92 53.13 15.59
C THR E 91 5.87 52.24 16.26
N ALA E 92 6.13 51.84 17.50
CA ALA E 92 5.29 50.86 18.19
C ALA E 92 5.57 50.80 19.70
N THR E 93 4.69 50.11 20.42
CA THR E 93 4.90 49.78 21.83
C THR E 93 5.50 48.39 21.91
N TYR E 94 6.69 48.29 22.49
CA TYR E 94 7.45 47.03 22.54
C TYR E 94 7.14 46.24 23.80
N TYR E 95 7.42 44.93 23.74
CA TYR E 95 7.07 43.97 24.78
C TYR E 95 8.07 42.81 24.83
N CYS E 96 8.78 42.71 25.95
CA CYS E 96 9.76 41.65 26.21
C CYS E 96 9.10 40.61 27.09
N SER E 97 9.08 39.34 26.64
CA SER E 97 8.31 38.29 27.30
C SER E 97 9.05 36.95 27.39
N ARG E 98 8.63 36.12 28.34
CA ARG E 98 9.11 34.74 28.46
C ARG E 98 8.16 33.81 27.71
N GLY E 99 8.27 33.87 26.39
CA GLY E 99 7.51 33.01 25.49
C GLY E 99 6.04 33.38 25.45
N VAL E 100 5.25 32.72 26.28
CA VAL E 100 3.81 32.97 26.40
C VAL E 100 3.33 33.23 27.84
N ASP E 101 4.10 32.84 28.84
CA ASP E 101 3.63 32.80 30.23
C ASP E 101 3.58 34.18 30.87
N TYR E 102 4.74 34.82 30.95
CA TYR E 102 4.87 36.15 31.55
C TYR E 102 5.27 37.16 30.48
N TRP E 103 4.79 38.38 30.64
CA TRP E 103 5.10 39.50 29.75
C TRP E 103 5.62 40.68 30.56
N GLY E 104 6.48 41.48 29.94
CA GLY E 104 6.95 42.74 30.53
C GLY E 104 5.88 43.81 30.40
N GLN E 105 6.03 44.90 31.16
CA GLN E 105 5.09 46.02 31.12
C GLN E 105 5.15 46.80 29.80
N GLY E 106 6.34 46.87 29.20
CA GLY E 106 6.52 47.43 27.86
C GLY E 106 6.88 48.91 27.84
N THR E 107 7.44 49.34 26.71
CA THR E 107 7.82 50.74 26.49
C THR E 107 7.33 51.22 25.13
N SER E 108 6.97 52.50 25.05
CA SER E 108 6.47 53.11 23.82
C SER E 108 7.60 53.72 23.00
N VAL E 109 8.00 53.03 21.94
CA VAL E 109 9.04 53.52 21.04
C VAL E 109 8.41 54.48 20.03
N THR E 110 9.08 55.60 19.78
CA THR E 110 8.60 56.63 18.85
C THR E 110 9.73 57.12 17.94
N VAL E 111 9.43 57.28 16.66
CA VAL E 111 10.42 57.63 15.63
C VAL E 111 10.25 59.08 15.18
N ASP F 1 3.97 32.95 6.77
CA ASP F 1 3.46 32.95 8.17
C ASP F 1 2.03 32.41 8.23
N ILE F 2 1.76 31.51 9.17
CA ILE F 2 0.43 30.93 9.35
C ILE F 2 -0.51 31.97 9.97
N VAL F 3 -1.54 32.36 9.23
CA VAL F 3 -2.40 33.48 9.61
C VAL F 3 -3.44 33.01 10.62
N MET F 4 -3.66 33.82 11.65
CA MET F 4 -4.69 33.57 12.66
C MET F 4 -5.83 34.57 12.45
N THR F 5 -6.85 34.15 11.70
CA THR F 5 -8.01 35.00 11.42
C THR F 5 -9.07 34.75 12.48
N GLN F 6 -9.51 35.82 13.17
CA GLN F 6 -10.47 35.68 14.26
C GLN F 6 -11.71 36.58 14.11
N SER F 7 -12.77 36.19 14.81
CA SER F 7 -14.06 36.91 14.74
C SER F 7 -14.90 36.60 15.99
N PRO F 8 -15.88 37.46 16.33
CA PRO F 8 -16.19 38.73 15.65
C PRO F 8 -15.36 39.91 16.16
N LYS F 9 -15.07 40.85 15.27
CA LYS F 9 -14.16 41.97 15.57
C LYS F 9 -14.61 42.86 16.74
N PHE F 10 -15.92 43.16 16.79
CA PHE F 10 -16.49 43.98 17.87
C PHE F 10 -17.65 43.26 18.53
N MET F 11 -17.83 43.50 19.83
CA MET F 11 -18.91 42.93 20.61
C MET F 11 -19.43 43.91 21.67
N SER F 12 -20.74 43.86 21.92
CA SER F 12 -21.40 44.70 22.91
C SER F 12 -22.53 43.93 23.58
N THR F 13 -22.31 43.54 24.84
CA THR F 13 -23.27 42.74 25.61
C THR F 13 -23.53 43.38 26.97
N SER F 14 -24.48 42.82 27.71
CA SER F 14 -24.81 43.28 29.06
C SER F 14 -24.05 42.46 30.11
N VAL F 15 -24.19 42.86 31.38
CA VAL F 15 -23.59 42.13 32.51
C VAL F 15 -24.37 40.84 32.77
N GLY F 16 -23.68 39.69 32.63
CA GLY F 16 -24.27 38.38 32.86
C GLY F 16 -24.30 37.46 31.64
N ASP F 17 -24.36 38.05 30.44
CA ASP F 17 -24.48 37.29 29.19
C ASP F 17 -23.19 36.57 28.80
N ARG F 18 -23.32 35.63 27.85
CA ARG F 18 -22.21 34.85 27.33
C ARG F 18 -21.62 35.51 26.08
N VAL F 19 -20.30 35.40 25.92
CA VAL F 19 -19.59 35.85 24.73
C VAL F 19 -18.67 34.72 24.26
N SER F 20 -18.54 34.57 22.94
CA SER F 20 -17.70 33.53 22.33
C SER F 20 -16.86 34.12 21.19
N VAL F 21 -15.55 34.24 21.42
CA VAL F 21 -14.61 34.72 20.40
C VAL F 21 -13.97 33.51 19.71
N THR F 22 -14.07 33.49 18.38
CA THR F 22 -13.61 32.35 17.57
C THR F 22 -12.36 32.71 16.79
N CYS F 23 -11.35 31.84 16.86
CA CYS F 23 -10.11 31.97 16.08
C CYS F 23 -9.98 30.81 15.11
N LYS F 24 -9.43 31.10 13.93
CA LYS F 24 -9.19 30.11 12.89
C LYS F 24 -7.80 30.28 12.31
N ALA F 25 -7.14 29.15 12.09
CA ALA F 25 -5.78 29.10 11.52
C ALA F 25 -5.84 28.52 10.12
N SER F 26 -4.95 28.99 9.25
CA SER F 26 -4.88 28.50 7.87
C SER F 26 -4.35 27.07 7.84
N GLN F 27 -3.17 26.86 8.42
CA GLN F 27 -2.61 25.53 8.60
C GLN F 27 -3.04 24.94 9.94
N ASN F 28 -2.76 23.64 10.12
CA ASN F 28 -3.01 22.93 11.36
C ASN F 28 -2.04 23.43 12.44
N VAL F 29 -2.59 23.82 13.58
CA VAL F 29 -1.80 24.27 14.75
C VAL F 29 -1.74 23.20 15.85
N GLY F 30 -2.77 22.37 15.97
CA GLY F 30 -2.87 21.40 17.05
C GLY F 30 -3.71 22.00 18.15
N THR F 31 -3.16 22.04 19.37
CA THR F 31 -3.80 22.70 20.51
C THR F 31 -2.85 23.70 21.16
N ASN F 32 -1.92 24.21 20.37
CA ASN F 32 -0.80 25.01 20.86
C ASN F 32 -1.13 26.49 20.68
N VAL F 33 -2.24 26.87 21.29
CA VAL F 33 -2.84 28.19 21.14
C VAL F 33 -3.06 28.78 22.53
N ALA F 34 -2.64 30.03 22.70
CA ALA F 34 -2.79 30.75 23.97
C ALA F 34 -3.66 31.98 23.81
N TRP F 35 -4.43 32.30 24.84
CA TRP F 35 -5.33 33.46 24.85
C TRP F 35 -4.83 34.56 25.78
N TYR F 36 -5.05 35.82 25.37
CA TYR F 36 -4.64 36.97 26.17
C TYR F 36 -5.81 37.88 26.54
N GLN F 37 -5.60 38.68 27.59
CA GLN F 37 -6.48 39.78 27.96
C GLN F 37 -5.60 41.03 28.04
N GLN F 38 -5.94 42.05 27.25
CA GLN F 38 -5.27 43.35 27.33
C GLN F 38 -6.28 44.47 27.61
N LYS F 39 -6.23 45.01 28.83
CA LYS F 39 -6.99 46.21 29.18
C LYS F 39 -6.22 47.41 28.65
N PRO F 40 -6.92 48.43 28.10
CA PRO F 40 -6.21 49.59 27.52
C PRO F 40 -5.24 50.28 28.49
N GLY F 41 -3.96 50.29 28.14
CA GLY F 41 -2.90 50.86 28.99
C GLY F 41 -1.94 49.82 29.53
N GLN F 42 -2.47 48.69 29.98
CA GLN F 42 -1.68 47.63 30.63
C GLN F 42 -1.13 46.62 29.61
N SER F 43 -0.22 45.76 30.09
CA SER F 43 0.35 44.68 29.29
C SER F 43 -0.65 43.54 29.13
N PRO F 44 -0.56 42.77 28.03
CA PRO F 44 -1.52 41.69 27.81
C PRO F 44 -1.24 40.46 28.70
N LYS F 45 -2.09 40.27 29.71
CA LYS F 45 -1.96 39.14 30.63
C LYS F 45 -2.61 37.90 30.02
N THR F 46 -1.87 36.78 30.01
CA THR F 46 -2.38 35.53 29.45
C THR F 46 -3.49 34.93 30.30
N LEU F 47 -4.45 34.29 29.63
CA LEU F 47 -5.60 33.65 30.27
C LEU F 47 -5.51 32.14 30.21
N ILE F 48 -5.37 31.61 29.01
CA ILE F 48 -5.43 30.18 28.74
C ILE F 48 -4.24 29.83 27.84
N TYR F 49 -3.22 29.19 28.42
CA TYR F 49 -1.99 28.87 27.66
C TYR F 49 -2.12 27.79 26.55
N TRP F 50 -2.84 26.71 26.82
CA TRP F 50 -3.14 25.70 25.79
C TRP F 50 -4.65 25.64 25.71
N ALA F 51 -5.20 25.51 24.51
CA ALA F 51 -6.65 25.55 24.32
C ALA F 51 -7.34 24.60 25.31
N SER F 52 -8.14 25.17 26.21
CA SER F 52 -8.83 24.47 27.31
C SER F 52 -7.91 24.08 28.48
N TYR F 53 -7.05 25.01 28.89
CA TYR F 53 -6.27 24.92 30.13
C TYR F 53 -6.00 26.31 30.68
N ARG F 54 -6.72 26.70 31.74
CA ARG F 54 -6.64 28.05 32.30
C ARG F 54 -5.35 28.27 33.11
N TYR F 55 -4.90 29.52 33.13
CA TYR F 55 -3.69 29.91 33.87
C TYR F 55 -4.02 30.04 35.35
N SER F 56 -3.00 29.96 36.20
CA SER F 56 -3.17 30.12 37.65
C SER F 56 -3.50 31.56 38.04
N GLY F 57 -4.58 31.75 38.80
CA GLY F 57 -5.05 33.07 39.22
C GLY F 57 -6.11 33.69 38.31
N VAL F 58 -6.70 32.88 37.44
CA VAL F 58 -7.74 33.33 36.51
C VAL F 58 -9.08 32.70 36.90
N PRO F 59 -10.20 33.45 36.77
CA PRO F 59 -11.54 32.89 37.01
C PRO F 59 -11.91 31.69 36.13
N ASP F 60 -12.84 30.87 36.63
CA ASP F 60 -13.26 29.65 35.95
C ASP F 60 -14.18 29.91 34.76
N ARG F 61 -14.85 31.07 34.76
CA ARG F 61 -15.75 31.45 33.66
C ARG F 61 -15.08 31.64 32.28
N PHE F 62 -13.77 31.91 32.26
CA PHE F 62 -12.99 31.92 31.02
C PHE F 62 -12.72 30.49 30.53
N THR F 63 -13.64 29.94 29.73
CA THR F 63 -13.53 28.56 29.24
C THR F 63 -13.12 28.54 27.77
N GLY F 64 -11.90 28.05 27.51
CA GLY F 64 -11.38 27.91 26.16
C GLY F 64 -11.63 26.52 25.62
N SER F 65 -11.60 26.38 24.30
CA SER F 65 -11.79 25.08 23.64
C SER F 65 -11.33 25.08 22.19
N GLY F 66 -11.16 23.88 21.65
CA GLY F 66 -10.85 23.66 20.25
C GLY F 66 -9.57 22.91 20.01
N SER F 67 -9.40 22.45 18.78
CA SER F 67 -8.17 21.81 18.32
C SER F 67 -8.09 21.86 16.80
N GLY F 68 -6.93 21.52 16.26
CA GLY F 68 -6.74 21.51 14.81
C GLY F 68 -6.63 22.92 14.24
N THR F 69 -7.64 23.31 13.46
CA THR F 69 -7.64 24.61 12.76
C THR F 69 -8.60 25.66 13.34
N ASP F 70 -9.57 25.26 14.17
CA ASP F 70 -10.54 26.19 14.78
C ASP F 70 -10.50 26.16 16.30
N PHE F 71 -10.65 27.33 16.92
CA PHE F 71 -10.57 27.48 18.39
C PHE F 71 -11.59 28.50 18.87
N THR F 72 -12.04 28.34 20.11
CA THR F 72 -13.01 29.26 20.72
C THR F 72 -12.65 29.62 22.16
N LEU F 73 -12.68 30.91 22.46
CA LEU F 73 -12.68 31.42 23.83
C LEU F 73 -14.12 31.73 24.18
N ALA F 74 -14.65 31.05 25.20
CA ALA F 74 -15.99 31.33 25.70
C ALA F 74 -15.91 31.96 27.09
N ILE F 75 -16.59 33.09 27.26
CA ILE F 75 -16.68 33.81 28.53
C ILE F 75 -18.16 33.86 28.93
N SER F 76 -18.47 33.32 30.11
CA SER F 76 -19.80 33.39 30.71
C SER F 76 -19.78 34.35 31.90
N ASN F 77 -20.94 34.89 32.25
CA ASN F 77 -21.10 35.79 33.42
C ASN F 77 -20.12 36.97 33.37
N VAL F 78 -20.27 37.80 32.35
CA VAL F 78 -19.34 38.90 32.07
C VAL F 78 -19.51 40.01 33.14
N GLN F 79 -18.39 40.53 33.61
CA GLN F 79 -18.36 41.61 34.59
C GLN F 79 -17.96 42.94 33.95
N SER F 80 -18.04 44.02 34.72
CA SER F 80 -17.59 45.35 34.28
C SER F 80 -16.07 45.46 34.16
N GLU F 81 -15.34 44.59 34.85
CA GLU F 81 -13.87 44.57 34.81
C GLU F 81 -13.28 43.87 33.57
N ASP F 82 -14.13 43.28 32.73
CA ASP F 82 -13.69 42.53 31.54
C ASP F 82 -13.77 43.36 30.23
N LEU F 83 -13.84 44.68 30.34
CA LEU F 83 -13.69 45.57 29.19
C LEU F 83 -12.24 45.54 28.72
N ALA F 84 -11.96 44.72 27.71
CA ALA F 84 -10.58 44.50 27.26
C ALA F 84 -10.52 43.89 25.87
N GLU F 85 -9.32 43.94 25.29
CA GLU F 85 -9.03 43.24 24.04
C GLU F 85 -8.62 41.80 24.34
N TYR F 86 -9.04 40.89 23.48
CA TYR F 86 -8.70 39.47 23.59
C TYR F 86 -8.06 38.96 22.31
N PHE F 87 -6.80 38.53 22.42
CA PHE F 87 -6.05 37.95 21.31
C PHE F 87 -5.85 36.45 21.51
N CYS F 88 -5.81 35.72 20.40
CA CYS F 88 -5.27 34.37 20.36
C CYS F 88 -3.92 34.37 19.64
N GLN F 89 -2.99 33.62 20.21
CA GLN F 89 -1.66 33.40 19.66
C GLN F 89 -1.51 31.91 19.41
N GLN F 90 -0.87 31.54 18.30
CA GLN F 90 -0.41 30.17 18.08
C GLN F 90 1.07 30.09 18.45
N TYR F 91 1.53 28.90 18.81
CA TYR F 91 2.96 28.69 18.99
C TYR F 91 3.43 27.28 18.60
N ASN F 92 2.79 26.71 17.60
CA ASN F 92 3.23 25.45 17.01
C ASN F 92 4.39 25.72 16.07
N SER F 93 4.16 26.68 15.16
CA SER F 93 5.09 26.98 14.08
C SER F 93 5.89 28.24 14.36
N TYR F 94 7.03 28.36 13.66
CA TYR F 94 7.79 29.62 13.59
C TYR F 94 7.56 30.27 12.23
N PRO F 95 7.29 31.57 12.17
CA PRO F 95 7.23 32.48 13.33
C PRO F 95 5.90 32.38 14.09
N LEU F 96 5.92 32.87 15.33
CA LEU F 96 4.73 32.91 16.17
C LEU F 96 3.84 34.05 15.66
N THR F 97 2.60 33.74 15.32
CA THR F 97 1.65 34.75 14.86
C THR F 97 0.56 35.01 15.90
N PHE F 98 -0.22 36.05 15.66
CA PHE F 98 -1.31 36.46 16.55
C PHE F 98 -2.58 36.77 15.76
N GLY F 99 -3.70 36.85 16.47
CA GLY F 99 -4.94 37.39 15.91
C GLY F 99 -4.92 38.92 15.87
N SER F 100 -5.86 39.51 15.16
CA SER F 100 -5.98 40.97 15.06
C SER F 100 -6.43 41.62 16.38
N GLY F 101 -7.41 41.00 17.04
CA GLY F 101 -7.85 41.38 18.38
C GLY F 101 -9.31 41.81 18.42
N THR F 102 -10.04 41.33 19.44
CA THR F 102 -11.47 41.64 19.63
C THR F 102 -11.68 42.63 20.78
N LYS F 103 -12.01 43.88 20.45
CA LYS F 103 -12.44 44.87 21.43
C LYS F 103 -13.84 44.51 21.94
N LEU F 104 -14.09 44.77 23.22
CA LEU F 104 -15.35 44.41 23.86
C LEU F 104 -15.87 45.55 24.74
N GLU F 105 -16.90 46.26 24.26
CA GLU F 105 -17.63 47.25 25.07
C GLU F 105 -18.81 46.57 25.76
N LEU F 106 -19.46 47.31 26.68
CA LEU F 106 -20.64 46.83 27.40
C LEU F 106 -21.71 47.92 27.50
N LYS F 107 -22.96 47.48 27.66
CA LYS F 107 -24.12 48.39 27.69
C LYS F 107 -24.34 48.95 29.09
#